data_2V41
#
_entry.id   2V41
#
_cell.length_a   77.110
_cell.length_b   111.156
_cell.length_c   229.800
_cell.angle_alpha   90.00
_cell.angle_beta   90.00
_cell.angle_gamma   90.00
#
_symmetry.space_group_name_H-M   'P 21 21 21'
#
loop_
_entity.id
_entity.type
_entity.pdbx_description
1 polymer 'PEROXIREDOXIN 6.'
2 non-polymer 'BENZOIC ACID'
3 water water
#
_entity_poly.entity_id   1
_entity_poly.type   'polypeptide(L)'
_entity_poly.pdbx_seq_one_letter_code
;MGITLGEVFPNFEADSTIGKLKFHDWLGNSWGVLFSHPRDFTPVSTTELGRVIQLEGDFKKRGVKLIALSCDNVADHKEW
SEDVKCLSGVKGDMPYPIIADETRELAVKLGMVDPDERTSTGMPLTCRAVFIIGPDKKLKLSILYPATTGRNFSEILRVI
DSLQLTAQKKVATPADWQPGDRCMVVPGVSAEEAKTLFPNMEVKAVPSGKGYLRYTPQPKSMGGSRSHHHHHH
;
_entity_poly.pdbx_strand_id   A,B,C,D,E,F,G,H
#
loop_
_chem_comp.id
_chem_comp.type
_chem_comp.name
_chem_comp.formula
BEZ non-polymer 'BENZOIC ACID' 'C7 H6 O2'
#
# COMPACT_ATOMS: atom_id res chain seq x y z
N GLY A 2 39.75 -26.90 12.81
CA GLY A 2 38.47 -26.91 12.05
C GLY A 2 37.43 -27.86 12.60
N ILE A 3 36.24 -27.81 12.04
CA ILE A 3 35.15 -28.66 12.52
C ILE A 3 34.49 -29.42 11.34
N THR A 4 34.42 -30.75 11.46
CA THR A 4 33.80 -31.57 10.45
C THR A 4 32.32 -31.78 10.82
N LEU A 5 31.60 -32.30 9.82
CA LEU A 5 30.17 -32.50 9.92
C LEU A 5 29.99 -33.66 10.85
N GLY A 6 28.94 -33.56 11.66
CA GLY A 6 28.60 -34.50 12.68
C GLY A 6 29.30 -34.33 14.01
N GLU A 7 30.33 -33.48 14.08
CA GLU A 7 31.05 -33.28 15.36
C GLU A 7 30.16 -32.49 16.29
N VAL A 8 30.28 -32.75 17.59
CA VAL A 8 29.60 -31.93 18.59
C VAL A 8 30.28 -30.58 18.52
N PHE A 9 29.49 -29.54 18.38
CA PHE A 9 30.02 -28.18 18.32
C PHE A 9 30.54 -27.81 19.69
N PRO A 10 31.69 -27.13 19.78
CA PRO A 10 32.24 -26.82 21.07
C PRO A 10 31.32 -25.95 21.97
N ASN A 11 31.26 -26.32 23.24
CA ASN A 11 30.49 -25.62 24.25
C ASN A 11 31.38 -24.51 24.79
N PHE A 12 31.57 -23.48 23.96
CA PHE A 12 32.43 -22.37 24.26
C PHE A 12 31.77 -21.32 25.15
N GLU A 13 32.60 -20.64 25.95
CA GLU A 13 32.20 -19.46 26.68
C GLU A 13 32.81 -18.28 25.93
N ALA A 14 32.00 -17.25 25.67
CA ALA A 14 32.44 -16.04 24.93
C ALA A 14 31.70 -14.81 25.48
N ASP A 15 32.28 -13.62 25.42
CA ASP A 15 31.48 -12.44 25.74
C ASP A 15 30.55 -12.13 24.55
N SER A 16 29.59 -11.23 24.72
CA SER A 16 28.71 -10.80 23.65
C SER A 16 27.94 -9.51 23.99
N THR A 17 27.11 -9.07 23.04
CA THR A 17 26.18 -7.94 23.24
C THR A 17 25.07 -8.24 24.27
N ILE A 18 24.94 -9.52 24.67
CA ILE A 18 24.12 -9.92 25.85
C ILE A 18 24.89 -10.49 27.09
N GLY A 19 26.20 -10.22 27.18
CA GLY A 19 27.05 -10.76 28.29
C GLY A 19 27.60 -12.16 27.99
N LYS A 20 28.38 -12.71 28.93
CA LYS A 20 28.98 -14.04 28.76
C LYS A 20 27.92 -15.07 28.41
N LEU A 21 28.29 -15.98 27.54
CA LEU A 21 27.44 -16.95 26.91
C LEU A 21 28.13 -18.28 27.17
N LYS A 22 27.43 -19.32 27.59
CA LYS A 22 27.96 -20.68 27.42
C LYS A 22 27.19 -21.21 26.23
N PHE A 23 27.86 -21.68 25.17
CA PHE A 23 27.16 -21.80 23.88
C PHE A 23 25.99 -22.76 23.89
N HIS A 24 26.21 -23.97 24.43
CA HIS A 24 25.14 -24.99 24.50
C HIS A 24 23.98 -24.56 25.44
N ASP A 25 24.28 -23.74 26.46
CA ASP A 25 23.27 -23.18 27.36
C ASP A 25 22.41 -22.11 26.69
N TRP A 26 23.02 -21.26 25.87
CA TRP A 26 22.31 -20.20 25.12
C TRP A 26 21.46 -20.85 24.04
N LEU A 27 22.02 -21.92 23.48
CA LEU A 27 21.36 -22.62 22.39
C LEU A 27 20.18 -23.34 22.95
N GLY A 28 20.34 -24.06 24.06
CA GLY A 28 19.25 -24.87 24.63
C GLY A 28 18.96 -26.05 23.72
N ASN A 29 17.69 -26.42 23.55
CA ASN A 29 17.30 -27.54 22.65
C ASN A 29 16.70 -27.10 21.31
N SER A 30 17.51 -26.41 20.53
CA SER A 30 16.98 -25.65 19.41
C SER A 30 18.03 -25.55 18.37
N TRP A 31 17.59 -25.55 17.11
CA TRP A 31 18.46 -25.32 15.94
C TRP A 31 19.14 -23.97 16.15
N GLY A 32 20.34 -23.82 15.66
CA GLY A 32 20.94 -22.50 15.60
C GLY A 32 21.83 -22.34 14.41
N VAL A 33 22.04 -21.07 14.00
CA VAL A 33 22.94 -20.68 12.93
C VAL A 33 23.92 -19.69 13.52
N LEU A 34 25.22 -20.04 13.49
CA LEU A 34 26.33 -19.19 13.97
C LEU A 34 26.99 -18.69 12.72
N PHE A 35 27.15 -17.39 12.59
CA PHE A 35 27.66 -16.86 11.38
C PHE A 35 28.67 -15.77 11.76
N SER A 36 29.76 -15.65 10.99
CA SER A 36 30.84 -14.78 11.32
C SER A 36 30.97 -13.65 10.28
N HIS A 37 31.63 -12.55 10.63
CA HIS A 37 31.95 -11.53 9.62
C HIS A 37 33.30 -10.94 9.91
N PRO A 38 33.98 -10.44 8.90
CA PRO A 38 35.37 -10.02 9.17
C PRO A 38 35.55 -8.97 10.23
N ARG A 39 34.72 -7.93 10.20
CA ARG A 39 35.01 -6.69 10.93
C ARG A 39 33.74 -5.86 10.88
N ASP A 40 33.39 -5.27 12.01
CA ASP A 40 32.35 -4.28 12.12
C ASP A 40 32.73 -3.06 11.33
N PHE A 41 31.74 -2.22 11.02
CA PHE A 41 31.93 -0.94 10.35
C PHE A 41 32.50 -1.09 8.95
N THR A 42 32.11 -2.19 8.33
CA THR A 42 32.53 -2.50 6.97
C THR A 42 31.28 -2.72 6.17
N PRO A 43 31.32 -2.37 4.85
CA PRO A 43 30.11 -2.29 4.01
C PRO A 43 29.32 -3.59 3.75
N VAL A 44 29.97 -4.63 3.24
CA VAL A 44 29.32 -5.93 3.00
C VAL A 44 28.76 -6.53 4.29
N SER A 45 29.53 -6.48 5.37
CA SER A 45 29.11 -7.02 6.67
C SER A 45 27.82 -6.36 7.15
N THR A 46 27.61 -5.07 6.86
CA THR A 46 26.38 -4.33 7.25
C THR A 46 25.14 -4.74 6.41
N THR A 47 25.35 -4.94 5.11
CA THR A 47 24.30 -5.42 4.23
C THR A 47 23.88 -6.80 4.67
N GLU A 48 24.79 -7.70 5.02
CA GLU A 48 24.39 -9.08 5.44
C GLU A 48 23.71 -9.17 6.80
N LEU A 49 24.26 -8.44 7.76
CA LEU A 49 23.62 -8.36 9.10
C LEU A 49 22.30 -7.60 9.08
N GLY A 50 22.15 -6.66 8.16
CA GLY A 50 20.84 -6.00 7.96
C GLY A 50 19.81 -6.89 7.32
N ARG A 51 20.24 -7.71 6.38
CA ARG A 51 19.40 -8.70 5.76
C ARG A 51 18.98 -9.81 6.69
N VAL A 52 19.86 -10.22 7.62
CA VAL A 52 19.46 -11.14 8.69
C VAL A 52 18.32 -10.57 9.57
N ILE A 53 18.42 -9.31 9.96
CA ILE A 53 17.36 -8.62 10.67
C ILE A 53 16.08 -8.67 9.85
N GLN A 54 16.16 -8.40 8.54
CA GLN A 54 14.95 -8.52 7.62
C GLN A 54 14.36 -9.91 7.60
N LEU A 55 15.19 -10.92 7.77
CA LEU A 55 14.79 -12.32 7.70
C LEU A 55 14.55 -12.98 9.05
N GLU A 56 14.68 -12.26 10.15
CA GLU A 56 14.71 -12.92 11.44
C GLU A 56 13.43 -13.68 11.74
N GLY A 57 12.29 -13.16 11.34
CA GLY A 57 11.00 -13.85 11.41
C GLY A 57 11.05 -15.16 10.67
N ASP A 58 11.78 -15.26 9.54
CA ASP A 58 11.85 -16.50 8.76
C ASP A 58 12.59 -17.56 9.54
N PHE A 59 13.68 -17.16 10.17
CA PHE A 59 14.42 -18.02 11.07
C PHE A 59 13.64 -18.41 12.30
N LYS A 60 12.93 -17.47 12.92
CA LYS A 60 12.05 -17.72 14.07
C LYS A 60 10.96 -18.80 13.77
N LYS A 61 10.30 -18.70 12.62
CA LYS A 61 9.33 -19.69 12.12
C LYS A 61 9.81 -21.14 12.01
N ARG A 62 11.10 -21.31 11.82
CA ARG A 62 11.77 -22.61 11.70
C ARG A 62 12.50 -23.00 12.98
N GLY A 63 12.37 -22.13 13.99
CA GLY A 63 12.89 -22.40 15.28
C GLY A 63 14.40 -22.36 15.36
N VAL A 64 15.01 -21.46 14.60
CA VAL A 64 16.46 -21.29 14.50
C VAL A 64 16.89 -20.06 15.31
N LYS A 65 17.70 -20.29 16.34
CA LYS A 65 18.34 -19.21 17.08
C LYS A 65 19.52 -18.67 16.25
N LEU A 66 19.62 -17.34 16.16
CA LEU A 66 20.66 -16.77 15.32
C LEU A 66 21.78 -16.18 16.16
N ILE A 67 23.02 -16.33 15.74
CA ILE A 67 24.11 -15.71 16.50
C ILE A 67 25.24 -15.26 15.56
N ALA A 68 25.62 -13.98 15.62
CA ALA A 68 26.72 -13.41 14.85
C ALA A 68 28.06 -13.43 15.63
N LEU A 69 29.17 -13.23 14.88
CA LEU A 69 30.48 -13.20 15.44
C LEU A 69 31.50 -12.38 14.58
N SER A 70 32.28 -11.51 15.23
CA SER A 70 33.56 -10.99 14.72
C SER A 70 34.63 -10.93 15.83
N CYS A 71 35.87 -10.61 15.47
CA CYS A 71 36.93 -10.46 16.47
C CYS A 71 36.97 -9.06 17.17
N ASP A 72 35.93 -8.26 16.93
CA ASP A 72 35.81 -6.93 17.50
C ASP A 72 35.30 -7.04 18.93
N ASN A 73 35.37 -5.91 19.63
CA ASN A 73 34.88 -5.83 21.00
C ASN A 73 33.41 -5.49 21.04
N VAL A 74 32.79 -5.86 22.14
CA VAL A 74 31.36 -5.73 22.37
C VAL A 74 30.89 -4.31 22.22
N ALA A 75 31.72 -3.33 22.57
CA ALA A 75 31.37 -1.91 22.43
C ALA A 75 31.21 -1.50 20.98
N ASP A 76 32.23 -1.66 20.15
CA ASP A 76 32.04 -1.57 18.68
C ASP A 76 30.75 -2.27 18.19
N HIS A 77 30.53 -3.51 18.63
CA HIS A 77 29.31 -4.27 18.22
C HIS A 77 28.00 -3.52 18.47
N LYS A 78 27.92 -2.86 19.62
CA LYS A 78 26.71 -2.12 20.01
C LYS A 78 26.58 -0.81 19.23
N GLU A 79 27.70 -0.12 18.99
CA GLU A 79 27.70 1.12 18.21
C GLU A 79 27.25 0.77 16.74
N TRP A 80 28.06 -0.05 16.07
CA TRP A 80 27.73 -0.55 14.73
C TRP A 80 26.33 -1.22 14.57
N SER A 81 25.84 -1.90 15.60
CA SER A 81 24.50 -2.48 15.55
C SER A 81 23.45 -1.47 15.13
N GLU A 82 23.67 -0.20 15.45
CA GLU A 82 22.77 0.92 15.04
C GLU A 82 22.80 1.29 13.56
N ASP A 83 23.93 1.07 12.89
CA ASP A 83 24.05 1.18 11.45
C ASP A 83 23.40 -0.04 10.74
N VAL A 84 23.62 -1.25 11.25
CA VAL A 84 22.95 -2.43 10.71
C VAL A 84 21.43 -2.30 10.76
N LYS A 85 20.90 -1.91 11.93
CA LYS A 85 19.46 -1.58 12.13
C LYS A 85 18.91 -0.60 11.05
N CYS A 86 19.66 0.47 10.85
CA CYS A 86 19.26 1.52 9.92
C CYS A 86 19.30 1.01 8.47
N LEU A 87 20.35 0.32 8.04
CA LEU A 87 20.36 -0.31 6.68
C LEU A 87 19.15 -1.20 6.50
N SER A 88 18.81 -2.01 7.52
CA SER A 88 17.74 -3.02 7.48
C SER A 88 16.34 -2.50 7.15
N GLY A 89 16.02 -1.28 7.64
CA GLY A 89 14.70 -0.68 7.49
C GLY A 89 13.73 -1.02 8.63
N VAL A 90 14.14 -1.98 9.47
CA VAL A 90 13.34 -2.51 10.57
C VAL A 90 13.70 -1.76 11.88
N LYS A 91 12.66 -1.24 12.55
CA LYS A 91 12.88 -0.58 13.85
C LYS A 91 12.81 -1.67 14.90
N GLY A 92 13.51 -1.41 15.99
CA GLY A 92 13.47 -2.28 17.17
C GLY A 92 14.83 -2.84 17.50
N ASP A 93 14.86 -3.64 18.56
CA ASP A 93 16.10 -4.11 19.15
C ASP A 93 16.74 -5.24 18.37
N MET A 94 18.07 -5.20 18.28
CA MET A 94 18.84 -6.31 17.73
C MET A 94 18.20 -7.58 18.18
N PRO A 95 17.71 -8.38 17.22
CA PRO A 95 17.11 -9.65 17.47
C PRO A 95 18.12 -10.82 17.54
N TYR A 96 19.41 -10.55 17.57
CA TYR A 96 20.38 -11.63 17.66
C TYR A 96 21.61 -11.08 18.34
N PRO A 97 22.32 -11.95 19.08
CA PRO A 97 23.58 -11.53 19.67
C PRO A 97 24.75 -11.51 18.69
N ILE A 98 25.75 -10.68 18.99
CA ILE A 98 27.04 -10.76 18.34
C ILE A 98 28.13 -11.12 19.34
N ILE A 99 28.89 -12.18 19.01
CA ILE A 99 30.00 -12.63 19.86
C ILE A 99 31.27 -11.85 19.58
N ALA A 100 31.94 -11.46 20.67
CA ALA A 100 33.33 -10.95 20.63
C ALA A 100 34.37 -12.09 20.76
N ASP A 101 35.14 -12.30 19.70
CA ASP A 101 36.19 -13.33 19.66
C ASP A 101 37.56 -12.67 19.57
N GLU A 102 37.77 -11.77 20.52
CA GLU A 102 38.95 -10.95 20.59
C GLU A 102 40.27 -11.72 20.69
N THR A 103 40.29 -12.86 21.37
CA THR A 103 41.47 -13.71 21.48
C THR A 103 41.77 -14.45 20.16
N ARG A 104 40.83 -14.42 19.21
CA ARG A 104 40.85 -15.30 18.00
C ARG A 104 40.82 -16.82 18.31
N GLU A 105 40.35 -17.24 19.49
CA GLU A 105 40.36 -18.66 19.76
C GLU A 105 39.23 -19.40 19.04
N LEU A 106 38.11 -18.74 18.79
CA LEU A 106 37.04 -19.37 18.02
C LEU A 106 37.37 -19.31 16.55
N ALA A 107 37.86 -18.16 16.10
CA ALA A 107 38.39 -18.00 14.74
C ALA A 107 39.25 -19.20 14.29
N VAL A 108 40.09 -19.67 15.16
CA VAL A 108 41.08 -20.68 14.86
C VAL A 108 40.51 -22.10 15.09
N LYS A 109 39.78 -22.28 16.19
CA LYS A 109 39.11 -23.54 16.50
C LYS A 109 38.08 -23.91 15.43
N LEU A 110 37.39 -22.95 14.88
CA LEU A 110 36.33 -23.21 13.90
C LEU A 110 36.80 -23.24 12.43
N GLY A 111 38.08 -22.94 12.20
CA GLY A 111 38.65 -23.05 10.87
C GLY A 111 38.18 -21.97 9.93
N MET A 112 37.94 -20.80 10.51
CA MET A 112 37.35 -19.65 9.84
C MET A 112 38.20 -18.37 9.83
N VAL A 113 39.52 -18.48 9.83
CA VAL A 113 40.37 -17.31 9.55
C VAL A 113 40.22 -16.89 8.07
N ASP A 114 40.12 -15.58 7.85
CA ASP A 114 40.07 -15.03 6.51
C ASP A 114 41.46 -15.10 5.91
N PRO A 115 41.55 -15.54 4.66
CA PRO A 115 42.87 -15.64 4.08
C PRO A 115 43.57 -14.30 3.85
N ASP A 116 42.78 -13.24 3.63
CA ASP A 116 43.28 -11.97 3.08
C ASP A 116 43.18 -10.83 4.05
N GLU A 117 42.14 -10.82 4.86
CA GLU A 117 41.89 -9.68 5.78
C GLU A 117 42.46 -9.86 7.15
N ARG A 118 43.27 -8.88 7.54
CA ARG A 118 43.87 -8.83 8.85
C ARG A 118 43.72 -7.42 9.39
N THR A 119 44.03 -7.19 10.66
CA THR A 119 43.97 -5.83 11.18
C THR A 119 45.18 -5.05 10.63
N SER A 120 45.29 -3.77 10.99
CA SER A 120 46.36 -2.94 10.48
C SER A 120 47.75 -3.45 10.90
N THR A 121 47.80 -4.26 11.96
CA THR A 121 49.03 -4.82 12.47
C THR A 121 49.24 -6.30 12.10
N GLY A 122 48.38 -6.88 11.29
CA GLY A 122 48.56 -8.24 10.84
C GLY A 122 47.89 -9.32 11.66
N MET A 123 46.97 -8.92 12.52
CA MET A 123 46.18 -9.86 13.34
C MET A 123 45.08 -10.51 12.52
N PRO A 124 44.78 -11.79 12.82
CA PRO A 124 43.71 -12.49 12.06
C PRO A 124 42.32 -11.92 12.30
N LEU A 125 41.49 -12.02 11.27
CA LEU A 125 40.07 -11.77 11.32
C LEU A 125 39.39 -13.01 10.76
N THR A 126 38.10 -13.15 11.05
CA THR A 126 37.30 -14.26 10.54
C THR A 126 36.85 -13.96 9.12
N CYS A 127 36.43 -15.01 8.42
CA CYS A 127 35.82 -14.90 7.11
C CYS A 127 34.28 -14.73 7.33
N ARG A 128 33.49 -14.88 6.26
CA ARG A 128 32.07 -15.07 6.36
C ARG A 128 31.73 -16.57 6.39
N ALA A 129 31.66 -17.09 7.58
CA ALA A 129 31.48 -18.48 7.91
C ALA A 129 30.02 -18.66 8.33
N VAL A 130 29.39 -19.76 7.95
CA VAL A 130 28.13 -20.13 8.57
C VAL A 130 28.17 -21.58 9.04
N PHE A 131 27.69 -21.79 10.28
CA PHE A 131 27.55 -23.16 10.89
C PHE A 131 26.09 -23.35 11.29
N ILE A 132 25.49 -24.46 10.86
CA ILE A 132 24.13 -24.82 11.22
C ILE A 132 24.20 -26.05 12.14
N ILE A 133 23.80 -25.79 13.38
CA ILE A 133 23.93 -26.74 14.47
C ILE A 133 22.52 -27.18 14.83
N GLY A 134 22.36 -28.48 15.08
CA GLY A 134 21.08 -29.08 15.40
C GLY A 134 20.76 -29.03 16.87
N PRO A 135 19.53 -29.41 17.25
CA PRO A 135 19.18 -29.53 18.71
C PRO A 135 20.09 -30.47 19.50
N ASP A 136 20.64 -31.50 18.82
CA ASP A 136 21.66 -32.39 19.35
C ASP A 136 23.05 -31.76 19.45
N LYS A 137 23.24 -30.48 19.13
CA LYS A 137 24.55 -29.78 19.22
C LYS A 137 25.61 -30.17 18.15
N LYS A 138 25.24 -31.06 17.22
CA LYS A 138 26.12 -31.46 16.11
C LYS A 138 26.06 -30.48 14.92
N LEU A 139 27.17 -30.36 14.18
CA LEU A 139 27.23 -29.58 12.94
C LEU A 139 26.64 -30.41 11.78
N LYS A 140 25.71 -29.74 11.08
CA LYS A 140 24.89 -30.29 10.03
C LYS A 140 25.30 -29.78 8.66
N LEU A 141 25.82 -28.56 8.59
CA LEU A 141 26.25 -27.94 7.38
C LEU A 141 27.11 -26.75 7.76
N SER A 142 28.10 -26.46 6.94
CA SER A 142 28.83 -25.25 7.09
C SER A 142 29.21 -24.66 5.72
N ILE A 143 29.40 -23.34 5.71
CA ILE A 143 30.00 -22.65 4.53
C ILE A 143 31.14 -21.74 4.98
N LEU A 144 32.13 -21.56 4.12
CA LEU A 144 33.25 -20.64 4.34
C LEU A 144 33.39 -19.73 3.10
N TYR A 145 32.89 -18.52 3.22
CA TYR A 145 32.98 -17.48 2.20
C TYR A 145 34.02 -16.49 2.66
N PRO A 146 34.79 -15.90 1.76
CA PRO A 146 35.81 -14.92 2.14
C PRO A 146 35.22 -13.52 2.30
N ALA A 147 36.04 -12.60 2.80
CA ALA A 147 35.59 -11.26 3.01
C ALA A 147 35.05 -10.66 1.72
N THR A 148 35.58 -11.09 0.57
CA THR A 148 35.19 -10.48 -0.72
C THR A 148 33.71 -10.71 -1.12
N THR A 149 33.11 -11.74 -0.53
CA THR A 149 31.92 -12.37 -1.08
C THR A 149 30.80 -12.57 -0.07
N GLY A 150 29.85 -11.63 -0.12
CA GLY A 150 28.66 -11.68 0.72
C GLY A 150 27.85 -12.90 0.42
N ARG A 151 27.21 -13.40 1.46
CA ARG A 151 26.42 -14.63 1.45
C ARG A 151 25.00 -14.39 0.96
N ASN A 152 24.34 -15.52 0.66
CA ASN A 152 22.98 -15.56 0.14
C ASN A 152 22.18 -16.23 1.23
N PHE A 153 21.49 -15.42 2.04
CA PHE A 153 20.80 -15.93 3.22
C PHE A 153 19.52 -16.68 2.88
N SER A 154 19.09 -16.59 1.63
CA SER A 154 18.01 -17.42 1.14
C SER A 154 18.46 -18.88 0.93
N GLU A 155 19.71 -19.08 0.51
CA GLU A 155 20.28 -20.40 0.42
C GLU A 155 20.39 -21.03 1.79
N ILE A 156 20.62 -20.23 2.83
CA ILE A 156 20.65 -20.73 4.20
C ILE A 156 19.29 -21.24 4.71
N LEU A 157 18.26 -20.43 4.44
CA LEU A 157 16.87 -20.84 4.67
C LEU A 157 16.50 -22.07 3.87
N ARG A 158 16.95 -22.14 2.61
CA ARG A 158 16.66 -23.29 1.75
C ARG A 158 17.23 -24.56 2.32
N VAL A 159 18.46 -24.53 2.77
CA VAL A 159 19.15 -25.71 3.30
C VAL A 159 18.64 -26.12 4.71
N ILE A 160 18.23 -25.16 5.52
CA ILE A 160 17.52 -25.42 6.77
C ILE A 160 16.22 -26.21 6.56
N ASP A 161 15.41 -25.79 5.61
CA ASP A 161 14.21 -26.46 5.23
C ASP A 161 14.46 -27.91 4.82
N SER A 162 15.51 -28.12 4.04
CA SER A 162 16.02 -29.44 3.66
C SER A 162 16.42 -30.27 4.89
N LEU A 163 17.27 -29.67 5.72
CA LEU A 163 17.79 -30.36 6.88
C LEU A 163 16.67 -30.74 7.78
N GLN A 164 15.75 -29.80 8.06
CA GLN A 164 14.56 -30.07 8.87
C GLN A 164 13.68 -31.21 8.33
N LEU A 165 13.40 -31.19 7.04
CA LEU A 165 12.51 -32.18 6.40
C LEU A 165 13.15 -33.54 6.25
N THR A 166 14.45 -33.57 5.99
CA THR A 166 15.16 -34.80 5.77
C THR A 166 15.48 -35.48 7.12
N ALA A 167 15.25 -34.76 8.24
CA ALA A 167 15.28 -35.30 9.61
C ALA A 167 13.93 -35.92 10.02
N GLN A 168 12.83 -35.54 9.35
CA GLN A 168 11.47 -36.11 9.56
C GLN A 168 11.16 -37.33 8.64
N LYS A 169 11.67 -37.30 7.40
CA LYS A 169 11.32 -38.31 6.37
C LYS A 169 12.56 -38.90 5.70
N LYS A 170 12.40 -40.12 5.20
CA LYS A 170 13.47 -40.89 4.58
C LYS A 170 13.65 -40.43 3.13
N VAL A 171 13.84 -39.13 2.99
CA VAL A 171 13.99 -38.48 1.71
C VAL A 171 15.23 -37.61 1.79
N ALA A 172 15.69 -37.20 0.60
CA ALA A 172 16.88 -36.37 0.41
C ALA A 172 16.50 -35.34 -0.65
N THR A 173 16.95 -34.10 -0.48
CA THR A 173 16.57 -33.04 -1.39
C THR A 173 17.57 -32.93 -2.54
N PRO A 174 17.07 -32.97 -3.81
CA PRO A 174 17.90 -33.01 -5.02
C PRO A 174 18.52 -31.67 -5.39
N ALA A 175 19.37 -31.64 -6.43
CA ALA A 175 19.98 -30.34 -6.90
C ALA A 175 18.94 -29.23 -7.01
N ASP A 176 19.21 -28.09 -6.40
CA ASP A 176 18.38 -26.91 -6.66
C ASP A 176 16.94 -27.02 -6.12
N TRP A 177 16.67 -27.95 -5.20
CA TRP A 177 15.34 -28.14 -4.61
C TRP A 177 14.88 -26.92 -3.90
N GLN A 178 13.59 -26.59 -4.08
CA GLN A 178 12.91 -25.51 -3.39
C GLN A 178 11.79 -26.19 -2.66
N PRO A 179 11.52 -25.73 -1.42
CA PRO A 179 10.42 -26.33 -0.72
C PRO A 179 9.15 -26.40 -1.55
N GLY A 180 8.61 -27.61 -1.63
CA GLY A 180 7.34 -27.86 -2.28
C GLY A 180 7.62 -28.66 -3.52
N ASP A 181 8.90 -28.79 -3.86
CA ASP A 181 9.33 -29.61 -4.96
C ASP A 181 9.50 -31.04 -4.45
N ARG A 182 9.58 -31.97 -5.39
CA ARG A 182 9.74 -33.29 -4.96
C ARG A 182 11.14 -33.64 -4.60
N CYS A 183 11.19 -34.55 -3.62
CA CYS A 183 12.43 -35.05 -3.05
C CYS A 183 12.70 -36.42 -3.58
N MET A 184 13.88 -36.93 -3.23
CA MET A 184 14.33 -38.23 -3.62
C MET A 184 14.20 -39.10 -2.39
N VAL A 185 13.82 -40.36 -2.63
CA VAL A 185 13.72 -41.30 -1.53
C VAL A 185 15.14 -41.75 -1.29
N VAL A 186 15.55 -41.79 -0.03
CA VAL A 186 16.90 -42.18 0.29
C VAL A 186 17.13 -43.61 -0.25
N PRO A 187 18.36 -43.88 -0.76
CA PRO A 187 18.70 -45.15 -1.44
C PRO A 187 18.71 -46.34 -0.54
N GLY A 188 18.91 -46.11 0.76
CA GLY A 188 18.90 -47.18 1.77
C GLY A 188 17.54 -47.84 1.99
N VAL A 189 16.48 -47.12 1.67
CA VAL A 189 15.09 -47.60 1.85
C VAL A 189 14.77 -48.75 0.87
N SER A 190 14.34 -49.88 1.42
CA SER A 190 14.05 -51.06 0.59
C SER A 190 12.91 -50.74 -0.39
N ALA A 191 12.69 -51.64 -1.35
CA ALA A 191 11.59 -51.49 -2.30
C ALA A 191 10.23 -51.58 -1.60
N GLU A 192 10.12 -52.45 -0.59
CA GLU A 192 8.85 -52.66 0.11
C GLU A 192 8.55 -51.61 1.17
N GLU A 193 9.58 -50.98 1.75
CA GLU A 193 9.33 -49.85 2.67
C GLU A 193 8.92 -48.61 1.88
N ALA A 194 9.68 -48.32 0.83
CA ALA A 194 9.43 -47.17 -0.05
C ALA A 194 7.99 -47.17 -0.61
N LYS A 195 7.52 -48.32 -1.06
CA LYS A 195 6.11 -48.49 -1.46
C LYS A 195 5.12 -48.26 -0.29
N THR A 196 5.50 -48.62 0.93
CA THR A 196 4.66 -48.35 2.12
C THR A 196 4.62 -46.86 2.51
N LEU A 197 5.75 -46.17 2.40
CA LEU A 197 5.86 -44.79 2.87
C LEU A 197 5.49 -43.72 1.81
N PHE A 198 5.78 -44.00 0.53
CA PHE A 198 5.62 -43.07 -0.61
C PHE A 198 4.79 -43.72 -1.74
N PRO A 199 3.44 -43.60 -1.68
CA PRO A 199 2.48 -44.12 -2.66
C PRO A 199 2.45 -43.48 -4.08
N ASN A 200 2.76 -42.18 -4.15
CA ASN A 200 2.91 -41.41 -5.39
C ASN A 200 4.35 -41.35 -5.89
N MET A 201 5.16 -42.32 -5.48
CA MET A 201 6.53 -42.45 -5.90
C MET A 201 6.65 -42.78 -7.37
N GLU A 202 7.52 -42.08 -8.08
CA GLU A 202 7.97 -42.46 -9.43
C GLU A 202 9.35 -43.08 -9.31
N VAL A 203 9.52 -44.26 -9.90
CA VAL A 203 10.82 -44.85 -10.14
C VAL A 203 11.22 -44.57 -11.59
N LYS A 204 12.24 -43.75 -11.82
CA LYS A 204 12.72 -43.42 -13.16
C LYS A 204 13.78 -44.38 -13.68
N ALA A 205 13.40 -45.18 -14.65
CA ALA A 205 14.31 -46.01 -15.42
C ALA A 205 15.55 -45.25 -15.92
N VAL A 206 16.71 -45.82 -15.60
CA VAL A 206 18.03 -45.38 -16.06
C VAL A 206 18.75 -46.50 -16.83
N PRO A 207 19.69 -46.16 -17.73
CA PRO A 207 20.37 -47.19 -18.53
C PRO A 207 20.97 -48.35 -17.72
N SER A 208 21.38 -48.11 -16.47
CA SER A 208 22.06 -49.13 -15.66
C SER A 208 21.14 -50.27 -15.13
N GLY A 209 19.82 -50.07 -15.25
CA GLY A 209 18.84 -50.98 -14.70
C GLY A 209 18.63 -50.90 -13.19
N LYS A 210 19.29 -49.99 -12.50
CA LYS A 210 19.08 -49.91 -11.06
C LYS A 210 17.82 -49.04 -10.75
N GLY A 211 17.33 -49.17 -9.53
CA GLY A 211 16.01 -48.64 -9.17
C GLY A 211 16.07 -47.59 -8.08
N TYR A 212 17.21 -46.91 -8.05
CA TYR A 212 17.56 -45.88 -7.01
C TYR A 212 16.96 -44.48 -7.25
N LEU A 213 16.61 -44.18 -8.51
CA LEU A 213 16.19 -42.86 -8.96
C LEU A 213 14.68 -42.72 -8.68
N ARG A 214 14.37 -42.47 -7.41
CA ARG A 214 13.04 -42.52 -6.89
C ARG A 214 12.71 -41.15 -6.39
N TYR A 215 11.58 -40.63 -6.87
CA TYR A 215 11.04 -39.35 -6.49
C TYR A 215 9.77 -39.52 -5.70
N THR A 216 9.55 -38.61 -4.74
CA THR A 216 8.30 -38.54 -4.02
C THR A 216 7.84 -37.07 -3.88
N PRO A 217 6.62 -36.74 -4.36
CA PRO A 217 6.03 -35.42 -4.19
C PRO A 217 6.08 -34.97 -2.73
N GLN A 218 6.62 -33.77 -2.45
CA GLN A 218 7.17 -33.48 -1.11
C GLN A 218 6.41 -34.21 -0.05
N PRO A 219 7.07 -35.16 0.65
CA PRO A 219 6.35 -35.98 1.60
C PRO A 219 5.70 -35.15 2.71
N LYS A 220 4.55 -35.66 3.20
CA LYS A 220 3.92 -35.06 4.36
C LYS A 220 5.06 -34.58 5.25
N SER A 221 4.94 -33.31 5.67
CA SER A 221 6.01 -32.59 6.33
C SER A 221 5.57 -32.18 7.74
N GLY B 2 41.27 -31.29 7.73
CA GLY B 2 40.58 -30.27 6.90
C GLY B 2 41.43 -29.19 6.28
N ILE B 3 40.78 -28.28 5.58
CA ILE B 3 41.51 -27.30 4.71
C ILE B 3 40.89 -25.91 4.90
N THR B 4 41.70 -24.93 5.29
CA THR B 4 41.19 -23.59 5.57
C THR B 4 41.34 -22.69 4.34
N LEU B 5 40.63 -21.56 4.31
CA LEU B 5 40.71 -20.68 3.16
C LEU B 5 42.11 -20.08 3.10
N GLY B 6 42.64 -19.99 1.88
CA GLY B 6 43.97 -19.48 1.64
C GLY B 6 45.05 -20.56 1.54
N GLU B 7 44.76 -21.80 1.90
CA GLU B 7 45.83 -22.82 1.91
C GLU B 7 46.03 -23.30 0.49
N VAL B 8 47.26 -23.64 0.12
CA VAL B 8 47.50 -24.29 -1.17
C VAL B 8 46.71 -25.61 -1.17
N PHE B 9 45.84 -25.79 -2.14
CA PHE B 9 45.13 -27.04 -2.22
C PHE B 9 46.17 -28.15 -2.43
N PRO B 10 45.95 -29.33 -1.84
CA PRO B 10 46.91 -30.42 -2.02
C PRO B 10 47.09 -30.75 -3.48
N ASN B 11 48.32 -30.97 -3.91
CA ASN B 11 48.63 -31.52 -5.22
C ASN B 11 48.62 -33.05 -5.17
N PHE B 12 47.44 -33.64 -5.05
CA PHE B 12 47.31 -35.12 -4.92
C PHE B 12 47.41 -35.83 -6.25
N GLU B 13 47.93 -37.06 -6.23
CA GLU B 13 47.88 -38.03 -7.35
C GLU B 13 46.64 -38.89 -7.11
N ALA B 14 45.74 -39.02 -8.07
CA ALA B 14 44.53 -39.83 -7.87
C ALA B 14 44.16 -40.56 -9.14
N ASP B 15 43.44 -41.67 -9.04
CA ASP B 15 42.94 -42.33 -10.25
C ASP B 15 41.56 -41.69 -10.50
N SER B 16 41.15 -41.71 -11.76
CA SER B 16 39.93 -41.07 -12.19
C SER B 16 39.39 -41.69 -13.50
N THR B 17 38.30 -41.10 -13.99
CA THR B 17 37.66 -41.57 -15.21
C THR B 17 38.52 -41.26 -16.43
N ILE B 18 39.51 -40.37 -16.29
CA ILE B 18 40.48 -40.09 -17.37
C ILE B 18 41.88 -40.65 -17.08
N GLY B 19 41.97 -41.57 -16.14
CA GLY B 19 43.27 -42.09 -15.69
C GLY B 19 43.85 -41.36 -14.49
N LYS B 20 45.07 -41.73 -14.13
CA LYS B 20 45.80 -41.06 -13.04
C LYS B 20 46.08 -39.61 -13.41
N LEU B 21 45.93 -38.74 -12.42
CA LEU B 21 46.04 -37.29 -12.63
C LEU B 21 46.77 -36.63 -11.47
N LYS B 22 47.69 -35.70 -11.78
CA LYS B 22 48.31 -34.90 -10.73
C LYS B 22 47.61 -33.53 -10.65
N PHE B 23 46.98 -33.25 -9.51
CA PHE B 23 45.95 -32.24 -9.45
C PHE B 23 46.34 -30.85 -9.97
N HIS B 24 47.50 -30.36 -9.53
CA HIS B 24 47.97 -29.05 -9.90
C HIS B 24 48.32 -29.02 -11.38
N ASP B 25 48.80 -30.15 -11.90
CA ASP B 25 49.12 -30.25 -13.32
C ASP B 25 47.83 -30.25 -14.21
N TRP B 26 46.81 -30.97 -13.75
CA TRP B 26 45.50 -31.09 -14.42
C TRP B 26 44.73 -29.76 -14.44
N LEU B 27 44.79 -29.04 -13.34
CA LEU B 27 44.15 -27.74 -13.22
C LEU B 27 44.91 -26.70 -14.02
N GLY B 28 46.23 -26.60 -13.83
CA GLY B 28 47.05 -25.60 -14.55
C GLY B 28 46.83 -24.16 -14.06
N ASN B 29 47.10 -23.16 -14.89
CA ASN B 29 46.83 -21.73 -14.57
C ASN B 29 45.33 -21.41 -14.78
N SER B 30 44.46 -21.80 -13.84
CA SER B 30 43.01 -21.85 -14.12
C SER B 30 42.20 -21.97 -12.85
N TRP B 31 41.04 -21.34 -12.81
CA TRP B 31 40.04 -21.62 -11.76
C TRP B 31 39.52 -23.04 -11.90
N GLY B 32 39.24 -23.67 -10.77
CA GLY B 32 38.74 -25.02 -10.73
C GLY B 32 37.70 -25.16 -9.66
N VAL B 33 36.74 -26.08 -9.87
CA VAL B 33 35.81 -26.46 -8.82
C VAL B 33 35.87 -27.98 -8.65
N LEU B 34 36.31 -28.43 -7.46
CA LEU B 34 36.30 -29.86 -7.06
C LEU B 34 35.07 -30.08 -6.19
N PHE B 35 34.24 -31.04 -6.54
CA PHE B 35 33.02 -31.22 -5.76
C PHE B 35 32.90 -32.70 -5.47
N SER B 36 32.37 -33.07 -4.31
CA SER B 36 32.28 -34.47 -3.92
C SER B 36 30.84 -34.94 -3.80
N HIS B 37 30.63 -36.26 -3.88
CA HIS B 37 29.38 -36.86 -3.59
C HIS B 37 29.58 -38.21 -2.87
N PRO B 38 28.63 -38.58 -2.00
CA PRO B 38 28.75 -39.78 -1.15
C PRO B 38 29.07 -41.08 -1.88
N ARG B 39 28.28 -41.37 -2.88
CA ARG B 39 28.30 -42.65 -3.47
C ARG B 39 27.66 -42.58 -4.87
N ASP B 40 28.20 -43.36 -5.79
CA ASP B 40 27.55 -43.53 -7.09
C ASP B 40 26.24 -44.31 -6.98
N PHE B 41 25.51 -44.34 -8.09
CA PHE B 41 24.18 -44.90 -8.16
C PHE B 41 23.33 -44.47 -6.97
N THR B 42 23.32 -43.16 -6.68
CA THR B 42 22.41 -42.61 -5.65
C THR B 42 21.68 -41.42 -6.28
N PRO B 43 20.42 -41.14 -5.84
CA PRO B 43 19.54 -40.19 -6.59
C PRO B 43 19.92 -38.72 -6.53
N VAL B 44 20.12 -38.14 -5.34
CA VAL B 44 20.47 -36.71 -5.28
C VAL B 44 21.75 -36.46 -6.04
N SER B 45 22.76 -37.32 -5.85
CA SER B 45 24.04 -37.22 -6.53
C SER B 45 23.88 -37.21 -8.04
N THR B 46 23.03 -38.10 -8.58
CA THR B 46 22.66 -38.09 -10.02
C THR B 46 21.98 -36.75 -10.51
N THR B 47 21.07 -36.17 -9.71
CA THR B 47 20.47 -34.88 -10.06
C THR B 47 21.56 -33.82 -10.11
N GLU B 48 22.52 -33.91 -9.19
CA GLU B 48 23.58 -32.88 -9.07
C GLU B 48 24.62 -32.93 -10.19
N LEU B 49 25.16 -34.11 -10.41
CA LEU B 49 26.05 -34.34 -11.49
C LEU B 49 25.40 -34.23 -12.90
N GLY B 50 24.12 -34.50 -13.03
CA GLY B 50 23.46 -34.18 -14.25
C GLY B 50 23.26 -32.70 -14.44
N ARG B 51 22.91 -32.02 -13.35
CA ARG B 51 22.78 -30.61 -13.38
C ARG B 51 24.10 -29.98 -13.85
N VAL B 52 25.24 -30.56 -13.47
CA VAL B 52 26.58 -29.96 -13.74
C VAL B 52 26.89 -30.10 -15.23
N ILE B 53 26.50 -31.24 -15.81
CA ILE B 53 26.51 -31.44 -17.25
C ILE B 53 25.72 -30.38 -17.98
N GLN B 54 24.48 -30.11 -17.51
CA GLN B 54 23.61 -29.09 -18.10
C GLN B 54 24.23 -27.72 -18.11
N LEU B 55 25.04 -27.44 -17.11
CA LEU B 55 25.68 -26.14 -16.84
C LEU B 55 27.19 -26.06 -17.29
N GLU B 56 27.71 -27.12 -17.90
CA GLU B 56 29.07 -27.16 -18.39
C GLU B 56 29.46 -25.89 -19.15
N GLY B 57 28.60 -25.44 -20.07
CA GLY B 57 28.84 -24.25 -20.87
C GLY B 57 29.03 -23.06 -19.99
N ASP B 58 28.21 -22.97 -18.95
CA ASP B 58 28.28 -21.83 -18.03
C ASP B 58 29.60 -21.77 -17.26
N PHE B 59 30.17 -22.89 -16.84
CA PHE B 59 31.49 -22.88 -16.14
C PHE B 59 32.58 -22.64 -17.18
N LYS B 60 32.42 -23.23 -18.36
CA LYS B 60 33.34 -23.00 -19.48
C LYS B 60 33.51 -21.50 -19.85
N LYS B 61 32.45 -20.72 -19.93
CA LYS B 61 32.49 -19.29 -20.31
C LYS B 61 33.33 -18.47 -19.37
N ARG B 62 33.41 -18.98 -18.13
CA ARG B 62 34.13 -18.37 -17.02
C ARG B 62 35.53 -18.94 -16.78
N GLY B 63 35.96 -19.85 -17.67
CA GLY B 63 37.23 -20.54 -17.54
C GLY B 63 37.40 -21.31 -16.25
N VAL B 64 36.35 -21.93 -15.77
CA VAL B 64 36.41 -22.80 -14.57
C VAL B 64 36.39 -24.31 -15.00
N LYS B 65 37.40 -25.05 -14.52
CA LYS B 65 37.48 -26.48 -14.71
C LYS B 65 36.74 -27.28 -13.62
N LEU B 66 35.96 -28.25 -14.06
CA LEU B 66 35.15 -29.00 -13.14
C LEU B 66 35.72 -30.41 -12.98
N ILE B 67 35.66 -30.90 -11.75
CA ILE B 67 36.09 -32.23 -11.44
C ILE B 67 35.30 -32.76 -10.20
N ALA B 68 34.78 -33.98 -10.31
CA ALA B 68 33.96 -34.55 -9.26
C ALA B 68 34.77 -35.61 -8.55
N LEU B 69 34.23 -36.14 -7.45
CA LEU B 69 34.97 -37.06 -6.61
C LEU B 69 33.97 -37.89 -5.78
N SER B 70 34.20 -39.20 -5.67
CA SER B 70 33.63 -40.01 -4.59
C SER B 70 34.65 -41.06 -4.24
N CYS B 71 34.31 -41.93 -3.27
CA CYS B 71 35.20 -43.04 -2.85
C CYS B 71 34.94 -44.33 -3.59
N ASP B 72 34.09 -44.27 -4.61
CA ASP B 72 33.81 -45.45 -5.42
C ASP B 72 34.97 -45.71 -6.39
N ASN B 73 35.06 -46.94 -6.89
CA ASN B 73 36.06 -47.28 -7.93
C ASN B 73 35.71 -46.66 -9.30
N VAL B 74 36.66 -46.70 -10.23
CA VAL B 74 36.49 -46.06 -11.53
C VAL B 74 35.53 -46.89 -12.44
N ALA B 75 35.48 -48.22 -12.27
CA ALA B 75 34.43 -49.01 -12.93
C ALA B 75 33.00 -48.48 -12.60
N ASP B 76 32.76 -48.16 -11.33
CA ASP B 76 31.43 -47.68 -10.91
C ASP B 76 31.20 -46.26 -11.46
N HIS B 77 32.23 -45.44 -11.50
CA HIS B 77 32.12 -44.11 -12.11
C HIS B 77 31.77 -44.14 -13.61
N LYS B 78 32.38 -45.05 -14.38
CA LYS B 78 32.10 -45.16 -15.80
C LYS B 78 30.63 -45.62 -16.06
N GLU B 79 30.23 -46.70 -15.42
CA GLU B 79 28.86 -47.22 -15.57
C GLU B 79 27.85 -46.15 -15.18
N TRP B 80 28.02 -45.56 -14.00
CA TRP B 80 27.05 -44.63 -13.43
C TRP B 80 26.89 -43.34 -14.24
N SER B 81 27.98 -42.88 -14.86
CA SER B 81 27.93 -41.74 -15.77
C SER B 81 26.89 -41.93 -16.83
N GLU B 82 26.69 -43.16 -17.32
CA GLU B 82 25.67 -43.38 -18.32
C GLU B 82 24.28 -43.02 -17.76
N ASP B 83 24.05 -43.21 -16.47
CA ASP B 83 22.79 -42.73 -15.86
C ASP B 83 22.75 -41.22 -15.70
N VAL B 84 23.90 -40.65 -15.34
CA VAL B 84 24.03 -39.24 -15.12
C VAL B 84 23.74 -38.49 -16.43
N LYS B 85 24.41 -38.91 -17.50
CA LYS B 85 24.22 -38.36 -18.85
C LYS B 85 22.76 -38.40 -19.29
N CYS B 86 22.18 -39.58 -19.15
CA CYS B 86 20.81 -39.80 -19.45
C CYS B 86 19.85 -38.82 -18.77
N LEU B 87 20.03 -38.60 -17.48
CA LEU B 87 19.19 -37.68 -16.70
C LEU B 87 19.42 -36.22 -17.10
N SER B 88 20.68 -35.86 -17.38
CA SER B 88 21.05 -34.54 -17.87
C SER B 88 20.23 -34.11 -19.08
N GLY B 89 19.87 -35.08 -19.92
CA GLY B 89 19.22 -34.78 -21.19
C GLY B 89 20.19 -34.37 -22.28
N VAL B 90 21.48 -34.25 -21.95
CA VAL B 90 22.47 -33.72 -22.88
C VAL B 90 23.25 -34.88 -23.50
N LYS B 91 23.51 -34.78 -24.80
CA LYS B 91 24.24 -35.84 -25.51
C LYS B 91 25.73 -35.62 -25.49
N GLY B 92 26.44 -36.72 -25.52
CA GLY B 92 27.88 -36.70 -25.59
C GLY B 92 28.54 -37.22 -24.32
N ASP B 93 29.86 -37.39 -24.42
CA ASP B 93 30.71 -37.78 -23.32
C ASP B 93 30.53 -36.85 -22.12
N MET B 94 30.68 -37.45 -20.95
CA MET B 94 30.88 -36.75 -19.71
C MET B 94 31.91 -35.65 -19.87
N PRO B 95 31.54 -34.38 -19.61
CA PRO B 95 32.48 -33.32 -19.87
C PRO B 95 33.41 -32.94 -18.71
N TYR B 96 33.40 -33.71 -17.61
CA TYR B 96 34.32 -33.52 -16.48
C TYR B 96 34.76 -34.87 -15.92
N PRO B 97 35.96 -34.92 -15.29
CA PRO B 97 36.39 -36.23 -14.75
C PRO B 97 35.75 -36.58 -13.41
N ILE B 98 35.85 -37.84 -13.00
CA ILE B 98 35.44 -38.24 -11.66
C ILE B 98 36.59 -38.93 -10.95
N ILE B 99 37.00 -38.37 -9.81
CA ILE B 99 38.07 -38.98 -9.03
C ILE B 99 37.54 -40.14 -8.19
N ALA B 100 38.34 -41.21 -8.14
CA ALA B 100 38.11 -42.37 -7.30
C ALA B 100 39.01 -42.28 -6.07
N ASP B 101 38.48 -41.77 -4.98
CA ASP B 101 39.21 -41.66 -3.70
C ASP B 101 38.97 -42.87 -2.80
N GLU B 102 39.56 -43.99 -3.20
CA GLU B 102 39.27 -45.27 -2.61
C GLU B 102 40.00 -45.50 -1.29
N THR B 103 41.20 -44.95 -1.17
CA THR B 103 41.96 -45.00 0.06
C THR B 103 41.36 -44.05 1.17
N ARG B 104 40.43 -43.16 0.79
CA ARG B 104 39.79 -42.15 1.67
C ARG B 104 40.78 -41.06 2.12
N GLU B 105 41.86 -40.87 1.36
CA GLU B 105 42.87 -39.89 1.72
C GLU B 105 42.46 -38.45 1.54
N LEU B 106 41.73 -38.19 0.46
CA LEU B 106 41.15 -36.87 0.21
C LEU B 106 39.98 -36.64 1.15
N ALA B 107 39.10 -37.63 1.32
CA ALA B 107 38.01 -37.56 2.29
C ALA B 107 38.49 -37.03 3.63
N VAL B 108 39.49 -37.72 4.21
CA VAL B 108 40.04 -37.34 5.51
C VAL B 108 40.83 -36.03 5.46
N LYS B 109 41.76 -35.90 4.52
CA LYS B 109 42.52 -34.65 4.42
C LYS B 109 41.70 -33.40 4.24
N LEU B 110 40.74 -33.42 3.33
CA LEU B 110 39.94 -32.25 3.03
C LEU B 110 38.75 -32.07 4.01
N GLY B 111 38.62 -32.95 4.99
CA GLY B 111 37.61 -32.80 6.05
C GLY B 111 36.19 -32.89 5.53
N MET B 112 35.98 -33.82 4.59
CA MET B 112 34.73 -33.93 3.89
C MET B 112 34.08 -35.29 4.08
N VAL B 113 34.39 -35.93 5.20
CA VAL B 113 33.73 -37.21 5.59
C VAL B 113 32.29 -36.90 6.06
N ASP B 114 31.35 -37.72 5.57
CA ASP B 114 29.93 -37.63 5.91
C ASP B 114 29.72 -38.26 7.28
N PRO B 115 28.89 -37.61 8.13
CA PRO B 115 28.64 -38.13 9.46
C PRO B 115 27.75 -39.40 9.52
N ASP B 116 26.78 -39.51 8.60
CA ASP B 116 25.74 -40.60 8.63
C ASP B 116 25.91 -41.72 7.59
N GLU B 117 26.55 -41.42 6.46
CA GLU B 117 26.69 -42.44 5.39
C GLU B 117 28.04 -43.13 5.37
N ARG B 118 27.96 -44.45 5.46
CA ARG B 118 29.11 -45.33 5.39
C ARG B 118 28.74 -46.47 4.47
N THR B 119 29.75 -47.22 4.03
CA THR B 119 29.50 -48.44 3.25
C THR B 119 28.80 -49.49 4.13
N SER B 120 28.42 -50.61 3.49
CA SER B 120 27.84 -51.78 4.21
C SER B 120 28.76 -52.27 5.32
N THR B 121 30.06 -52.00 5.16
CA THR B 121 31.10 -52.50 6.06
C THR B 121 31.59 -51.41 7.02
N GLY B 122 30.82 -50.31 7.12
CA GLY B 122 31.23 -49.12 7.89
C GLY B 122 32.41 -48.30 7.38
N MET B 123 32.77 -48.43 6.10
CA MET B 123 33.85 -47.61 5.51
C MET B 123 33.35 -46.14 5.37
N PRO B 124 34.25 -45.14 5.56
CA PRO B 124 33.76 -43.78 5.49
C PRO B 124 33.41 -43.39 4.04
N LEU B 125 32.67 -42.29 3.90
CA LEU B 125 32.21 -41.77 2.59
C LEU B 125 32.27 -40.27 2.67
N THR B 126 32.47 -39.61 1.53
CA THR B 126 32.46 -38.16 1.51
C THR B 126 31.00 -37.62 1.61
N CYS B 127 30.87 -36.35 1.98
CA CYS B 127 29.60 -35.63 1.98
C CYS B 127 29.43 -34.92 0.62
N ARG B 128 28.71 -33.81 0.61
CA ARG B 128 28.60 -32.97 -0.59
C ARG B 128 29.44 -31.66 -0.45
N ALA B 129 30.73 -31.78 -0.71
CA ALA B 129 31.65 -30.66 -0.51
C ALA B 129 31.88 -29.97 -1.84
N VAL B 130 32.12 -28.66 -1.77
CA VAL B 130 32.62 -27.92 -2.90
C VAL B 130 33.84 -27.11 -2.51
N PHE B 131 34.89 -27.21 -3.33
CA PHE B 131 36.14 -26.45 -3.14
C PHE B 131 36.34 -25.60 -4.41
N ILE B 132 36.33 -24.28 -4.24
CA ILE B 132 36.66 -23.35 -5.32
C ILE B 132 38.14 -22.88 -5.16
N ILE B 133 38.91 -23.18 -6.23
CA ILE B 133 40.35 -23.08 -6.24
C ILE B 133 40.78 -22.10 -7.34
N GLY B 134 41.58 -21.10 -6.95
CA GLY B 134 42.08 -20.12 -7.88
C GLY B 134 43.25 -20.56 -8.76
N PRO B 135 43.63 -19.68 -9.70
CA PRO B 135 44.77 -19.99 -10.59
C PRO B 135 46.14 -20.20 -9.87
N ASP B 136 46.21 -19.72 -8.65
CA ASP B 136 47.38 -19.85 -7.76
C ASP B 136 47.31 -21.08 -6.91
N LYS B 137 46.31 -21.93 -7.13
CA LYS B 137 46.11 -23.19 -6.41
C LYS B 137 45.64 -23.02 -4.98
N LYS B 138 45.26 -21.80 -4.56
CA LYS B 138 44.77 -21.56 -3.19
C LYS B 138 43.24 -21.71 -3.13
N LEU B 139 42.73 -22.22 -1.99
CA LEU B 139 41.30 -22.41 -1.76
C LEU B 139 40.70 -21.05 -1.47
N LYS B 140 39.66 -20.70 -2.22
CA LYS B 140 39.06 -19.37 -2.16
C LYS B 140 37.69 -19.39 -1.46
N LEU B 141 36.99 -20.50 -1.51
CA LEU B 141 35.65 -20.64 -0.97
C LEU B 141 35.39 -22.14 -0.80
N SER B 142 34.66 -22.53 0.25
CA SER B 142 34.23 -23.94 0.42
C SER B 142 32.87 -24.02 1.08
N ILE B 143 32.10 -25.01 0.64
CA ILE B 143 30.88 -25.41 1.31
C ILE B 143 31.02 -26.90 1.69
N LEU B 144 30.35 -27.28 2.76
CA LEU B 144 30.26 -28.66 3.21
C LEU B 144 28.81 -28.97 3.52
N TYR B 145 28.11 -29.53 2.54
CA TYR B 145 26.72 -29.97 2.67
C TYR B 145 26.70 -31.47 2.96
N PRO B 146 25.69 -31.96 3.69
CA PRO B 146 25.60 -33.41 3.99
C PRO B 146 24.89 -34.22 2.89
N ALA B 147 25.05 -35.55 2.94
CA ALA B 147 24.38 -36.48 2.01
C ALA B 147 22.91 -36.15 1.76
N THR B 148 22.20 -35.69 2.79
CA THR B 148 20.76 -35.45 2.72
C THR B 148 20.33 -34.25 1.88
N THR B 149 21.23 -33.31 1.68
CA THR B 149 20.93 -31.97 1.16
C THR B 149 21.73 -31.66 -0.10
N GLY B 150 21.01 -31.70 -1.25
CA GLY B 150 21.61 -31.38 -2.53
C GLY B 150 21.97 -29.92 -2.65
N ARG B 151 22.98 -29.64 -3.45
CA ARG B 151 23.54 -28.30 -3.55
C ARG B 151 22.78 -27.43 -4.52
N ASN B 152 23.08 -26.13 -4.49
CA ASN B 152 22.45 -25.11 -5.37
C ASN B 152 23.60 -24.61 -6.25
N PHE B 153 23.64 -25.08 -7.50
CA PHE B 153 24.66 -24.72 -8.50
C PHE B 153 24.61 -23.28 -9.07
N SER B 154 23.47 -22.60 -8.90
CA SER B 154 23.28 -21.21 -9.28
C SER B 154 24.08 -20.32 -8.34
N GLU B 155 23.97 -20.65 -7.06
CA GLU B 155 24.79 -20.04 -6.02
C GLU B 155 26.26 -20.30 -6.23
N ILE B 156 26.64 -21.45 -6.69
CA ILE B 156 28.06 -21.66 -6.99
C ILE B 156 28.54 -20.74 -8.09
N LEU B 157 27.69 -20.48 -9.08
CA LEU B 157 28.09 -19.73 -10.22
C LEU B 157 28.15 -18.26 -9.79
N ARG B 158 27.36 -17.94 -8.78
CA ARG B 158 27.17 -16.60 -8.31
C ARG B 158 28.43 -16.20 -7.58
N VAL B 159 28.88 -17.02 -6.65
CA VAL B 159 30.08 -16.74 -5.89
C VAL B 159 31.33 -16.83 -6.74
N ILE B 160 31.32 -17.60 -7.81
CA ILE B 160 32.40 -17.52 -8.84
C ILE B 160 32.52 -16.15 -9.50
N ASP B 161 31.37 -15.57 -9.81
CA ASP B 161 31.28 -14.27 -10.43
C ASP B 161 31.82 -13.24 -9.46
N SER B 162 31.45 -13.40 -8.19
CA SER B 162 31.99 -12.54 -7.11
C SER B 162 33.53 -12.64 -6.95
N LEU B 163 34.01 -13.85 -6.76
CA LEU B 163 35.44 -14.10 -6.60
C LEU B 163 36.28 -13.66 -7.81
N GLN B 164 35.77 -13.89 -9.01
CA GLN B 164 36.48 -13.49 -10.18
C GLN B 164 36.56 -11.95 -10.35
N LEU B 165 35.52 -11.24 -9.97
CA LEU B 165 35.45 -9.80 -10.00
C LEU B 165 36.29 -9.19 -8.90
N THR B 166 36.07 -9.64 -7.66
CA THR B 166 36.84 -9.15 -6.48
C THR B 166 38.35 -9.48 -6.47
N ALA B 167 38.77 -10.46 -7.28
CA ALA B 167 40.23 -10.73 -7.52
C ALA B 167 40.88 -9.60 -8.34
N GLN B 168 40.07 -8.99 -9.20
CA GLN B 168 40.49 -8.10 -10.24
C GLN B 168 40.21 -6.63 -9.91
N LYS B 169 39.23 -6.34 -9.05
CA LYS B 169 38.83 -4.94 -8.77
C LYS B 169 38.82 -4.64 -7.23
N LYS B 170 38.92 -3.39 -6.79
CA LYS B 170 38.98 -3.16 -5.33
C LYS B 170 37.56 -3.07 -4.71
N VAL B 171 36.78 -4.11 -4.97
CA VAL B 171 35.39 -4.18 -4.53
C VAL B 171 35.07 -5.48 -3.77
N ALA B 172 33.85 -5.50 -3.20
CA ALA B 172 33.35 -6.68 -2.48
C ALA B 172 31.89 -6.67 -2.78
N THR B 173 31.31 -7.87 -2.92
CA THR B 173 29.95 -7.98 -3.30
C THR B 173 29.05 -8.23 -2.10
N PRO B 174 27.94 -7.46 -2.02
CA PRO B 174 27.07 -7.44 -0.85
C PRO B 174 26.16 -8.65 -0.70
N ALA B 175 25.49 -8.73 0.45
CA ALA B 175 24.42 -9.69 0.62
C ALA B 175 23.61 -9.79 -0.65
N ASP B 176 23.43 -11.02 -1.16
CA ASP B 176 22.45 -11.33 -2.22
C ASP B 176 22.75 -10.68 -3.58
N TRP B 177 23.97 -10.25 -3.79
CA TRP B 177 24.37 -9.64 -5.04
C TRP B 177 24.21 -10.59 -6.20
N GLN B 178 23.62 -10.10 -7.29
CA GLN B 178 23.70 -10.75 -8.57
C GLN B 178 24.58 -9.92 -9.50
N PRO B 179 25.26 -10.57 -10.43
CA PRO B 179 26.00 -9.79 -11.44
C PRO B 179 25.29 -8.55 -12.03
N GLY B 180 25.96 -7.41 -11.90
CA GLY B 180 25.45 -6.21 -12.56
C GLY B 180 24.76 -5.34 -11.55
N ASP B 181 24.62 -5.86 -10.33
CA ASP B 181 24.18 -5.06 -9.19
C ASP B 181 25.42 -4.29 -8.69
N ARG B 182 25.20 -3.30 -7.84
CA ARG B 182 26.27 -2.48 -7.35
C ARG B 182 27.08 -3.22 -6.29
N CYS B 183 28.36 -2.90 -6.23
CA CYS B 183 29.26 -3.53 -5.33
C CYS B 183 29.66 -2.53 -4.26
N MET B 184 30.36 -3.02 -3.23
CA MET B 184 30.81 -2.15 -2.20
C MET B 184 32.28 -1.87 -2.46
N VAL B 185 32.71 -0.64 -2.19
CA VAL B 185 34.11 -0.28 -2.34
C VAL B 185 34.69 -0.79 -1.05
N VAL B 186 35.79 -1.54 -1.14
CA VAL B 186 36.36 -2.19 0.02
C VAL B 186 36.83 -1.11 0.98
N PRO B 187 36.82 -1.41 2.29
CA PRO B 187 37.12 -0.38 3.27
C PRO B 187 38.56 0.15 3.17
N GLY B 188 39.49 -0.57 2.53
CA GLY B 188 40.89 -0.13 2.46
C GLY B 188 41.27 0.87 1.37
N VAL B 189 40.34 1.21 0.49
CA VAL B 189 40.54 2.24 -0.52
C VAL B 189 40.36 3.58 0.22
N SER B 190 41.26 4.54 0.03
CA SER B 190 41.10 5.86 0.66
C SER B 190 40.03 6.74 -0.03
N ALA B 191 39.61 7.83 0.61
CA ALA B 191 38.66 8.77 -0.02
C ALA B 191 39.31 9.37 -1.27
N GLU B 192 40.61 9.59 -1.15
CA GLU B 192 41.49 10.08 -2.20
C GLU B 192 41.68 9.06 -3.34
N GLU B 193 41.93 7.80 -3.02
CA GLU B 193 42.14 6.74 -4.05
C GLU B 193 40.84 6.47 -4.79
N ALA B 194 39.73 6.62 -4.07
CA ALA B 194 38.39 6.37 -4.58
C ALA B 194 37.90 7.40 -5.62
N LYS B 195 38.56 8.56 -5.70
CA LYS B 195 38.15 9.60 -6.62
C LYS B 195 38.41 9.20 -8.08
N THR B 196 39.51 8.50 -8.31
CA THR B 196 39.90 8.07 -9.65
C THR B 196 39.35 6.69 -9.98
N LEU B 197 39.33 5.81 -8.97
CA LEU B 197 39.03 4.41 -9.17
C LEU B 197 37.53 4.19 -9.27
N PHE B 198 36.78 4.93 -8.47
CA PHE B 198 35.34 4.83 -8.40
C PHE B 198 34.73 6.24 -8.38
N PRO B 199 34.81 6.96 -9.52
CA PRO B 199 34.21 8.30 -9.68
C PRO B 199 32.74 8.38 -9.28
N ASN B 200 32.02 7.26 -9.47
CA ASN B 200 30.56 7.21 -9.38
C ASN B 200 30.08 6.62 -8.08
N MET B 201 30.98 6.50 -7.13
CA MET B 201 30.67 6.02 -5.81
C MET B 201 29.73 7.01 -5.08
N GLU B 202 28.82 6.41 -4.32
CA GLU B 202 27.95 7.03 -3.37
C GLU B 202 28.40 6.55 -2.01
N VAL B 203 28.71 7.49 -1.14
CA VAL B 203 28.76 7.26 0.31
C VAL B 203 27.35 7.47 0.87
N LYS B 204 26.78 6.41 1.41
CA LYS B 204 25.51 6.47 2.10
C LYS B 204 25.78 6.62 3.61
N ALA B 205 25.15 7.64 4.19
CA ALA B 205 25.29 7.96 5.60
C ALA B 205 24.63 6.93 6.56
N VAL B 206 25.25 6.78 7.73
CA VAL B 206 24.81 5.86 8.75
C VAL B 206 24.96 6.56 10.12
N PRO B 207 24.13 6.20 11.12
CA PRO B 207 24.13 6.85 12.42
C PRO B 207 25.53 7.13 12.97
N SER B 208 26.40 6.12 12.95
CA SER B 208 27.77 6.18 13.48
C SER B 208 28.67 7.27 12.87
N GLY B 209 28.28 7.82 11.72
CA GLY B 209 29.04 8.91 11.11
C GLY B 209 30.14 8.44 10.16
N LYS B 210 30.71 7.25 10.36
CA LYS B 210 31.76 6.74 9.49
C LYS B 210 31.37 6.83 8.01
N GLY B 211 32.34 6.63 7.12
CA GLY B 211 32.11 6.84 5.68
C GLY B 211 32.28 5.57 4.91
N TYR B 212 32.00 4.44 5.55
CA TYR B 212 32.36 3.14 5.05
C TYR B 212 31.33 2.52 4.09
N LEU B 213 30.06 2.93 4.19
CA LEU B 213 29.01 2.32 3.35
C LEU B 213 29.01 2.89 1.95
N ARG B 214 29.94 2.43 1.16
CA ARG B 214 30.20 3.04 -0.14
C ARG B 214 29.88 2.06 -1.23
N TYR B 215 29.00 2.48 -2.12
CA TYR B 215 28.52 1.73 -3.26
C TYR B 215 29.03 2.32 -4.55
N THR B 216 29.31 1.41 -5.50
CA THR B 216 29.76 1.77 -6.84
C THR B 216 29.11 0.84 -7.87
N PRO B 217 28.86 1.33 -9.10
CA PRO B 217 28.39 0.37 -10.10
C PRO B 217 29.32 -0.84 -10.24
N GLN B 218 28.83 -1.94 -10.77
CA GLN B 218 29.75 -3.00 -11.12
C GLN B 218 30.72 -2.51 -12.20
N PRO B 219 32.03 -2.56 -11.89
CA PRO B 219 33.08 -2.21 -12.86
C PRO B 219 33.24 -3.18 -14.05
N LYS B 220 33.51 -2.62 -15.23
CA LYS B 220 33.80 -3.45 -16.42
C LYS B 220 35.18 -4.14 -16.30
N SER B 221 35.14 -5.42 -15.95
CA SER B 221 36.36 -6.19 -15.58
C SER B 221 36.87 -6.98 -16.80
N GLY C 2 -13.93 19.16 -5.15
CA GLY C 2 -12.94 19.11 -4.03
C GLY C 2 -13.59 18.75 -2.70
N ILE C 3 -12.81 18.50 -1.66
CA ILE C 3 -13.36 18.25 -0.32
C ILE C 3 -12.71 19.09 0.78
N THR C 4 -13.53 19.73 1.61
CA THR C 4 -13.04 20.62 2.66
C THR C 4 -13.07 19.93 4.01
N LEU C 5 -12.35 20.50 4.98
CA LEU C 5 -12.22 19.98 6.33
C LEU C 5 -13.60 19.98 6.95
N GLY C 6 -13.89 18.95 7.74
CA GLY C 6 -15.15 18.83 8.43
C GLY C 6 -16.24 18.08 7.67
N GLU C 7 -16.06 17.95 6.36
CA GLU C 7 -17.08 17.32 5.53
C GLU C 7 -17.04 15.81 5.75
N VAL C 8 -18.23 15.20 5.87
CA VAL C 8 -18.39 13.74 5.75
C VAL C 8 -17.83 13.27 4.37
N PHE C 9 -16.84 12.39 4.44
CA PHE C 9 -16.18 11.85 3.30
C PHE C 9 -17.16 11.00 2.50
N PRO C 10 -17.16 11.08 1.16
CA PRO C 10 -18.00 10.21 0.34
C PRO C 10 -17.99 8.74 0.75
N ASN C 11 -19.15 8.15 0.81
CA ASN C 11 -19.28 6.73 1.09
C ASN C 11 -19.29 6.01 -0.25
N PHE C 12 -18.14 6.03 -0.95
CA PHE C 12 -18.03 5.53 -2.33
C PHE C 12 -17.95 4.01 -2.40
N GLU C 13 -18.39 3.45 -3.53
CA GLU C 13 -18.13 2.07 -3.92
C GLU C 13 -16.94 2.02 -4.89
N ALA C 14 -16.01 1.08 -4.67
CA ALA C 14 -14.83 0.90 -5.54
C ALA C 14 -14.39 -0.55 -5.64
N ASP C 15 -13.69 -0.91 -6.71
CA ASP C 15 -12.98 -2.18 -6.73
C ASP C 15 -11.58 -1.90 -6.16
N SER C 16 -10.96 -2.96 -5.71
CA SER C 16 -9.68 -2.90 -5.06
C SER C 16 -9.09 -4.31 -5.03
N THR C 17 -7.83 -4.36 -4.63
CA THR C 17 -7.12 -5.63 -4.41
C THR C 17 -7.69 -6.61 -3.34
N ILE C 18 -8.68 -6.17 -2.56
CA ILE C 18 -9.45 -7.11 -1.68
C ILE C 18 -10.95 -7.25 -2.08
N GLY C 19 -11.28 -6.72 -3.25
CA GLY C 19 -12.61 -6.82 -3.86
C GLY C 19 -13.40 -5.52 -3.72
N LYS C 20 -14.67 -5.63 -4.05
CA LYS C 20 -15.57 -4.49 -3.89
C LYS C 20 -15.73 -4.07 -2.42
N LEU C 21 -15.77 -2.76 -2.21
CA LEU C 21 -15.93 -2.22 -0.87
C LEU C 21 -16.75 -0.94 -0.88
N LYS C 22 -17.47 -0.69 0.23
CA LYS C 22 -18.12 0.60 0.42
C LYS C 22 -17.37 1.31 1.50
N PHE C 23 -16.94 2.53 1.22
CA PHE C 23 -15.90 3.10 2.04
C PHE C 23 -16.27 3.18 3.53
N HIS C 24 -17.46 3.67 3.84
CA HIS C 24 -17.82 3.87 5.24
C HIS C 24 -17.89 2.53 5.99
N ASP C 25 -18.41 1.51 5.29
CA ASP C 25 -18.48 0.14 5.81
C ASP C 25 -17.06 -0.42 6.03
N TRP C 26 -16.13 -0.18 5.09
CA TRP C 26 -14.79 -0.71 5.16
C TRP C 26 -13.98 -0.11 6.32
N LEU C 27 -14.04 1.23 6.43
CA LEU C 27 -13.42 1.98 7.54
C LEU C 27 -14.01 1.64 8.92
N GLY C 28 -15.34 1.58 9.00
CA GLY C 28 -16.05 1.47 10.29
C GLY C 28 -15.76 2.62 11.25
N ASN C 29 -15.87 2.31 12.54
CA ASN C 29 -15.60 3.28 13.58
C ASN C 29 -14.10 3.15 13.84
N SER C 30 -13.30 3.90 13.06
CA SER C 30 -11.88 3.78 13.04
C SER C 30 -11.30 4.93 12.21
N TRP C 31 -10.10 5.35 12.58
CA TRP C 31 -9.34 6.35 11.86
C TRP C 31 -8.86 5.69 10.60
N GLY C 32 -8.69 6.45 9.53
CA GLY C 32 -8.20 5.90 8.28
C GLY C 32 -7.34 6.92 7.55
N VAL C 33 -6.47 6.39 6.69
CA VAL C 33 -5.62 7.20 5.77
C VAL C 33 -5.79 6.63 4.40
N LEU C 34 -6.49 7.39 3.54
CA LEU C 34 -6.55 7.14 2.09
C LEU C 34 -5.49 7.98 1.41
N PHE C 35 -4.70 7.35 0.56
CA PHE C 35 -3.60 8.02 -0.08
C PHE C 35 -3.48 7.53 -1.49
N SER C 36 -3.21 8.47 -2.40
CA SER C 36 -3.23 8.23 -3.86
C SER C 36 -1.84 8.24 -4.46
N HIS C 37 -1.71 7.64 -5.63
CA HIS C 37 -0.50 7.76 -6.40
C HIS C 37 -0.84 7.81 -7.88
N PRO C 38 0.04 8.40 -8.70
CA PRO C 38 -0.29 8.65 -10.09
C PRO C 38 -0.54 7.38 -10.89
N ARG C 39 0.38 6.44 -10.76
CA ARG C 39 0.39 5.26 -11.61
C ARG C 39 1.29 4.16 -11.04
N ASP C 40 0.85 2.92 -11.24
CA ASP C 40 1.62 1.76 -10.85
C ASP C 40 2.83 1.64 -11.72
N PHE C 41 3.83 0.90 -11.26
CA PHE C 41 5.08 0.73 -11.99
C PHE C 41 5.79 2.05 -12.26
N THR C 42 5.78 2.96 -11.29
CA THR C 42 6.52 4.22 -11.40
C THR C 42 7.41 4.29 -10.16
N PRO C 43 8.61 4.89 -10.32
CA PRO C 43 9.68 4.77 -9.28
C PRO C 43 9.37 5.40 -7.94
N VAL C 44 9.07 6.71 -7.91
CA VAL C 44 8.74 7.35 -6.63
C VAL C 44 7.52 6.71 -5.98
N SER C 45 6.55 6.22 -6.77
CA SER C 45 5.35 5.53 -6.21
C SER C 45 5.76 4.28 -5.47
N THR C 46 6.78 3.61 -5.97
CA THR C 46 7.24 2.34 -5.39
C THR C 46 8.00 2.64 -4.11
N THR C 47 8.74 3.75 -4.07
CA THR C 47 9.47 4.10 -2.85
C THR C 47 8.48 4.40 -1.77
N GLU C 48 7.31 4.88 -2.17
CA GLU C 48 6.30 5.40 -1.27
C GLU C 48 5.47 4.30 -0.65
N LEU C 49 4.79 3.51 -1.49
CA LEU C 49 4.07 2.34 -1.01
C LEU C 49 5.00 1.30 -0.30
N GLY C 50 6.25 1.22 -0.74
CA GLY C 50 7.30 0.47 -0.02
C GLY C 50 7.55 0.96 1.39
N ARG C 51 7.63 2.28 1.56
CA ARG C 51 7.85 2.84 2.88
C ARG C 51 6.63 2.60 3.75
N VAL C 52 5.43 2.65 3.14
CA VAL C 52 4.20 2.45 3.88
C VAL C 52 4.23 1.02 4.38
N ILE C 53 4.56 0.03 3.56
CA ILE C 53 4.78 -1.31 4.07
C ILE C 53 5.74 -1.30 5.28
N GLN C 54 6.87 -0.61 5.17
CA GLN C 54 7.83 -0.53 6.28
C GLN C 54 7.26 0.05 7.57
N LEU C 55 6.28 0.94 7.41
CA LEU C 55 5.71 1.70 8.50
C LEU C 55 4.34 1.18 8.90
N GLU C 56 3.97 0.00 8.45
CA GLU C 56 2.59 -0.41 8.53
C GLU C 56 2.12 -0.65 9.98
N GLY C 57 3.04 -1.11 10.83
CA GLY C 57 2.76 -1.37 12.23
C GLY C 57 2.59 -0.05 12.98
N ASP C 58 3.35 0.96 12.57
CA ASP C 58 3.19 2.26 13.17
C ASP C 58 1.81 2.85 12.94
N PHE C 59 1.26 2.66 11.74
CA PHE C 59 -0.08 3.09 11.45
C PHE C 59 -1.09 2.20 12.21
N LYS C 60 -0.96 0.90 12.09
CA LYS C 60 -1.93 -0.01 12.60
C LYS C 60 -2.04 -0.02 14.11
N LYS C 61 -0.91 0.13 14.74
CA LYS C 61 -0.84 0.36 16.20
C LYS C 61 -1.48 1.63 16.72
N ARG C 62 -1.54 2.66 15.88
CA ARG C 62 -2.36 3.86 16.15
C ARG C 62 -3.83 3.63 15.81
N GLY C 63 -4.16 2.38 15.45
CA GLY C 63 -5.50 2.02 15.02
C GLY C 63 -5.95 2.61 13.70
N VAL C 64 -4.98 2.92 12.84
CA VAL C 64 -5.26 3.60 11.59
C VAL C 64 -5.30 2.57 10.48
N LYS C 65 -6.41 2.60 9.74
CA LYS C 65 -6.59 1.79 8.54
C LYS C 65 -6.04 2.50 7.30
N LEU C 66 -5.09 1.85 6.62
CA LEU C 66 -4.50 2.44 5.42
C LEU C 66 -5.14 1.92 4.15
N ILE C 67 -5.38 2.81 3.18
CA ILE C 67 -5.89 2.37 1.87
C ILE C 67 -5.23 3.19 0.78
N ALA C 68 -4.64 2.49 -0.20
CA ALA C 68 -4.05 3.15 -1.37
C ALA C 68 -5.09 3.34 -2.51
N LEU C 69 -4.77 4.23 -3.44
CA LEU C 69 -5.58 4.46 -4.62
C LEU C 69 -4.77 4.95 -5.84
N SER C 70 -5.07 4.37 -7.02
CA SER C 70 -4.69 4.95 -8.32
C SER C 70 -5.77 4.58 -9.32
N CYS C 71 -5.64 5.12 -10.52
CA CYS C 71 -6.56 4.88 -11.60
C CYS C 71 -6.30 3.62 -12.44
N ASP C 72 -5.28 2.84 -12.07
CA ASP C 72 -5.00 1.56 -12.71
C ASP C 72 -5.93 0.47 -12.17
N ASN C 73 -5.90 -0.68 -12.85
CA ASN C 73 -6.70 -1.87 -12.49
C ASN C 73 -6.06 -2.80 -11.45
N VAL C 74 -6.93 -3.52 -10.74
CA VAL C 74 -6.57 -4.55 -9.77
C VAL C 74 -5.46 -5.49 -10.29
N ALA C 75 -5.52 -5.86 -11.56
CA ALA C 75 -4.49 -6.70 -12.18
C ALA C 75 -3.10 -6.09 -11.97
N ASP C 76 -2.92 -4.85 -12.46
CA ASP C 76 -1.68 -4.09 -12.32
C ASP C 76 -1.24 -3.84 -10.87
N HIS C 77 -2.22 -3.58 -10.00
CA HIS C 77 -1.99 -3.43 -8.57
C HIS C 77 -1.33 -4.63 -7.94
N LYS C 78 -1.93 -5.79 -8.12
CA LYS C 78 -1.39 -7.08 -7.66
C LYS C 78 -0.03 -7.45 -8.22
N GLU C 79 0.21 -7.11 -9.48
CA GLU C 79 1.47 -7.39 -10.16
C GLU C 79 2.60 -6.47 -9.64
N TRP C 80 2.36 -5.16 -9.72
CA TRP C 80 3.26 -4.14 -9.18
C TRP C 80 3.49 -4.25 -7.70
N SER C 81 2.48 -4.70 -6.96
CA SER C 81 2.61 -4.93 -5.51
C SER C 81 3.81 -5.81 -5.16
N GLU C 82 4.21 -6.69 -6.07
CA GLU C 82 5.36 -7.53 -5.82
C GLU C 82 6.68 -6.75 -5.94
N ASP C 83 6.74 -5.74 -6.82
CA ASP C 83 7.93 -4.83 -6.84
C ASP C 83 7.99 -3.98 -5.59
N VAL C 84 6.82 -3.64 -5.06
CA VAL C 84 6.70 -2.77 -3.87
C VAL C 84 7.19 -3.51 -2.62
N LYS C 85 6.78 -4.76 -2.50
CA LYS C 85 7.22 -5.64 -1.43
C LYS C 85 8.74 -5.80 -1.48
N CYS C 86 9.23 -6.10 -2.67
CA CYS C 86 10.66 -6.30 -2.85
C CYS C 86 11.45 -5.03 -2.46
N LEU C 87 11.03 -3.88 -2.94
CA LEU C 87 11.67 -2.64 -2.47
C LEU C 87 11.61 -2.45 -0.93
N SER C 88 10.44 -2.61 -0.31
CA SER C 88 10.35 -2.53 1.19
C SER C 88 11.36 -3.44 1.97
N GLY C 89 11.61 -4.64 1.45
CA GLY C 89 12.39 -5.64 2.18
C GLY C 89 11.66 -6.49 3.20
N VAL C 90 10.32 -6.32 3.30
CA VAL C 90 9.44 -7.02 4.23
C VAL C 90 8.64 -8.08 3.43
N LYS C 91 8.74 -9.34 3.85
CA LYS C 91 8.07 -10.45 3.13
C LYS C 91 6.62 -10.52 3.64
N GLY C 92 5.74 -11.09 2.80
CA GLY C 92 4.35 -11.40 3.18
C GLY C 92 3.30 -10.60 2.44
N ASP C 93 2.04 -10.96 2.66
CA ASP C 93 0.92 -10.31 1.98
C ASP C 93 0.89 -8.80 2.23
N MET C 94 0.37 -8.07 1.25
CA MET C 94 0.23 -6.63 1.36
C MET C 94 -0.57 -6.29 2.57
N PRO C 95 -0.05 -5.36 3.40
CA PRO C 95 -0.75 -5.01 4.60
C PRO C 95 -1.87 -3.98 4.36
N TYR C 96 -2.13 -3.60 3.13
CA TYR C 96 -3.25 -2.70 2.88
C TYR C 96 -3.82 -2.92 1.48
N PRO C 97 -5.13 -2.60 1.29
CA PRO C 97 -5.78 -2.67 -0.05
C PRO C 97 -5.32 -1.50 -0.93
N ILE C 98 -5.50 -1.65 -2.25
CA ILE C 98 -5.34 -0.58 -3.26
C ILE C 98 -6.66 -0.46 -4.12
N ILE C 99 -7.31 0.70 -4.07
CA ILE C 99 -8.50 1.01 -4.88
C ILE C 99 -8.14 1.27 -6.35
N ALA C 100 -8.90 0.67 -7.26
CA ALA C 100 -8.85 0.98 -8.71
C ALA C 100 -9.91 2.04 -9.08
N ASP C 101 -9.45 3.25 -9.38
CA ASP C 101 -10.35 4.36 -9.73
C ASP C 101 -10.34 4.54 -11.25
N GLU C 102 -10.79 3.52 -11.94
CA GLU C 102 -10.61 3.45 -13.40
C GLU C 102 -11.50 4.43 -14.14
N THR C 103 -12.66 4.71 -13.59
CA THR C 103 -13.61 5.70 -14.13
C THR C 103 -13.24 7.16 -13.79
N ARG C 104 -12.22 7.34 -12.93
CA ARG C 104 -11.75 8.66 -12.47
C ARG C 104 -12.72 9.48 -11.64
N GLU C 105 -13.74 8.83 -11.04
CA GLU C 105 -14.80 9.57 -10.31
C GLU C 105 -14.23 10.05 -8.99
N LEU C 106 -13.44 9.21 -8.36
CA LEU C 106 -12.82 9.64 -7.07
C LEU C 106 -11.74 10.70 -7.28
N ALA C 107 -10.91 10.54 -8.31
CA ALA C 107 -9.88 11.52 -8.68
C ALA C 107 -10.48 12.88 -8.82
N VAL C 108 -11.63 12.94 -9.47
CA VAL C 108 -12.30 14.20 -9.72
C VAL C 108 -13.06 14.73 -8.48
N LYS C 109 -13.88 13.85 -7.88
CA LYS C 109 -14.62 14.13 -6.64
C LYS C 109 -13.69 14.65 -5.57
N LEU C 110 -12.60 13.94 -5.35
CA LEU C 110 -11.69 14.31 -4.27
C LEU C 110 -10.71 15.43 -4.59
N GLY C 111 -10.80 16.01 -5.79
CA GLY C 111 -9.94 17.15 -6.14
C GLY C 111 -8.44 16.81 -6.15
N MET C 112 -8.11 15.57 -6.52
CA MET C 112 -6.76 15.05 -6.53
C MET C 112 -6.23 14.66 -7.90
N VAL C 113 -6.67 15.38 -8.94
CA VAL C 113 -6.17 15.21 -10.32
C VAL C 113 -4.77 15.90 -10.41
N ASP C 114 -3.84 15.17 -11.04
CA ASP C 114 -2.53 15.72 -11.30
C ASP C 114 -2.60 16.72 -12.44
N PRO C 115 -1.94 17.87 -12.25
CA PRO C 115 -1.93 18.94 -13.24
C PRO C 115 -1.14 18.60 -14.49
N ASP C 116 -0.16 17.71 -14.38
CA ASP C 116 0.82 17.48 -15.47
C ASP C 116 0.75 16.07 -16.08
N GLU C 117 0.38 15.08 -15.28
CA GLU C 117 0.46 13.68 -15.65
C GLU C 117 -0.85 13.08 -16.17
N ARG C 118 -0.74 12.51 -17.36
CA ARG C 118 -1.86 11.92 -18.06
C ARG C 118 -1.50 10.56 -18.61
N THR C 119 -2.50 9.76 -18.95
CA THR C 119 -2.27 8.51 -19.68
C THR C 119 -1.87 8.77 -21.14
N SER C 120 -1.47 7.71 -21.83
CA SER C 120 -1.10 7.79 -23.23
C SER C 120 -2.21 8.35 -24.14
N THR C 121 -3.47 8.07 -23.80
CA THR C 121 -4.62 8.60 -24.54
C THR C 121 -5.21 9.90 -23.94
N GLY C 122 -4.46 10.54 -23.03
CA GLY C 122 -4.76 11.89 -22.55
C GLY C 122 -5.58 11.93 -21.28
N MET C 123 -5.76 10.74 -20.69
CA MET C 123 -6.70 10.51 -19.59
C MET C 123 -6.12 10.97 -18.26
N PRO C 124 -6.95 11.57 -17.39
CA PRO C 124 -6.45 12.12 -16.12
C PRO C 124 -5.93 11.08 -15.11
N LEU C 125 -4.89 11.44 -14.34
CA LEU C 125 -4.37 10.61 -13.28
C LEU C 125 -4.44 11.35 -11.95
N THR C 126 -4.41 10.60 -10.83
CA THR C 126 -4.34 11.21 -9.50
C THR C 126 -2.92 11.78 -9.27
N CYS C 127 -2.83 12.74 -8.34
CA CYS C 127 -1.57 13.23 -7.75
C CYS C 127 -1.28 12.36 -6.55
N ARG C 128 -0.48 12.91 -5.62
CA ARG C 128 -0.07 12.24 -4.37
C ARG C 128 -0.86 12.85 -3.20
N ALA C 129 -2.09 12.37 -3.03
CA ALA C 129 -3.02 12.95 -2.07
C ALA C 129 -3.06 12.08 -0.83
N VAL C 130 -3.24 12.75 0.32
CA VAL C 130 -3.54 12.13 1.59
C VAL C 130 -4.75 12.82 2.23
N PHE C 131 -5.68 11.98 2.68
CA PHE C 131 -6.87 12.36 3.40
C PHE C 131 -6.84 11.62 4.71
N ILE C 132 -6.87 12.34 5.84
CA ILE C 132 -7.05 11.69 7.13
C ILE C 132 -8.45 11.83 7.62
N ILE C 133 -9.04 10.64 7.82
CA ILE C 133 -10.49 10.49 8.08
C ILE C 133 -10.64 9.90 9.43
N GLY C 134 -11.53 10.49 10.21
CA GLY C 134 -11.77 10.14 11.60
C GLY C 134 -12.86 9.10 11.68
N PRO C 135 -13.02 8.54 12.90
CA PRO C 135 -14.08 7.53 13.17
C PRO C 135 -15.51 8.07 12.89
N ASP C 136 -15.68 9.39 12.83
CA ASP C 136 -16.98 10.04 12.51
C ASP C 136 -17.17 10.27 11.00
N LYS C 137 -16.21 9.78 10.20
CA LYS C 137 -16.23 9.81 8.74
C LYS C 137 -15.87 11.14 8.14
N LYS C 138 -15.49 12.08 8.99
CA LYS C 138 -15.17 13.43 8.59
C LYS C 138 -13.70 13.58 8.27
N LEU C 139 -13.40 14.34 7.22
CA LEU C 139 -12.04 14.72 6.88
C LEU C 139 -11.42 15.68 7.89
N LYS C 140 -10.24 15.30 8.41
CA LYS C 140 -9.55 16.02 9.50
C LYS C 140 -8.34 16.76 9.03
N LEU C 141 -7.74 16.23 7.98
CA LEU C 141 -6.48 16.73 7.44
C LEU C 141 -6.32 16.28 5.99
N SER C 142 -5.77 17.15 5.15
CA SER C 142 -5.41 16.73 3.77
C SER C 142 -4.16 17.41 3.23
N ILE C 143 -3.48 16.65 2.38
CA ILE C 143 -2.31 17.13 1.65
C ILE C 143 -2.48 16.77 0.18
N LEU C 144 -1.97 17.64 -0.67
CA LEU C 144 -2.03 17.50 -2.12
C LEU C 144 -0.65 17.77 -2.70
N TYR C 145 0.12 16.70 -2.84
CA TYR C 145 1.45 16.81 -3.44
C TYR C 145 1.34 16.38 -4.90
N PRO C 146 2.17 16.96 -5.79
CA PRO C 146 2.18 16.58 -7.20
C PRO C 146 3.03 15.33 -7.47
N ALA C 147 2.80 14.66 -8.61
CA ALA C 147 3.61 13.51 -9.08
C ALA C 147 5.12 13.65 -8.90
N THR C 148 5.66 14.86 -9.03
CA THR C 148 7.10 15.08 -8.94
C THR C 148 7.71 14.96 -7.50
N THR C 149 6.88 15.00 -6.47
CA THR C 149 7.35 15.19 -5.13
C THR C 149 6.76 14.15 -4.20
N GLY C 150 7.53 13.06 -3.97
CA GLY C 150 7.30 12.12 -2.89
C GLY C 150 7.00 12.69 -1.50
N ARG C 151 6.17 11.98 -0.74
CA ARG C 151 5.67 12.46 0.53
C ARG C 151 6.62 12.12 1.70
N ASN C 152 6.39 12.78 2.83
CA ASN C 152 7.10 12.63 4.10
C ASN C 152 6.10 11.88 4.96
N PHE C 153 6.33 10.59 5.15
CA PHE C 153 5.43 9.71 5.90
C PHE C 153 5.61 9.79 7.41
N SER C 154 6.77 10.28 7.86
CA SER C 154 6.97 10.70 9.26
C SER C 154 6.03 11.81 9.66
N GLU C 155 5.86 12.78 8.74
CA GLU C 155 4.96 13.91 8.95
C GLU C 155 3.54 13.49 9.06
N ILE C 156 3.16 12.52 8.26
CA ILE C 156 1.85 11.93 8.33
C ILE C 156 1.57 11.26 9.70
N LEU C 157 2.53 10.51 10.22
CA LEU C 157 2.38 9.83 11.56
C LEU C 157 2.38 10.88 12.69
N ARG C 158 3.15 11.96 12.52
CA ARG C 158 3.13 13.12 13.43
C ARG C 158 1.77 13.78 13.55
N VAL C 159 1.13 14.11 12.43
CA VAL C 159 -0.22 14.74 12.44
C VAL C 159 -1.36 13.82 12.93
N ILE C 160 -1.23 12.51 12.65
CA ILE C 160 -2.09 11.51 13.23
C ILE C 160 -2.05 11.54 14.74
N ASP C 161 -0.86 11.65 15.28
CA ASP C 161 -0.66 11.79 16.74
C ASP C 161 -1.32 13.04 17.29
N SER C 162 -1.22 14.13 16.56
CA SER C 162 -1.79 15.39 17.01
C SER C 162 -3.33 15.34 16.94
N LEU C 163 -3.85 14.76 15.86
CA LEU C 163 -5.29 14.71 15.60
C LEU C 163 -5.97 13.86 16.64
N GLN C 164 -5.36 12.68 16.92
CA GLN C 164 -5.85 11.75 17.94
C GLN C 164 -5.86 12.36 19.36
N LEU C 165 -4.77 12.98 19.82
CA LEU C 165 -4.74 13.73 21.09
C LEU C 165 -5.75 14.85 21.19
N THR C 166 -5.83 15.65 20.14
CA THR C 166 -6.63 16.90 20.19
C THR C 166 -8.12 16.61 20.17
N ALA C 167 -8.48 15.39 19.73
CA ALA C 167 -9.88 14.86 19.72
C ALA C 167 -10.33 14.56 21.10
N GLN C 168 -9.36 14.25 21.94
CA GLN C 168 -9.61 13.80 23.28
C GLN C 168 -9.49 14.91 24.34
N LYS C 169 -8.57 15.85 24.14
CA LYS C 169 -8.21 16.84 25.15
C LYS C 169 -8.37 18.24 24.54
N LYS C 170 -8.56 19.25 25.38
CA LYS C 170 -8.75 20.62 24.88
C LYS C 170 -7.43 21.40 24.71
N VAL C 171 -6.56 20.84 23.86
CA VAL C 171 -5.26 21.37 23.60
C VAL C 171 -5.13 21.46 22.11
N ALA C 172 -4.03 22.05 21.65
CA ALA C 172 -3.70 22.22 20.23
C ALA C 172 -2.24 22.06 20.20
N THR C 173 -1.72 21.42 19.16
CA THR C 173 -0.30 21.07 19.14
C THR C 173 0.37 22.16 18.35
N PRO C 174 1.48 22.69 18.88
CA PRO C 174 2.13 23.87 18.29
C PRO C 174 3.05 23.51 17.12
N ALA C 175 3.57 24.53 16.44
CA ALA C 175 4.58 24.32 15.40
C ALA C 175 5.61 23.23 15.76
N ASP C 176 5.76 22.28 14.84
CA ASP C 176 6.76 21.23 14.92
C ASP C 176 6.60 20.32 16.15
N TRP C 177 5.43 20.29 16.78
CA TRP C 177 5.24 19.45 17.94
C TRP C 177 5.44 17.97 17.63
N GLN C 178 6.22 17.29 18.48
CA GLN C 178 6.31 15.82 18.56
C GLN C 178 5.70 15.32 19.85
N PRO C 179 5.14 14.09 19.85
CA PRO C 179 4.54 13.52 21.06
C PRO C 179 5.39 13.70 22.33
N GLY C 180 4.76 14.30 23.34
CA GLY C 180 5.46 14.62 24.59
C GLY C 180 6.26 15.91 24.60
N ASP C 181 6.12 16.74 23.58
CA ASP C 181 6.45 18.15 23.67
C ASP C 181 5.20 18.82 24.26
N ARG C 182 5.40 19.86 25.03
CA ARG C 182 4.32 20.59 25.58
C ARG C 182 3.24 20.97 24.52
N CYS C 183 2.01 21.13 24.98
CA CYS C 183 0.88 21.56 24.14
C CYS C 183 0.35 22.93 24.52
N MET C 184 -0.50 23.51 23.68
CA MET C 184 -1.11 24.79 23.94
C MET C 184 -2.52 24.53 24.37
N VAL C 185 -2.95 25.18 25.45
CA VAL C 185 -4.32 25.14 25.90
C VAL C 185 -5.20 26.01 24.96
N VAL C 186 -6.32 25.46 24.48
CA VAL C 186 -7.07 26.17 23.43
C VAL C 186 -7.75 27.47 24.00
N PRO C 187 -7.86 28.54 23.18
CA PRO C 187 -8.51 29.79 23.67
C PRO C 187 -9.90 29.59 24.30
N GLY C 188 -10.64 28.59 23.83
CA GLY C 188 -12.00 28.38 24.29
C GLY C 188 -12.20 27.92 25.73
N VAL C 189 -11.10 27.51 26.38
CA VAL C 189 -11.12 27.10 27.78
C VAL C 189 -10.99 28.35 28.67
N SER C 190 -12.03 28.60 29.48
CA SER C 190 -12.01 29.75 30.43
C SER C 190 -10.97 29.53 31.54
N ALA C 191 -10.70 30.58 32.30
CA ALA C 191 -9.70 30.55 33.36
C ALA C 191 -10.11 29.56 34.44
N GLU C 192 -11.40 29.50 34.70
CA GLU C 192 -11.95 28.67 35.76
C GLU C 192 -12.03 27.21 35.35
N GLU C 193 -12.23 26.96 34.06
CA GLU C 193 -12.23 25.58 33.54
C GLU C 193 -10.79 25.03 33.55
N ALA C 194 -9.86 25.86 33.10
CA ALA C 194 -8.42 25.56 33.19
C ALA C 194 -7.94 25.40 34.65
N LYS C 195 -8.60 26.05 35.60
CA LYS C 195 -8.27 25.83 37.01
C LYS C 195 -8.39 24.32 37.36
N THR C 196 -9.26 23.60 36.64
CA THR C 196 -9.53 22.17 36.86
C THR C 196 -8.88 21.26 35.83
N LEU C 197 -9.06 21.58 34.54
CA LEU C 197 -8.58 20.72 33.45
C LEU C 197 -7.04 20.71 33.37
N PHE C 198 -6.44 21.88 33.63
CA PHE C 198 -5.01 22.14 33.51
C PHE C 198 -4.49 22.81 34.80
N PRO C 199 -4.35 22.03 35.88
CA PRO C 199 -3.92 22.56 37.19
C PRO C 199 -2.56 23.24 37.14
N ASN C 200 -1.70 22.79 36.22
CA ASN C 200 -0.31 23.19 36.21
C ASN C 200 0.01 23.86 34.92
N MET C 201 -1.00 24.52 34.37
CA MET C 201 -0.86 25.40 33.22
C MET C 201 0.08 26.58 33.57
N GLU C 202 0.83 26.93 32.54
CA GLU C 202 1.83 27.95 32.53
C GLU C 202 1.29 29.00 31.53
N VAL C 203 1.34 30.28 31.91
CA VAL C 203 0.91 31.38 31.07
C VAL C 203 2.09 32.31 30.80
N LYS C 204 2.33 32.61 29.52
CA LYS C 204 3.46 33.44 29.10
C LYS C 204 2.97 34.83 28.64
N ALA C 205 3.40 35.87 29.39
CA ALA C 205 3.04 37.28 29.16
C ALA C 205 3.60 37.87 27.88
N VAL C 206 2.82 38.75 27.26
CA VAL C 206 3.07 39.23 25.91
C VAL C 206 2.79 40.74 25.86
N PRO C 207 3.49 41.48 24.97
CA PRO C 207 3.23 42.92 24.95
C PRO C 207 1.74 43.29 24.99
N SER C 208 0.92 42.64 24.16
CA SER C 208 -0.54 42.94 24.10
C SER C 208 -1.32 42.86 25.43
N GLY C 209 -0.74 42.25 26.46
CA GLY C 209 -1.37 42.21 27.78
C GLY C 209 -2.41 41.13 27.88
N LYS C 210 -2.64 40.44 26.77
CA LYS C 210 -3.67 39.41 26.65
C LYS C 210 -3.15 38.12 27.21
N GLY C 211 -4.00 37.12 27.30
CA GLY C 211 -3.61 35.91 28.03
C GLY C 211 -3.56 34.62 27.24
N TYR C 212 -3.38 34.70 25.93
CA TYR C 212 -3.58 33.53 25.03
C TYR C 212 -2.52 32.47 25.01
N LEU C 213 -1.31 32.80 25.46
CA LEU C 213 -0.14 31.93 25.32
C LEU C 213 -0.07 31.07 26.56
N ARG C 214 -0.85 29.99 26.51
CA ARG C 214 -1.10 29.12 27.64
C ARG C 214 -0.65 27.73 27.27
N TYR C 215 0.36 27.27 28.02
CA TYR C 215 1.06 26.04 27.82
C TYR C 215 0.62 25.05 28.85
N THR C 216 0.74 23.80 28.46
CA THR C 216 0.66 22.67 29.32
C THR C 216 2.10 22.39 29.89
N PRO C 217 2.23 21.67 31.02
CA PRO C 217 3.60 21.42 31.57
C PRO C 217 4.59 20.70 30.63
N GLY D 2 -13.18 25.73 -3.70
CA GLY D 2 -11.79 25.19 -3.66
C GLY D 2 -10.90 25.46 -4.87
N ILE D 3 -9.68 24.94 -4.79
CA ILE D 3 -8.68 25.08 -5.83
C ILE D 3 -7.80 23.83 -5.98
N THR D 4 -7.68 23.32 -7.20
CA THR D 4 -6.96 22.08 -7.48
C THR D 4 -5.54 22.34 -8.02
N LEU D 5 -4.71 21.32 -8.04
CA LEU D 5 -3.33 21.51 -8.44
C LEU D 5 -3.31 21.91 -9.91
N GLY D 6 -2.46 22.88 -10.25
CA GLY D 6 -2.30 23.29 -11.64
C GLY D 6 -3.20 24.41 -12.08
N GLU D 7 -4.22 24.76 -11.30
CA GLU D 7 -5.02 25.95 -11.57
C GLU D 7 -4.21 27.19 -11.36
N VAL D 8 -4.45 28.20 -12.21
CA VAL D 8 -3.96 29.54 -11.95
C VAL D 8 -4.57 30.07 -10.62
N PHE D 9 -3.72 30.38 -9.66
CA PHE D 9 -4.19 30.92 -8.40
C PHE D 9 -4.94 32.19 -8.67
N PRO D 10 -6.01 32.48 -7.90
CA PRO D 10 -6.74 33.73 -8.16
C PRO D 10 -5.88 34.96 -8.02
N ASN D 11 -6.13 35.96 -8.86
CA ASN D 11 -5.45 37.25 -8.81
C ASN D 11 -6.25 38.22 -7.96
N PHE D 12 -6.40 37.87 -6.70
CA PHE D 12 -7.22 38.62 -5.78
C PHE D 12 -6.63 39.95 -5.33
N GLU D 13 -7.51 40.84 -4.92
CA GLU D 13 -7.18 42.14 -4.32
C GLU D 13 -7.55 42.07 -2.87
N ALA D 14 -6.57 42.20 -2.00
CA ALA D 14 -6.82 42.11 -0.57
C ALA D 14 -6.22 43.31 0.11
N ASP D 15 -6.71 43.60 1.29
CA ASP D 15 -6.07 44.50 2.24
C ASP D 15 -5.08 43.70 3.11
N SER D 16 -4.06 44.39 3.61
CA SER D 16 -2.94 43.74 4.33
C SER D 16 -2.06 44.74 5.13
N THR D 17 -1.12 44.18 5.89
CA THR D 17 -0.17 44.92 6.71
C THR D 17 0.85 45.73 5.88
N ILE D 18 0.84 45.55 4.55
CA ILE D 18 1.58 46.48 3.65
C ILE D 18 0.64 47.33 2.76
N GLY D 19 -0.62 47.49 3.17
CA GLY D 19 -1.64 48.14 2.33
C GLY D 19 -2.30 47.18 1.34
N LYS D 20 -3.23 47.70 0.55
CA LYS D 20 -3.89 46.88 -0.50
C LYS D 20 -2.88 46.23 -1.46
N LEU D 21 -3.16 44.97 -1.83
CA LEU D 21 -2.38 44.31 -2.86
C LEU D 21 -3.22 43.53 -3.82
N LYS D 22 -2.74 43.45 -5.06
CA LYS D 22 -3.29 42.56 -6.06
C LYS D 22 -2.32 41.40 -6.16
N PHE D 23 -2.81 40.18 -6.04
CA PHE D 23 -1.95 39.06 -5.74
C PHE D 23 -0.83 38.76 -6.73
N HIS D 24 -1.14 38.68 -8.01
CA HIS D 24 -0.14 38.32 -9.01
C HIS D 24 0.90 39.42 -9.20
N ASP D 25 0.47 40.67 -9.03
CA ASP D 25 1.40 41.82 -9.01
C ASP D 25 2.40 41.67 -7.85
N TRP D 26 1.90 41.47 -6.64
CA TRP D 26 2.74 41.31 -5.46
C TRP D 26 3.76 40.16 -5.61
N LEU D 27 3.27 39.04 -6.12
CA LEU D 27 4.07 37.83 -6.33
C LEU D 27 5.15 38.02 -7.40
N GLY D 28 4.83 38.78 -8.44
CA GLY D 28 5.80 39.03 -9.53
C GLY D 28 6.25 37.72 -10.16
N ASN D 29 7.54 37.65 -10.51
CA ASN D 29 8.16 36.50 -11.19
C ASN D 29 8.62 35.37 -10.26
N SER D 30 8.11 35.35 -9.04
CA SER D 30 8.70 34.61 -7.94
C SER D 30 7.86 33.40 -7.53
N TRP D 31 8.47 32.46 -6.80
CA TRP D 31 7.73 31.43 -6.08
C TRP D 31 7.10 32.08 -4.87
N GLY D 32 5.93 31.57 -4.47
CA GLY D 32 5.17 32.08 -3.36
C GLY D 32 4.74 30.97 -2.44
N VAL D 33 4.67 31.28 -1.16
CA VAL D 33 3.97 30.44 -0.17
C VAL D 33 2.97 31.31 0.55
N LEU D 34 1.70 31.01 0.35
CA LEU D 34 0.58 31.64 1.07
C LEU D 34 0.20 30.68 2.17
N PHE D 35 0.19 31.14 3.43
CA PHE D 35 -0.24 30.32 4.58
C PHE D 35 -1.30 31.03 5.45
N SER D 36 -2.34 30.31 5.88
CA SER D 36 -3.40 30.92 6.75
C SER D 36 -3.39 30.44 8.19
N HIS D 37 -4.00 31.19 9.08
CA HIS D 37 -4.14 30.73 10.46
C HIS D 37 -5.51 31.19 10.95
N PRO D 38 -6.09 30.48 11.91
CA PRO D 38 -7.45 30.86 12.33
C PRO D 38 -7.69 32.28 12.83
N ARG D 39 -6.89 32.74 13.75
CA ARG D 39 -7.22 33.97 14.44
C ARG D 39 -5.93 34.54 14.98
N ASP D 40 -5.83 35.85 15.00
CA ASP D 40 -4.73 36.51 15.65
C ASP D 40 -4.89 36.35 17.16
N PHE D 41 -3.77 36.48 17.87
CA PHE D 41 -3.72 36.37 19.31
C PHE D 41 -4.18 34.98 19.79
N THR D 42 -3.80 33.96 19.03
CA THR D 42 -3.93 32.58 19.45
C THR D 42 -2.53 31.93 19.51
N PRO D 43 -2.35 30.94 20.43
CA PRO D 43 -1.04 30.38 20.80
C PRO D 43 -0.32 29.57 19.74
N VAL D 44 -0.98 28.62 19.10
CA VAL D 44 -0.30 27.83 18.08
C VAL D 44 0.11 28.70 16.91
N SER D 45 -0.75 29.69 16.59
CA SER D 45 -0.59 30.51 15.42
C SER D 45 0.62 31.37 15.60
N THR D 46 0.87 31.79 16.86
CA THR D 46 2.07 32.53 17.28
C THR D 46 3.32 31.67 17.12
N THR D 47 3.26 30.43 17.57
CA THR D 47 4.40 29.52 17.34
C THR D 47 4.74 29.32 15.86
N GLU D 48 3.75 29.23 14.99
CA GLU D 48 3.95 29.02 13.54
C GLU D 48 4.51 30.23 12.82
N LEU D 49 3.95 31.39 13.12
CA LEU D 49 4.50 32.65 12.58
C LEU D 49 5.92 32.91 13.03
N GLY D 50 6.14 32.70 14.32
CA GLY D 50 7.49 32.54 14.88
C GLY D 50 8.42 31.60 14.12
N ARG D 51 7.93 30.41 13.81
CA ARG D 51 8.78 29.49 13.08
C ARG D 51 9.07 29.96 11.66
N VAL D 52 8.13 30.57 10.99
CA VAL D 52 8.42 31.10 9.63
C VAL D 52 9.43 32.25 9.64
N ILE D 53 9.34 33.18 10.60
CA ILE D 53 10.39 34.16 10.82
C ILE D 53 11.77 33.50 10.99
N GLN D 54 11.85 32.45 11.81
CA GLN D 54 13.14 31.77 12.00
C GLN D 54 13.67 31.30 10.66
N LEU D 55 12.79 30.77 9.83
CA LEU D 55 13.20 30.24 8.55
C LEU D 55 13.15 31.24 7.40
N GLU D 56 13.10 32.56 7.67
CA GLU D 56 12.79 33.47 6.57
C GLU D 56 14.00 33.68 5.60
N GLY D 57 15.21 33.45 6.11
CA GLY D 57 16.41 33.41 5.30
C GLY D 57 16.55 32.15 4.47
N ASP D 58 16.04 31.03 4.95
CA ASP D 58 15.98 29.79 4.15
C ASP D 58 15.04 29.96 2.97
N PHE D 59 13.84 30.45 3.23
CA PHE D 59 12.92 30.85 2.15
C PHE D 59 13.49 31.93 1.20
N LYS D 60 14.10 32.97 1.76
CA LYS D 60 14.79 33.99 0.96
C LYS D 60 15.93 33.40 0.12
N LYS D 61 16.75 32.50 0.65
CA LYS D 61 17.82 31.89 -0.19
C LYS D 61 17.21 31.33 -1.48
N ARG D 62 15.99 30.79 -1.37
CA ARG D 62 15.35 30.03 -2.46
C ARG D 62 14.44 30.85 -3.37
N GLY D 63 14.33 32.15 -3.09
CA GLY D 63 13.55 33.07 -3.92
C GLY D 63 12.04 32.94 -3.78
N VAL D 64 11.61 32.52 -2.60
CA VAL D 64 10.21 32.32 -2.24
C VAL D 64 9.73 33.50 -1.35
N LYS D 65 8.67 34.16 -1.85
CA LYS D 65 7.94 35.19 -1.11
C LYS D 65 6.93 34.48 -0.24
N LEU D 66 6.87 34.89 1.01
CA LEU D 66 5.98 34.35 2.02
C LEU D 66 4.96 35.41 2.34
N ILE D 67 3.70 34.99 2.55
CA ILE D 67 2.63 35.88 2.97
C ILE D 67 1.63 35.10 3.87
N ALA D 68 1.28 35.66 5.04
CA ALA D 68 0.33 35.04 5.94
C ALA D 68 -1.07 35.55 5.64
N LEU D 69 -2.09 34.85 6.18
CA LEU D 69 -3.50 35.24 6.01
C LEU D 69 -4.38 34.87 7.20
N SER D 70 -5.25 35.77 7.62
CA SER D 70 -6.47 35.34 8.34
C SER D 70 -7.65 36.28 8.07
N CYS D 71 -8.79 35.98 8.66
CA CYS D 71 -9.98 36.82 8.53
C CYS D 71 -10.04 38.04 9.50
N ASP D 72 -9.03 38.20 10.35
CA ASP D 72 -8.87 39.38 11.19
C ASP D 72 -8.60 40.67 10.40
N ASN D 73 -8.85 41.82 11.02
CA ASN D 73 -8.59 43.12 10.36
C ASN D 73 -7.10 43.55 10.46
N VAL D 74 -6.67 44.54 9.67
CA VAL D 74 -5.26 44.89 9.62
C VAL D 74 -4.73 45.36 11.00
N ALA D 75 -5.54 46.13 11.73
CA ALA D 75 -5.18 46.67 13.05
C ALA D 75 -4.81 45.61 14.05
N ASP D 76 -5.65 44.59 14.20
CA ASP D 76 -5.34 43.42 15.02
C ASP D 76 -4.09 42.70 14.52
N HIS D 77 -3.87 42.65 13.21
CA HIS D 77 -2.66 41.99 12.66
C HIS D 77 -1.44 42.76 13.08
N LYS D 78 -1.53 44.08 13.07
CA LYS D 78 -0.42 44.91 13.50
C LYS D 78 -0.20 44.75 15.02
N GLU D 79 -1.26 44.82 15.82
CA GLU D 79 -1.11 44.70 17.28
C GLU D 79 -0.49 43.35 17.66
N TRP D 80 -1.01 42.30 17.05
CA TRP D 80 -0.54 40.95 17.30
C TRP D 80 0.91 40.72 16.87
N SER D 81 1.31 41.26 15.71
CA SER D 81 2.64 41.01 15.18
C SER D 81 3.73 41.50 16.10
N GLU D 82 3.43 42.58 16.85
CA GLU D 82 4.25 43.02 17.97
C GLU D 82 4.40 41.93 19.07
N ASP D 83 3.40 41.06 19.24
CA ASP D 83 3.57 39.86 20.11
C ASP D 83 4.49 38.84 19.42
N VAL D 84 4.17 38.41 18.18
CA VAL D 84 5.06 37.48 17.42
C VAL D 84 6.50 37.99 17.36
N LYS D 85 6.70 39.28 17.07
CA LYS D 85 8.03 39.84 16.84
C LYS D 85 8.91 39.80 18.09
N CYS D 86 8.25 39.89 19.22
CA CYS D 86 8.89 39.96 20.49
C CYS D 86 9.37 38.61 20.92
N LEU D 87 8.49 37.62 20.81
CA LEU D 87 8.89 36.25 21.11
C LEU D 87 9.96 35.73 20.15
N SER D 88 9.85 36.18 18.90
CA SER D 88 10.66 35.64 17.83
C SER D 88 12.01 36.34 17.74
N GLY D 89 12.16 37.45 18.45
CA GLY D 89 13.40 38.17 18.52
C GLY D 89 13.57 39.25 17.47
N VAL D 90 12.48 39.58 16.75
CA VAL D 90 12.55 40.54 15.63
C VAL D 90 12.40 42.00 16.13
N LYS D 91 13.47 42.76 16.03
CA LYS D 91 13.41 44.15 16.20
C LYS D 91 13.61 44.73 14.84
N GLY D 92 12.52 45.18 14.24
CA GLY D 92 12.51 45.54 12.82
C GLY D 92 11.14 45.18 12.30
N ASP D 93 10.95 45.38 11.00
CA ASP D 93 9.65 45.06 10.36
C ASP D 93 9.37 43.55 10.36
N MET D 94 8.11 43.21 10.57
CA MET D 94 7.62 41.87 10.29
C MET D 94 8.13 41.54 8.89
N PRO D 95 8.89 40.44 8.76
CA PRO D 95 9.51 40.17 7.49
C PRO D 95 8.57 39.64 6.39
N TYR D 96 7.29 39.47 6.69
CA TYR D 96 6.33 39.12 5.64
C TYR D 96 5.00 39.79 5.90
N PRO D 97 4.18 39.99 4.82
CA PRO D 97 2.84 40.57 5.03
C PRO D 97 1.85 39.56 5.60
N ILE D 98 0.74 40.08 6.13
CA ILE D 98 -0.40 39.29 6.52
C ILE D 98 -1.60 39.87 5.79
N ILE D 99 -2.27 39.03 5.00
CA ILE D 99 -3.60 39.39 4.41
C ILE D 99 -4.70 39.40 5.45
N ALA D 100 -5.61 40.39 5.33
CA ALA D 100 -6.86 40.49 6.14
C ALA D 100 -8.08 40.12 5.32
N ASP D 101 -8.51 38.86 5.42
CA ASP D 101 -9.66 38.36 4.65
C ASP D 101 -11.05 38.57 5.33
N GLU D 102 -11.40 39.80 5.69
CA GLU D 102 -12.59 40.05 6.54
C GLU D 102 -13.91 39.63 5.89
N THR D 103 -14.00 39.69 4.56
CA THR D 103 -15.22 39.26 3.85
C THR D 103 -15.41 37.73 3.82
N ARG D 104 -14.38 36.95 4.18
CA ARG D 104 -14.35 35.46 4.00
C ARG D 104 -14.36 34.95 2.53
N GLU D 105 -14.19 35.85 1.56
CA GLU D 105 -14.15 35.51 0.13
C GLU D 105 -12.99 34.55 -0.16
N LEU D 106 -11.80 34.87 0.34
CA LEU D 106 -10.67 33.96 0.17
C LEU D 106 -10.90 32.68 0.93
N ALA D 107 -11.30 32.74 2.20
CA ALA D 107 -11.61 31.54 2.97
C ALA D 107 -12.52 30.57 2.17
N VAL D 108 -13.56 31.07 1.55
CA VAL D 108 -14.51 30.21 0.89
C VAL D 108 -13.95 29.68 -0.45
N LYS D 109 -13.28 30.56 -1.19
CA LYS D 109 -12.86 30.28 -2.55
C LYS D 109 -11.70 29.34 -2.54
N LEU D 110 -10.82 29.47 -1.53
CA LEU D 110 -9.68 28.55 -1.43
C LEU D 110 -9.96 27.26 -0.69
N GLY D 111 -11.18 27.05 -0.19
CA GLY D 111 -11.54 25.78 0.43
C GLY D 111 -10.95 25.55 1.81
N MET D 112 -10.70 26.64 2.54
CA MET D 112 -9.94 26.62 3.78
C MET D 112 -10.72 27.17 4.98
N VAL D 113 -12.04 27.01 5.02
CA VAL D 113 -12.77 27.37 6.20
C VAL D 113 -12.51 26.25 7.23
N ASP D 114 -12.16 26.66 8.45
CA ASP D 114 -12.14 25.73 9.59
C ASP D 114 -13.56 25.30 9.96
N PRO D 115 -13.77 23.99 10.13
CA PRO D 115 -15.11 23.50 10.47
C PRO D 115 -15.50 23.78 11.94
N ASP D 116 -14.50 23.88 12.83
CA ASP D 116 -14.73 23.90 14.28
C ASP D 116 -14.65 25.29 14.88
N GLU D 117 -13.81 26.15 14.32
CA GLU D 117 -13.49 27.45 14.90
C GLU D 117 -14.20 28.61 14.23
N ARG D 118 -15.02 29.33 14.98
CA ARG D 118 -15.70 30.51 14.48
C ARG D 118 -15.39 31.59 15.46
N THR D 119 -15.74 32.83 15.15
CA THR D 119 -15.53 33.92 16.11
C THR D 119 -16.57 33.89 17.24
N SER D 120 -16.32 34.69 18.29
CA SER D 120 -17.30 34.97 19.38
C SER D 120 -18.66 35.36 18.86
N THR D 121 -18.70 35.92 17.65
CA THR D 121 -19.97 36.33 17.02
C THR D 121 -20.53 35.32 15.99
N GLY D 122 -19.84 34.18 15.77
CA GLY D 122 -20.31 33.13 14.85
C GLY D 122 -19.83 33.20 13.39
N MET D 123 -18.87 34.09 13.11
CA MET D 123 -18.31 34.30 11.77
C MET D 123 -17.20 33.30 11.50
N PRO D 124 -17.13 32.76 10.26
CA PRO D 124 -16.14 31.78 9.87
C PRO D 124 -14.69 32.21 10.04
N LEU D 125 -13.82 31.22 10.09
CA LEU D 125 -12.37 31.43 10.10
C LEU D 125 -11.71 30.35 9.23
N THR D 126 -10.46 30.59 8.85
CA THR D 126 -9.68 29.70 8.00
C THR D 126 -9.10 28.65 8.89
N CYS D 127 -8.73 27.52 8.30
CA CYS D 127 -7.90 26.52 8.99
C CYS D 127 -6.41 26.89 8.73
N ARG D 128 -5.48 26.00 9.02
CA ARG D 128 -4.07 26.21 8.70
C ARG D 128 -3.76 25.63 7.34
N ALA D 129 -4.02 26.44 6.33
CA ALA D 129 -3.73 26.13 4.91
C ALA D 129 -2.39 26.69 4.47
N VAL D 130 -1.73 25.93 3.59
CA VAL D 130 -0.52 26.38 2.83
C VAL D 130 -0.67 26.12 1.31
N PHE D 131 -0.36 27.14 0.51
CA PHE D 131 -0.42 27.04 -0.94
C PHE D 131 0.96 27.44 -1.49
N ILE D 132 1.56 26.57 -2.26
CA ILE D 132 2.78 26.90 -2.95
C ILE D 132 2.50 27.25 -4.43
N ILE D 133 2.88 28.47 -4.80
CA ILE D 133 2.55 29.07 -6.13
C ILE D 133 3.85 29.27 -6.90
N GLY D 134 3.89 28.77 -8.13
CA GLY D 134 5.08 28.97 -8.93
C GLY D 134 5.16 30.35 -9.56
N PRO D 135 6.28 30.63 -10.25
CA PRO D 135 6.45 31.73 -11.20
C PRO D 135 5.31 31.91 -12.26
N ASP D 136 4.69 30.81 -12.69
CA ASP D 136 3.64 30.80 -13.69
C ASP D 136 2.26 31.13 -13.13
N LYS D 137 2.19 31.29 -11.80
CA LYS D 137 1.00 31.64 -11.06
C LYS D 137 0.08 30.44 -10.73
N LYS D 138 0.50 29.24 -11.14
CA LYS D 138 -0.20 28.01 -10.84
C LYS D 138 0.04 27.40 -9.45
N LEU D 139 -0.94 26.66 -8.96
CA LEU D 139 -0.84 25.97 -7.69
C LEU D 139 -0.01 24.68 -7.86
N LYS D 140 1.06 24.55 -7.09
CA LYS D 140 1.99 23.44 -7.22
C LYS D 140 1.83 22.37 -6.12
N LEU D 141 1.34 22.78 -4.98
CA LEU D 141 1.20 21.89 -3.85
C LEU D 141 0.37 22.57 -2.79
N SER D 142 -0.46 21.80 -2.11
CA SER D 142 -1.25 22.40 -1.03
C SER D 142 -1.47 21.46 0.16
N ILE D 143 -1.51 22.02 1.37
CA ILE D 143 -1.92 21.27 2.55
C ILE D 143 -3.10 22.01 3.24
N LEU D 144 -3.96 21.22 3.90
CA LEU D 144 -5.07 21.67 4.78
C LEU D 144 -5.02 20.98 6.14
N TYR D 145 -4.53 21.71 7.13
CA TYR D 145 -4.37 21.19 8.47
C TYR D 145 -5.41 21.96 9.28
N PRO D 146 -5.96 21.36 10.33
CA PRO D 146 -6.96 22.01 11.12
C PRO D 146 -6.34 22.93 12.19
N ALA D 147 -7.18 23.80 12.78
CA ALA D 147 -6.78 24.69 13.87
C ALA D 147 -6.09 23.96 15.01
N THR D 148 -6.44 22.70 15.27
CA THR D 148 -5.88 21.89 16.38
C THR D 148 -4.41 21.45 16.18
N THR D 149 -3.93 21.55 14.94
CA THR D 149 -2.71 20.88 14.51
C THR D 149 -1.78 21.87 13.79
N GLY D 150 -0.78 22.34 14.51
CA GLY D 150 0.23 23.20 14.00
C GLY D 150 1.10 22.53 12.97
N ARG D 151 1.58 23.34 12.05
CA ARG D 151 2.30 22.84 10.89
C ARG D 151 3.84 22.58 11.11
N ASN D 152 4.45 22.01 10.08
CA ASN D 152 5.87 21.71 9.96
C ASN D 152 6.39 22.47 8.71
N PHE D 153 6.96 23.63 8.96
CA PHE D 153 7.49 24.48 7.92
C PHE D 153 8.80 24.04 7.28
N SER D 154 9.51 23.10 7.88
CA SER D 154 10.69 22.49 7.29
C SER D 154 10.32 21.57 6.15
N GLU D 155 9.17 20.89 6.32
CA GLU D 155 8.54 20.06 5.29
C GLU D 155 8.17 20.89 4.12
N ILE D 156 7.69 22.10 4.38
CA ILE D 156 7.44 23.05 3.30
C ILE D 156 8.72 23.48 2.53
N LEU D 157 9.84 23.66 3.24
CA LEU D 157 11.15 23.97 2.63
C LEU D 157 11.68 22.75 1.87
N ARG D 158 11.49 21.57 2.40
CA ARG D 158 11.85 20.34 1.71
C ARG D 158 11.11 20.18 0.35
N VAL D 159 9.82 20.48 0.31
CA VAL D 159 9.02 20.35 -0.93
C VAL D 159 9.29 21.50 -1.92
N ILE D 160 9.65 22.69 -1.45
CA ILE D 160 10.17 23.75 -2.32
C ILE D 160 11.42 23.28 -3.03
N ASP D 161 12.31 22.61 -2.31
CA ASP D 161 13.53 22.12 -2.92
C ASP D 161 13.26 21.06 -3.98
N SER D 162 12.30 20.17 -3.71
CA SER D 162 11.83 19.22 -4.71
C SER D 162 11.17 19.88 -5.92
N LEU D 163 10.24 20.78 -5.63
CA LEU D 163 9.47 21.48 -6.68
C LEU D 163 10.42 22.18 -7.60
N GLN D 164 11.31 22.99 -7.03
CA GLN D 164 12.24 23.80 -7.80
C GLN D 164 13.25 22.98 -8.62
N LEU D 165 13.77 21.91 -8.02
CA LEU D 165 14.62 20.92 -8.70
C LEU D 165 13.89 20.20 -9.83
N THR D 166 12.73 19.61 -9.56
CA THR D 166 11.98 18.88 -10.58
C THR D 166 11.41 19.75 -11.71
N ALA D 167 11.41 21.07 -11.53
CA ALA D 167 11.00 22.02 -12.57
C ALA D 167 12.15 22.28 -13.54
N GLN D 168 13.36 21.93 -13.13
CA GLN D 168 14.57 22.10 -13.94
C GLN D 168 15.09 20.79 -14.55
N LYS D 169 14.89 19.64 -13.91
CA LYS D 169 15.40 18.37 -14.41
C LYS D 169 14.34 17.29 -14.47
N LYS D 170 14.58 16.28 -15.31
CA LYS D 170 13.61 15.19 -15.54
C LYS D 170 13.65 14.04 -14.49
N VAL D 171 13.54 14.48 -13.24
CA VAL D 171 13.61 13.61 -12.06
C VAL D 171 12.39 13.86 -11.15
N ALA D 172 12.17 12.92 -10.24
CA ALA D 172 11.11 13.02 -9.24
C ALA D 172 11.74 12.62 -7.93
N THR D 173 11.36 13.28 -6.85
CA THR D 173 12.00 13.00 -5.56
C THR D 173 11.21 11.92 -4.83
N PRO D 174 11.92 10.88 -4.34
CA PRO D 174 11.26 9.73 -3.71
C PRO D 174 10.76 10.02 -2.26
N ALA D 175 10.08 9.05 -1.66
CA ALA D 175 9.63 9.16 -0.28
C ALA D 175 10.78 9.60 0.63
N ASP D 176 10.52 10.60 1.45
CA ASP D 176 11.42 11.01 2.54
C ASP D 176 12.75 11.63 2.05
N TRP D 177 12.96 11.72 0.74
CA TRP D 177 14.06 12.52 0.14
C TRP D 177 14.35 13.84 0.85
N GLN D 178 15.66 14.02 1.06
CA GLN D 178 16.27 15.24 1.49
C GLN D 178 17.16 15.69 0.38
N PRO D 179 17.40 17.01 0.25
CA PRO D 179 18.42 17.49 -0.66
C PRO D 179 19.77 16.82 -0.47
N GLY D 180 20.31 16.36 -1.58
CA GLY D 180 21.61 15.76 -1.61
C GLY D 180 21.44 14.31 -1.86
N ASP D 181 20.23 13.80 -1.70
CA ASP D 181 19.89 12.37 -1.90
C ASP D 181 19.62 12.06 -3.38
N ARG D 182 19.79 10.78 -3.75
CA ARG D 182 19.40 10.29 -5.04
C ARG D 182 17.94 10.61 -5.43
N CYS D 183 17.76 11.03 -6.66
CA CYS D 183 16.46 11.33 -7.19
C CYS D 183 16.09 10.18 -8.07
N MET D 184 14.84 10.14 -8.55
CA MET D 184 14.42 9.11 -9.48
C MET D 184 14.28 9.75 -10.85
N VAL D 185 14.60 8.97 -11.87
CA VAL D 185 14.42 9.41 -13.24
C VAL D 185 12.98 9.14 -13.63
N VAL D 186 12.35 10.15 -14.24
CA VAL D 186 10.93 10.12 -14.50
C VAL D 186 10.69 9.07 -15.56
N PRO D 187 9.59 8.32 -15.46
CA PRO D 187 9.40 7.25 -16.46
C PRO D 187 9.41 7.72 -17.94
N GLY D 188 8.97 8.96 -18.21
CA GLY D 188 8.98 9.52 -19.57
C GLY D 188 10.31 9.51 -20.30
N VAL D 189 11.42 9.47 -19.55
CA VAL D 189 12.75 9.49 -20.12
C VAL D 189 13.10 8.08 -20.60
N SER D 190 13.16 7.91 -21.93
CA SER D 190 13.51 6.64 -22.57
C SER D 190 14.91 6.14 -22.16
N ALA D 191 15.15 4.83 -22.29
CA ALA D 191 16.45 4.24 -21.97
C ALA D 191 17.61 4.92 -22.73
N GLU D 192 17.33 5.30 -23.99
CA GLU D 192 18.31 5.91 -24.90
C GLU D 192 18.59 7.40 -24.63
N GLU D 193 17.55 8.16 -24.29
CA GLU D 193 17.74 9.55 -23.87
C GLU D 193 18.49 9.63 -22.53
N ALA D 194 18.25 8.65 -21.67
CA ALA D 194 18.89 8.59 -20.35
C ALA D 194 20.42 8.39 -20.42
N LYS D 195 20.95 8.01 -21.58
CA LYS D 195 22.41 7.88 -21.79
C LYS D 195 23.18 9.21 -21.73
N THR D 196 22.65 10.24 -22.40
CA THR D 196 23.25 11.58 -22.33
C THR D 196 22.82 12.28 -21.03
N LEU D 197 21.52 12.20 -20.69
CA LEU D 197 20.95 12.98 -19.59
C LEU D 197 21.34 12.50 -18.20
N PHE D 198 21.49 11.18 -18.05
CA PHE D 198 21.80 10.56 -16.77
C PHE D 198 22.84 9.46 -17.01
N PRO D 199 24.11 9.86 -17.22
CA PRO D 199 25.17 8.91 -17.54
C PRO D 199 25.61 8.06 -16.35
N ASN D 200 25.16 8.42 -15.15
CA ASN D 200 25.51 7.72 -13.93
C ASN D 200 24.25 7.20 -13.24
N MET D 201 23.22 6.87 -14.01
CA MET D 201 22.00 6.34 -13.44
C MET D 201 22.16 4.84 -13.10
N GLU D 202 21.34 4.40 -12.16
CA GLU D 202 21.25 3.03 -11.71
C GLU D 202 19.84 2.59 -11.91
N VAL D 203 19.65 1.50 -12.65
CA VAL D 203 18.37 0.82 -12.79
C VAL D 203 18.43 -0.29 -11.76
N LYS D 204 17.47 -0.35 -10.84
CA LYS D 204 17.39 -1.43 -9.89
C LYS D 204 16.46 -2.53 -10.40
N ALA D 205 16.94 -3.77 -10.25
CA ALA D 205 16.26 -4.97 -10.74
C ALA D 205 15.02 -5.29 -9.87
N VAL D 206 13.86 -5.49 -10.51
CA VAL D 206 12.60 -5.74 -9.78
C VAL D 206 11.95 -7.04 -10.27
N PRO D 207 11.06 -7.65 -9.45
CA PRO D 207 10.42 -8.92 -9.83
C PRO D 207 9.67 -8.90 -11.17
N SER D 208 9.12 -7.74 -11.54
CA SER D 208 8.39 -7.59 -12.80
C SER D 208 9.27 -7.71 -14.07
N GLY D 209 10.58 -7.53 -13.91
CA GLY D 209 11.51 -7.50 -15.02
C GLY D 209 11.42 -6.21 -15.79
N LYS D 210 10.49 -5.32 -15.38
CA LYS D 210 10.35 -4.03 -16.03
C LYS D 210 11.50 -3.18 -15.51
N GLY D 211 11.70 -2.03 -16.16
CA GLY D 211 12.93 -1.25 -15.97
C GLY D 211 12.76 0.14 -15.42
N TYR D 212 11.69 0.39 -14.65
CA TYR D 212 11.35 1.77 -14.21
C TYR D 212 12.03 2.29 -12.96
N LEU D 213 12.70 1.44 -12.20
CA LEU D 213 13.21 1.87 -10.88
C LEU D 213 14.61 2.41 -11.01
N ARG D 214 14.68 3.69 -11.39
CA ARG D 214 15.92 4.26 -11.89
C ARG D 214 16.34 5.46 -11.05
N TYR D 215 17.49 5.32 -10.37
CA TYR D 215 18.05 6.32 -9.44
C TYR D 215 19.13 7.19 -10.09
N THR D 216 19.26 8.42 -9.66
CA THR D 216 20.36 9.26 -10.16
C THR D 216 20.88 10.19 -9.06
N PRO D 217 22.21 10.41 -8.98
CA PRO D 217 22.64 11.39 -7.97
C PRO D 217 21.96 12.74 -8.20
N GLN D 218 21.70 13.49 -7.13
CA GLN D 218 21.01 14.78 -7.30
C GLN D 218 21.70 15.59 -8.38
N PRO D 219 20.95 15.95 -9.44
CA PRO D 219 21.50 16.90 -10.38
C PRO D 219 21.95 18.17 -9.67
N LYS D 220 23.21 18.52 -9.89
CA LYS D 220 23.75 19.81 -9.47
C LYS D 220 23.22 20.87 -10.46
N SER D 221 22.12 21.52 -10.06
CA SER D 221 21.55 22.70 -10.74
C SER D 221 21.97 24.02 -10.03
N GLY E 2 -12.03 24.04 -45.52
CA GLY E 2 -12.61 23.27 -44.34
C GLY E 2 -11.63 22.26 -43.78
N ILE E 3 -12.03 21.56 -42.72
CA ILE E 3 -11.17 20.55 -42.08
C ILE E 3 -11.91 19.21 -41.92
N THR E 4 -11.29 18.12 -42.41
CA THR E 4 -11.91 16.83 -42.37
C THR E 4 -11.50 15.98 -41.13
N LEU E 5 -12.24 14.91 -40.87
CA LEU E 5 -11.85 13.99 -39.79
C LEU E 5 -10.50 13.33 -40.07
N GLY E 6 -9.65 13.29 -39.05
CA GLY E 6 -8.27 12.76 -39.15
C GLY E 6 -7.14 13.76 -39.38
N GLU E 7 -7.48 15.00 -39.75
CA GLU E 7 -6.50 16.02 -40.09
C GLU E 7 -5.87 16.64 -38.87
N VAL E 8 -4.55 16.85 -38.90
CA VAL E 8 -3.92 17.64 -37.86
C VAL E 8 -4.55 19.01 -37.92
N PHE E 9 -5.14 19.43 -36.83
CA PHE E 9 -5.79 20.72 -36.77
C PHE E 9 -4.77 21.86 -36.86
N PRO E 10 -5.09 22.95 -37.59
CA PRO E 10 -4.10 24.01 -37.80
C PRO E 10 -3.52 24.64 -36.51
N ASN E 11 -2.21 24.70 -36.43
CA ASN E 11 -1.54 25.32 -35.30
C ASN E 11 -1.50 26.84 -35.49
N PHE E 12 -2.62 27.48 -35.17
CA PHE E 12 -2.80 28.91 -35.43
C PHE E 12 -2.35 29.76 -34.26
N GLU E 13 -1.91 30.99 -34.55
CA GLU E 13 -1.71 32.01 -33.56
C GLU E 13 -3.02 32.80 -33.47
N ALA E 14 -3.60 32.96 -32.29
CA ALA E 14 -4.79 33.82 -32.15
C ALA E 14 -4.60 34.76 -30.96
N ASP E 15 -5.25 35.93 -31.04
CA ASP E 15 -5.47 36.78 -29.89
C ASP E 15 -6.73 36.25 -29.15
N SER E 16 -6.74 36.44 -27.84
CA SER E 16 -7.78 35.91 -26.96
C SER E 16 -7.90 36.73 -25.69
N THR E 17 -8.86 36.35 -24.86
CA THR E 17 -9.06 36.98 -23.54
C THR E 17 -7.91 36.71 -22.55
N ILE E 18 -7.07 35.72 -22.85
CA ILE E 18 -5.88 35.46 -22.06
C ILE E 18 -4.59 35.90 -22.82
N GLY E 19 -4.73 36.86 -23.74
CA GLY E 19 -3.62 37.28 -24.62
C GLY E 19 -3.41 36.42 -25.87
N LYS E 20 -2.42 36.83 -26.67
CA LYS E 20 -1.88 36.05 -27.80
C LYS E 20 -1.61 34.59 -27.40
N LEU E 21 -2.01 33.64 -28.25
CA LEU E 21 -1.75 32.20 -28.04
C LEU E 21 -1.50 31.41 -29.33
N LYS E 22 -0.72 30.32 -29.21
CA LYS E 22 -0.43 29.40 -30.31
C LYS E 22 -1.16 28.10 -29.99
N PHE E 23 -1.95 27.60 -30.94
CA PHE E 23 -2.97 26.58 -30.63
C PHE E 23 -2.43 25.22 -30.12
N HIS E 24 -1.44 24.63 -30.76
CA HIS E 24 -0.91 23.34 -30.28
C HIS E 24 -0.13 23.43 -28.95
N ASP E 25 0.49 24.59 -28.69
CA ASP E 25 1.17 24.78 -27.42
C ASP E 25 0.18 25.05 -26.28
N TRP E 26 -0.92 25.74 -26.56
CA TRP E 26 -1.97 25.97 -25.57
C TRP E 26 -2.78 24.68 -25.26
N LEU E 27 -3.12 23.94 -26.31
CA LEU E 27 -3.76 22.65 -26.18
C LEU E 27 -2.85 21.78 -25.32
N GLY E 28 -1.61 21.64 -25.76
CA GLY E 28 -0.64 20.76 -25.09
C GLY E 28 -0.95 19.30 -25.33
N ASN E 29 -0.77 18.48 -24.29
CA ASN E 29 -0.95 17.02 -24.33
C ASN E 29 -2.44 16.53 -24.17
N SER E 30 -3.39 17.50 -24.18
CA SER E 30 -4.77 17.18 -23.81
C SER E 30 -5.81 17.26 -24.93
N TRP E 31 -6.97 16.63 -24.68
CA TRP E 31 -8.18 16.76 -25.50
C TRP E 31 -8.70 18.20 -25.46
N GLY E 32 -9.23 18.71 -26.57
CA GLY E 32 -9.82 20.06 -26.60
C GLY E 32 -11.14 20.15 -27.32
N VAL E 33 -11.89 21.19 -26.96
CA VAL E 33 -13.09 21.56 -27.66
C VAL E 33 -13.02 23.04 -27.99
N LEU E 34 -12.88 23.28 -29.28
CA LEU E 34 -12.97 24.61 -29.85
C LEU E 34 -14.39 24.75 -30.34
N PHE E 35 -15.07 25.82 -29.94
CA PHE E 35 -16.46 26.05 -30.30
C PHE E 35 -16.72 27.55 -30.54
N SER E 36 -17.48 27.89 -31.56
CA SER E 36 -17.66 29.26 -31.98
C SER E 36 -19.10 29.72 -31.77
N HIS E 37 -19.34 31.02 -31.82
CA HIS E 37 -20.70 31.59 -31.72
C HIS E 37 -20.63 32.77 -32.66
N PRO E 38 -21.75 33.21 -33.26
CA PRO E 38 -21.69 34.32 -34.23
C PRO E 38 -21.04 35.60 -33.77
N ARG E 39 -21.57 36.13 -32.67
CA ARG E 39 -21.22 37.44 -32.17
C ARG E 39 -21.50 37.41 -30.68
N ASP E 40 -20.76 38.23 -29.92
CA ASP E 40 -21.09 38.53 -28.52
C ASP E 40 -22.33 39.39 -28.40
N PHE E 41 -22.86 39.42 -27.18
CA PHE E 41 -24.01 40.24 -26.79
C PHE E 41 -25.26 39.76 -27.52
N THR E 42 -25.38 38.43 -27.65
CA THR E 42 -26.51 37.77 -28.32
C THR E 42 -27.09 36.71 -27.38
N PRO E 43 -28.42 36.50 -27.45
CA PRO E 43 -29.15 35.60 -26.53
C PRO E 43 -28.67 34.14 -26.51
N VAL E 44 -28.90 33.38 -27.57
CA VAL E 44 -28.52 31.97 -27.56
C VAL E 44 -27.06 31.79 -27.21
N SER E 45 -26.21 32.69 -27.67
CA SER E 45 -24.78 32.61 -27.40
C SER E 45 -24.50 32.67 -25.92
N THR E 46 -25.12 33.63 -25.25
CA THR E 46 -25.02 33.79 -23.82
C THR E 46 -25.42 32.48 -23.09
N THR E 47 -26.59 31.94 -23.40
CA THR E 47 -27.03 30.65 -22.81
C THR E 47 -26.02 29.54 -23.06
N GLU E 48 -25.47 29.50 -24.25
CA GLU E 48 -24.53 28.45 -24.58
C GLU E 48 -23.29 28.61 -23.78
N LEU E 49 -22.74 29.81 -23.79
CA LEU E 49 -21.51 30.06 -23.06
C LEU E 49 -21.74 30.00 -21.56
N GLY E 50 -22.93 30.42 -21.09
CA GLY E 50 -23.36 30.18 -19.72
C GLY E 50 -23.41 28.71 -19.31
N ARG E 51 -24.04 27.90 -20.13
CA ARG E 51 -24.15 26.49 -19.89
C ARG E 51 -22.77 25.83 -19.83
N VAL E 52 -21.87 26.21 -20.72
CA VAL E 52 -20.50 25.67 -20.65
C VAL E 52 -19.80 25.99 -19.34
N ILE E 53 -19.95 27.21 -18.86
CA ILE E 53 -19.49 27.52 -17.52
C ILE E 53 -20.06 26.52 -16.49
N GLN E 54 -21.38 26.32 -16.50
CA GLN E 54 -22.03 25.36 -15.57
C GLN E 54 -21.44 23.94 -15.63
N LEU E 55 -20.90 23.59 -16.80
CA LEU E 55 -20.46 22.23 -17.14
C LEU E 55 -18.93 22.04 -17.15
N GLU E 56 -18.20 23.12 -16.83
CA GLU E 56 -16.73 23.08 -16.70
C GLU E 56 -16.24 21.97 -15.79
N GLY E 57 -16.97 21.67 -14.75
CA GLY E 57 -16.66 20.50 -13.95
C GLY E 57 -16.67 19.26 -14.81
N ASP E 58 -17.64 19.11 -15.70
CA ASP E 58 -17.82 17.87 -16.48
C ASP E 58 -16.78 17.72 -17.58
N PHE E 59 -16.41 18.83 -18.19
CA PHE E 59 -15.36 18.79 -19.21
C PHE E 59 -14.00 18.48 -18.55
N LYS E 60 -13.73 19.17 -17.43
CA LYS E 60 -12.46 19.03 -16.66
C LYS E 60 -12.30 17.61 -16.08
N LYS E 61 -13.42 16.89 -15.97
CA LYS E 61 -13.46 15.54 -15.42
C LYS E 61 -13.00 14.50 -16.44
N ARG E 62 -12.97 14.91 -17.72
CA ARG E 62 -12.62 14.05 -18.85
C ARG E 62 -11.34 14.53 -19.50
N GLY E 63 -10.71 15.52 -18.86
CA GLY E 63 -9.47 16.14 -19.31
C GLY E 63 -9.59 16.93 -20.60
N VAL E 64 -10.65 17.73 -20.72
CA VAL E 64 -10.99 18.42 -21.95
C VAL E 64 -10.76 19.92 -21.74
N LYS E 65 -9.83 20.52 -22.50
CA LYS E 65 -9.70 21.98 -22.46
C LYS E 65 -10.69 22.61 -23.42
N LEU E 66 -11.24 23.71 -22.98
CA LEU E 66 -12.36 24.35 -23.62
C LEU E 66 -11.98 25.75 -24.12
N ILE E 67 -12.24 26.05 -25.40
CA ILE E 67 -11.90 27.36 -25.91
C ILE E 67 -13.01 27.87 -26.85
N ALA E 68 -13.51 29.09 -26.58
CA ALA E 68 -14.59 29.70 -27.37
C ALA E 68 -13.98 30.61 -28.43
N LEU E 69 -14.77 31.06 -29.39
CA LEU E 69 -14.27 31.83 -30.53
C LEU E 69 -15.42 32.56 -31.17
N SER E 70 -15.21 33.83 -31.43
CA SER E 70 -16.04 34.60 -32.36
C SER E 70 -15.13 35.59 -33.07
N CYS E 71 -15.72 36.45 -33.87
CA CYS E 71 -14.97 37.33 -34.70
C CYS E 71 -14.80 38.69 -34.07
N ASP E 72 -15.40 38.98 -32.90
CA ASP E 72 -15.20 40.31 -32.29
C ASP E 72 -13.95 40.44 -31.43
N ASN E 73 -13.69 41.67 -30.97
CA ASN E 73 -12.46 41.97 -30.21
C ASN E 73 -12.55 41.58 -28.74
N VAL E 74 -11.38 41.50 -28.12
CA VAL E 74 -11.21 41.00 -26.74
C VAL E 74 -11.90 41.88 -25.67
N ALA E 75 -11.97 43.19 -25.92
CA ALA E 75 -12.67 44.15 -25.06
C ALA E 75 -14.20 43.94 -25.06
N ASP E 76 -14.75 43.49 -26.20
CA ASP E 76 -16.16 43.11 -26.25
C ASP E 76 -16.32 41.78 -25.51
N HIS E 77 -15.41 40.84 -25.77
CA HIS E 77 -15.39 39.53 -25.08
C HIS E 77 -15.38 39.65 -23.57
N LYS E 78 -14.49 40.48 -23.02
CA LYS E 78 -14.40 40.62 -21.56
C LYS E 78 -15.65 41.28 -20.97
N GLU E 79 -16.07 42.42 -21.53
CA GLU E 79 -17.30 43.08 -21.05
C GLU E 79 -18.48 42.11 -21.06
N TRP E 80 -18.54 41.30 -22.13
CA TRP E 80 -19.65 40.36 -22.36
C TRP E 80 -19.55 39.13 -21.47
N SER E 81 -18.31 38.69 -21.22
CA SER E 81 -18.08 37.59 -20.26
C SER E 81 -18.77 37.85 -18.89
N GLU E 82 -19.10 39.13 -18.63
CA GLU E 82 -19.80 39.45 -17.39
C GLU E 82 -21.26 39.09 -17.52
N ASP E 83 -21.82 39.36 -18.68
CA ASP E 83 -23.19 38.99 -18.95
C ASP E 83 -23.33 37.46 -19.08
N VAL E 84 -22.24 36.75 -19.37
CA VAL E 84 -22.26 35.30 -19.44
C VAL E 84 -22.25 34.67 -18.07
N LYS E 85 -21.75 35.38 -17.06
CA LYS E 85 -21.69 34.81 -15.72
C LYS E 85 -23.04 34.92 -15.02
N CYS E 86 -23.67 36.09 -15.03
CA CYS E 86 -24.95 36.23 -14.28
C CYS E 86 -26.17 35.60 -14.99
N LEU E 87 -25.94 35.01 -16.16
CA LEU E 87 -26.93 34.10 -16.78
C LEU E 87 -26.66 32.66 -16.31
N SER E 88 -25.38 32.31 -16.24
CA SER E 88 -24.96 31.01 -15.76
C SER E 88 -25.34 30.78 -14.32
N GLY E 89 -25.46 31.87 -13.54
CA GLY E 89 -25.76 31.81 -12.12
C GLY E 89 -24.54 31.50 -11.26
N VAL E 90 -23.35 31.52 -11.89
CA VAL E 90 -22.09 31.26 -11.21
C VAL E 90 -21.23 32.54 -11.05
N LYS E 91 -20.73 32.75 -9.83
CA LYS E 91 -19.82 33.85 -9.56
C LYS E 91 -18.34 33.39 -9.62
N GLY E 92 -17.54 34.32 -10.26
CA GLY E 92 -16.10 34.16 -10.28
C GLY E 92 -15.46 34.17 -11.65
N ASP E 93 -14.18 33.80 -11.68
CA ASP E 93 -13.36 33.78 -12.91
C ASP E 93 -13.89 32.87 -14.00
N MET E 94 -13.52 33.18 -15.24
CA MET E 94 -13.91 32.37 -16.42
C MET E 94 -13.01 31.15 -16.52
N PRO E 95 -13.61 29.96 -16.71
CA PRO E 95 -12.83 28.74 -16.84
C PRO E 95 -12.34 28.44 -18.25
N TYR E 96 -12.66 29.31 -19.21
CA TYR E 96 -12.11 29.12 -20.52
C TYR E 96 -11.83 30.46 -21.18
N PRO E 97 -10.85 30.48 -22.10
CA PRO E 97 -10.56 31.61 -23.01
C PRO E 97 -11.55 31.71 -24.13
N ILE E 98 -11.70 32.92 -24.67
CA ILE E 98 -12.44 33.17 -25.92
C ILE E 98 -11.49 33.80 -26.99
N ILE E 99 -11.40 33.19 -28.19
CA ILE E 99 -10.61 33.73 -29.28
C ILE E 99 -11.25 34.90 -30.03
N ALA E 100 -10.50 36.00 -30.23
CA ALA E 100 -10.92 37.13 -31.08
C ALA E 100 -10.45 36.95 -32.55
N ASP E 101 -11.28 36.37 -33.42
CA ASP E 101 -10.90 36.06 -34.79
C ASP E 101 -11.32 37.22 -35.70
N GLU E 102 -10.68 38.35 -35.51
CA GLU E 102 -11.10 39.60 -36.15
C GLU E 102 -10.83 39.64 -37.64
N THR E 103 -9.79 38.95 -38.10
CA THR E 103 -9.45 38.91 -39.54
C THR E 103 -10.35 37.96 -40.34
N ARG E 104 -11.14 37.15 -39.64
CA ARG E 104 -11.86 36.01 -40.22
C ARG E 104 -10.94 34.92 -40.79
N GLU E 105 -9.67 34.89 -40.37
CA GLU E 105 -8.77 33.86 -40.87
C GLU E 105 -9.22 32.49 -40.46
N LEU E 106 -9.70 32.37 -39.23
CA LEU E 106 -10.19 31.09 -38.72
C LEU E 106 -11.58 30.71 -39.22
N ALA E 107 -12.54 31.63 -39.16
CA ALA E 107 -13.87 31.40 -39.77
C ALA E 107 -13.79 30.75 -41.14
N VAL E 108 -12.92 31.31 -41.97
CA VAL E 108 -12.72 30.84 -43.33
C VAL E 108 -11.86 29.58 -43.38
N LYS E 109 -10.73 29.57 -42.70
CA LYS E 109 -9.88 28.40 -42.69
C LYS E 109 -10.69 27.18 -42.21
N LEU E 110 -11.52 27.36 -41.18
CA LEU E 110 -12.17 26.19 -40.57
C LEU E 110 -13.56 25.82 -41.12
N GLY E 111 -13.97 26.51 -42.18
CA GLY E 111 -15.27 26.27 -42.84
C GLY E 111 -16.46 26.55 -41.98
N MET E 112 -16.36 27.55 -41.11
CA MET E 112 -17.43 27.82 -40.15
C MET E 112 -18.11 29.22 -40.28
N VAL E 113 -18.13 29.78 -41.48
CA VAL E 113 -18.90 31.01 -41.77
C VAL E 113 -20.45 30.70 -41.67
N ASP E 114 -21.20 31.58 -40.99
CA ASP E 114 -22.64 31.42 -40.91
C ASP E 114 -23.31 31.70 -42.24
N PRO E 115 -24.36 30.94 -42.58
CA PRO E 115 -24.95 31.23 -43.88
C PRO E 115 -25.85 32.47 -43.92
N ASP E 116 -26.34 32.92 -42.76
CA ASP E 116 -27.27 34.06 -42.68
C ASP E 116 -26.74 35.26 -41.88
N GLU E 117 -26.10 35.04 -40.73
CA GLU E 117 -25.59 36.16 -39.88
C GLU E 117 -24.29 36.82 -40.30
N ARG E 118 -24.40 38.07 -40.73
CA ARG E 118 -23.25 38.89 -41.12
C ARG E 118 -23.21 40.09 -40.14
N THR E 119 -22.13 40.88 -40.15
CA THR E 119 -22.14 42.14 -39.42
C THR E 119 -23.00 43.17 -40.17
N SER E 120 -23.15 44.35 -39.56
CA SER E 120 -23.95 45.43 -40.15
C SER E 120 -23.37 46.02 -41.46
N THR E 121 -22.26 45.45 -41.94
CA THR E 121 -21.54 45.90 -43.15
C THR E 121 -21.42 44.77 -44.21
N GLY E 122 -21.88 43.59 -43.85
CA GLY E 122 -21.85 42.46 -44.76
C GLY E 122 -20.73 41.51 -44.46
N MET E 123 -20.00 41.77 -43.36
CA MET E 123 -18.83 40.94 -43.01
C MET E 123 -19.19 39.57 -42.43
N PRO E 124 -18.40 38.54 -42.76
CA PRO E 124 -18.79 37.25 -42.23
C PRO E 124 -18.58 37.13 -40.72
N LEU E 125 -19.29 36.18 -40.13
CA LEU E 125 -19.18 35.83 -38.73
C LEU E 125 -19.31 34.32 -38.68
N THR E 126 -18.86 33.71 -37.58
CA THR E 126 -18.81 32.25 -37.45
C THR E 126 -20.19 31.72 -37.13
N CYS E 127 -20.37 30.43 -37.34
CA CYS E 127 -21.59 29.74 -36.95
C CYS E 127 -21.42 29.27 -35.53
N ARG E 128 -22.26 28.33 -35.10
CA ARG E 128 -22.04 27.57 -33.91
C ARG E 128 -21.36 26.21 -34.29
N ALA E 129 -20.05 26.27 -34.55
CA ALA E 129 -19.19 25.11 -34.84
C ALA E 129 -18.62 24.49 -33.57
N VAL E 130 -18.39 23.18 -33.59
CA VAL E 130 -17.69 22.46 -32.51
C VAL E 130 -16.62 21.58 -33.13
N PHE E 131 -15.41 21.70 -32.64
CA PHE E 131 -14.31 20.85 -33.09
C PHE E 131 -13.79 20.12 -31.88
N ILE E 132 -13.81 18.79 -31.94
CA ILE E 132 -13.27 17.99 -30.85
C ILE E 132 -11.94 17.44 -31.29
N ILE E 133 -10.92 17.76 -30.51
CA ILE E 133 -9.52 17.54 -30.90
C ILE E 133 -8.84 16.57 -29.92
N GLY E 134 -8.06 15.65 -30.46
CA GLY E 134 -7.31 14.67 -29.65
C GLY E 134 -5.99 15.19 -29.13
N PRO E 135 -5.41 14.42 -28.20
CA PRO E 135 -4.07 14.76 -27.71
C PRO E 135 -3.00 14.78 -28.83
N ASP E 136 -3.19 13.93 -29.84
CA ASP E 136 -2.39 13.91 -31.08
C ASP E 136 -2.59 15.14 -32.00
N LYS E 137 -3.53 16.02 -31.69
CA LYS E 137 -3.85 17.20 -32.52
C LYS E 137 -4.78 16.95 -33.74
N LYS E 138 -5.30 15.74 -33.88
CA LYS E 138 -6.19 15.43 -35.02
C LYS E 138 -7.64 15.68 -34.71
N LEU E 139 -8.39 16.21 -35.70
CA LEU E 139 -9.86 16.33 -35.61
C LEU E 139 -10.51 14.93 -35.56
N LYS E 140 -11.33 14.76 -34.52
CA LYS E 140 -11.98 13.48 -34.22
C LYS E 140 -13.48 13.55 -34.60
N LEU E 141 -14.13 14.67 -34.32
CA LEU E 141 -15.55 14.86 -34.55
C LEU E 141 -15.75 16.35 -34.73
N SER E 142 -16.72 16.73 -35.57
CA SER E 142 -17.13 18.12 -35.70
C SER E 142 -18.62 18.27 -35.98
N ILE E 143 -19.20 19.36 -35.49
CA ILE E 143 -20.54 19.79 -35.88
C ILE E 143 -20.58 21.25 -36.39
N LEU E 144 -21.55 21.54 -37.23
CA LEU E 144 -21.76 22.89 -37.77
C LEU E 144 -23.27 23.12 -37.65
N TYR E 145 -23.64 23.89 -36.65
CA TYR E 145 -24.99 24.34 -36.38
C TYR E 145 -24.97 25.81 -36.76
N PRO E 146 -26.10 26.37 -37.21
CA PRO E 146 -26.18 27.78 -37.52
C PRO E 146 -26.56 28.70 -36.35
N ALA E 147 -26.45 30.01 -36.53
CA ALA E 147 -26.81 30.95 -35.51
C ALA E 147 -28.20 30.67 -35.00
N THR E 148 -29.16 30.30 -35.83
CA THR E 148 -30.55 30.05 -35.29
C THR E 148 -30.64 29.05 -34.11
N THR E 149 -29.69 28.13 -33.97
CA THR E 149 -29.94 26.83 -33.31
C THR E 149 -28.87 26.52 -32.30
N GLY E 150 -29.18 26.75 -31.04
CA GLY E 150 -28.24 26.45 -29.97
C GLY E 150 -27.89 24.98 -29.94
N ARG E 151 -26.78 24.66 -29.29
CA ARG E 151 -26.27 23.31 -29.33
C ARG E 151 -26.74 22.55 -28.12
N ASN E 152 -26.54 21.25 -28.17
CA ASN E 152 -26.92 20.35 -27.10
C ASN E 152 -25.61 19.90 -26.45
N PHE E 153 -25.27 20.54 -25.32
CA PHE E 153 -23.99 20.25 -24.66
C PHE E 153 -23.95 18.88 -23.94
N SER E 154 -25.12 18.26 -23.72
CA SER E 154 -25.24 16.85 -23.35
C SER E 154 -24.80 15.89 -24.43
N GLU E 155 -25.20 16.14 -25.65
CA GLU E 155 -24.70 15.36 -26.80
C GLU E 155 -23.16 15.48 -27.00
N ILE E 156 -22.63 16.68 -26.70
CA ILE E 156 -21.18 16.92 -26.76
C ILE E 156 -20.39 16.15 -25.71
N LEU E 157 -20.84 16.17 -24.45
CA LEU E 157 -20.28 15.32 -23.40
C LEU E 157 -20.50 13.82 -23.72
N ARG E 158 -21.67 13.46 -24.22
CA ARG E 158 -21.91 12.08 -24.68
C ARG E 158 -20.90 11.57 -25.71
N VAL E 159 -20.72 12.28 -26.82
CA VAL E 159 -19.77 11.82 -27.85
C VAL E 159 -18.29 11.87 -27.42
N ILE E 160 -17.94 12.77 -26.52
CA ILE E 160 -16.61 12.73 -25.87
C ILE E 160 -16.40 11.44 -25.09
N ASP E 161 -17.45 10.92 -24.48
CA ASP E 161 -17.33 9.69 -23.71
C ASP E 161 -17.16 8.49 -24.68
N SER E 162 -17.85 8.55 -25.81
CA SER E 162 -17.67 7.53 -26.85
C SER E 162 -16.22 7.58 -27.38
N LEU E 163 -15.79 8.75 -27.83
CA LEU E 163 -14.44 8.99 -28.38
C LEU E 163 -13.29 8.56 -27.44
N GLN E 164 -13.49 8.76 -26.13
CA GLN E 164 -12.47 8.46 -25.14
C GLN E 164 -12.50 7.01 -24.75
N LEU E 165 -13.70 6.44 -24.64
CA LEU E 165 -13.86 4.99 -24.44
C LEU E 165 -13.34 4.22 -25.66
N THR E 166 -13.76 4.63 -26.85
CA THR E 166 -13.46 3.91 -28.07
C THR E 166 -11.97 3.97 -28.43
N ALA E 167 -11.21 4.79 -27.69
CA ALA E 167 -9.75 4.89 -27.83
C ALA E 167 -9.00 3.87 -27.02
N GLN E 168 -9.48 3.52 -25.83
CA GLN E 168 -8.76 2.52 -25.06
C GLN E 168 -9.17 1.07 -25.33
N LYS E 169 -10.43 0.88 -25.76
CA LYS E 169 -11.02 -0.44 -25.95
C LYS E 169 -11.41 -0.62 -27.40
N LYS E 170 -11.43 -1.85 -27.89
CA LYS E 170 -11.81 -2.13 -29.28
C LYS E 170 -13.33 -2.27 -29.39
N VAL E 171 -14.00 -1.19 -29.00
CA VAL E 171 -15.45 -1.05 -29.07
C VAL E 171 -15.85 0.22 -29.87
N ALA E 172 -17.08 0.21 -30.38
CA ALA E 172 -17.81 1.38 -30.86
C ALA E 172 -19.20 1.52 -30.18
N THR E 173 -19.63 2.75 -29.93
CA THR E 173 -20.84 3.07 -29.19
C THR E 173 -22.05 3.16 -30.15
N PRO E 174 -23.09 2.29 -29.94
CA PRO E 174 -24.24 2.15 -30.83
C PRO E 174 -25.14 3.40 -30.85
N ALA E 175 -26.19 3.38 -31.69
CA ALA E 175 -27.17 4.46 -31.82
C ALA E 175 -27.71 4.82 -30.44
N ASP E 176 -27.67 6.11 -30.07
CA ASP E 176 -28.33 6.58 -28.86
C ASP E 176 -27.66 6.08 -27.54
N TRP E 177 -26.44 5.56 -27.64
CA TRP E 177 -25.71 5.03 -26.50
C TRP E 177 -25.49 6.08 -25.44
N GLN E 178 -25.82 5.77 -24.19
CA GLN E 178 -25.32 6.54 -23.03
C GLN E 178 -24.21 5.76 -22.25
N PRO E 179 -23.27 6.48 -21.60
CA PRO E 179 -22.31 5.89 -20.64
C PRO E 179 -23.01 4.98 -19.61
N GLY E 180 -22.65 3.69 -19.62
CA GLY E 180 -23.29 2.70 -18.78
C GLY E 180 -23.95 1.61 -19.61
N ASP E 181 -24.20 1.94 -20.88
CA ASP E 181 -24.93 1.07 -21.80
C ASP E 181 -23.95 0.16 -22.49
N ARG E 182 -24.43 -0.96 -22.99
CA ARG E 182 -23.58 -1.90 -23.69
C ARG E 182 -22.98 -1.23 -24.91
N CYS E 183 -21.80 -1.69 -25.34
CA CYS E 183 -21.15 -1.23 -26.58
C CYS E 183 -21.02 -2.38 -27.55
N MET E 184 -20.55 -2.08 -28.75
CA MET E 184 -20.36 -3.11 -29.77
C MET E 184 -18.88 -3.38 -30.00
N VAL E 185 -18.60 -4.61 -30.38
CA VAL E 185 -17.25 -5.08 -30.62
C VAL E 185 -17.01 -4.79 -32.09
N VAL E 186 -15.93 -4.06 -32.35
CA VAL E 186 -15.59 -3.60 -33.69
C VAL E 186 -15.38 -4.83 -34.58
N PRO E 187 -15.88 -4.77 -35.82
CA PRO E 187 -15.88 -5.97 -36.68
C PRO E 187 -14.50 -6.61 -36.98
N GLY E 188 -13.41 -5.84 -36.86
CA GLY E 188 -12.03 -6.37 -37.11
C GLY E 188 -11.56 -7.40 -36.08
N VAL E 189 -11.85 -7.15 -34.81
CA VAL E 189 -11.57 -8.04 -33.69
C VAL E 189 -11.98 -9.49 -33.96
N SER E 190 -11.01 -10.40 -33.98
CA SER E 190 -11.28 -11.82 -34.24
C SER E 190 -12.12 -12.48 -33.11
N ALA E 191 -12.67 -13.66 -33.37
CA ALA E 191 -13.49 -14.39 -32.36
C ALA E 191 -12.64 -14.99 -31.24
N GLU E 192 -11.47 -15.54 -31.58
CA GLU E 192 -10.56 -16.08 -30.56
C GLU E 192 -10.04 -14.97 -29.63
N GLU E 193 -9.80 -13.79 -30.19
CA GLU E 193 -9.36 -12.65 -29.39
C GLU E 193 -10.51 -12.16 -28.52
N ALA E 194 -11.67 -11.96 -29.15
CA ALA E 194 -12.92 -11.56 -28.48
C ALA E 194 -13.19 -12.28 -27.16
N LYS E 195 -12.73 -13.53 -27.03
CA LYS E 195 -12.92 -14.31 -25.79
C LYS E 195 -12.09 -13.81 -24.59
N THR E 196 -10.85 -13.37 -24.84
CA THR E 196 -10.01 -12.73 -23.79
C THR E 196 -10.49 -11.34 -23.44
N LEU E 197 -10.62 -10.51 -24.48
CA LEU E 197 -10.85 -9.07 -24.32
C LEU E 197 -12.29 -8.78 -23.93
N PHE E 198 -13.19 -9.67 -24.33
CA PHE E 198 -14.65 -9.51 -24.16
C PHE E 198 -15.30 -10.85 -23.83
N PRO E 199 -15.08 -11.35 -22.60
CA PRO E 199 -15.56 -12.68 -22.20
C PRO E 199 -17.08 -12.77 -21.92
N ASN E 200 -17.76 -11.62 -21.81
CA ASN E 200 -19.21 -11.58 -21.63
C ASN E 200 -19.94 -11.23 -22.93
N MET E 201 -19.23 -11.32 -24.05
CA MET E 201 -19.78 -10.89 -25.33
C MET E 201 -20.97 -11.73 -25.83
N GLU E 202 -22.12 -11.07 -26.01
CA GLU E 202 -23.31 -11.66 -26.64
C GLU E 202 -23.29 -11.43 -28.17
N VAL E 203 -23.27 -12.53 -28.93
CA VAL E 203 -23.41 -12.47 -30.38
C VAL E 203 -24.88 -12.75 -30.67
N LYS E 204 -25.50 -11.88 -31.47
CA LYS E 204 -26.94 -11.88 -31.66
C LYS E 204 -27.29 -12.12 -33.13
N ALA E 205 -27.97 -13.25 -33.38
CA ALA E 205 -28.24 -13.74 -34.73
C ALA E 205 -28.99 -12.74 -35.62
N VAL E 206 -28.64 -12.69 -36.91
CA VAL E 206 -29.34 -11.86 -37.91
C VAL E 206 -29.55 -12.67 -39.20
N PRO E 207 -30.56 -12.29 -40.03
CA PRO E 207 -30.88 -13.01 -41.28
C PRO E 207 -29.69 -13.35 -42.20
N SER E 208 -28.67 -12.48 -42.22
CA SER E 208 -27.48 -12.67 -43.07
C SER E 208 -26.49 -13.71 -42.53
N GLY E 209 -26.67 -14.10 -41.27
CA GLY E 209 -25.91 -15.21 -40.68
C GLY E 209 -24.47 -14.87 -40.35
N LYS E 210 -24.18 -13.57 -40.24
CA LYS E 210 -22.82 -13.08 -39.98
C LYS E 210 -22.67 -12.72 -38.50
N GLY E 211 -21.45 -12.83 -38.00
CA GLY E 211 -21.20 -12.69 -36.57
C GLY E 211 -20.94 -11.28 -36.10
N TYR E 212 -21.42 -10.29 -36.84
CA TYR E 212 -21.00 -8.91 -36.58
C TYR E 212 -21.75 -8.22 -35.46
N LEU E 213 -22.93 -8.71 -35.06
CA LEU E 213 -23.73 -8.02 -34.05
C LEU E 213 -23.35 -8.48 -32.65
N ARG E 214 -22.22 -7.94 -32.20
CA ARG E 214 -21.56 -8.32 -30.98
C ARG E 214 -21.70 -7.21 -29.95
N TYR E 215 -22.41 -7.51 -28.88
CA TYR E 215 -22.57 -6.62 -27.76
C TYR E 215 -21.61 -7.02 -26.63
N THR E 216 -21.26 -6.08 -25.76
CA THR E 216 -20.39 -6.34 -24.61
C THR E 216 -20.81 -5.36 -23.53
N PRO E 217 -20.96 -5.81 -22.27
CA PRO E 217 -21.17 -4.76 -21.27
C PRO E 217 -19.99 -3.79 -21.32
N GLN E 218 -20.25 -2.52 -21.04
CA GLN E 218 -19.25 -1.48 -21.22
C GLN E 218 -18.01 -1.67 -20.32
N PRO E 219 -16.80 -1.59 -20.92
CA PRO E 219 -15.59 -1.67 -20.06
C PRO E 219 -15.33 -0.39 -19.24
N LYS E 220 -14.62 -0.57 -18.12
CA LYS E 220 -14.34 0.52 -17.16
C LYS E 220 -12.97 1.11 -17.45
N SER E 221 -12.94 2.35 -17.95
CA SER E 221 -11.72 2.93 -18.53
C SER E 221 -11.46 4.38 -18.14
N GLY F 2 -15.29 19.37 -49.65
CA GLY F 2 -16.09 19.82 -48.46
C GLY F 2 -17.23 20.81 -48.76
N ILE F 3 -18.08 21.01 -47.77
CA ILE F 3 -19.28 21.79 -47.93
C ILE F 3 -19.61 22.57 -46.67
N THR F 4 -20.01 23.81 -46.89
CA THR F 4 -20.23 24.72 -45.82
C THR F 4 -21.71 25.09 -45.73
N LEU F 5 -22.09 25.66 -44.60
CA LEU F 5 -23.45 26.05 -44.29
C LEU F 5 -23.86 27.10 -45.30
N GLY F 6 -25.05 26.90 -45.86
CA GLY F 6 -25.65 27.82 -46.83
C GLY F 6 -25.40 27.49 -48.28
N GLU F 7 -24.52 26.54 -48.55
CA GLU F 7 -24.15 26.29 -49.94
C GLU F 7 -25.28 25.46 -50.57
N VAL F 8 -25.56 25.67 -51.85
CA VAL F 8 -26.47 24.79 -52.58
C VAL F 8 -25.86 23.39 -52.54
N PHE F 9 -26.64 22.43 -52.11
CA PHE F 9 -26.13 21.04 -51.97
C PHE F 9 -25.97 20.45 -53.38
N PRO F 10 -24.80 19.85 -53.68
CA PRO F 10 -24.57 19.30 -55.02
C PRO F 10 -25.76 18.53 -55.63
N ASN F 11 -26.08 18.83 -56.89
CA ASN F 11 -27.20 18.14 -57.62
C ASN F 11 -26.69 16.82 -58.19
N PHE F 12 -26.27 15.93 -57.31
CA PHE F 12 -25.48 14.78 -57.74
C PHE F 12 -26.33 13.69 -58.35
N GLU F 13 -25.69 12.92 -59.22
CA GLU F 13 -26.25 11.73 -59.83
C GLU F 13 -25.61 10.51 -59.15
N ALA F 14 -26.42 9.59 -58.65
CA ALA F 14 -25.93 8.44 -57.91
C ALA F 14 -26.78 7.20 -58.18
N ASP F 15 -26.19 6.02 -58.03
CA ASP F 15 -26.98 4.80 -57.98
C ASP F 15 -27.41 4.60 -56.54
N SER F 16 -28.48 3.84 -56.38
CA SER F 16 -29.21 3.71 -55.10
C SER F 16 -30.05 2.43 -55.06
N THR F 17 -30.53 2.06 -53.89
CA THR F 17 -31.38 0.87 -53.74
C THR F 17 -32.72 0.99 -54.48
N ILE F 18 -33.04 2.21 -54.97
CA ILE F 18 -34.22 2.52 -55.81
C ILE F 18 -33.81 2.96 -57.25
N GLY F 19 -32.60 2.60 -57.66
CA GLY F 19 -32.13 2.86 -59.01
C GLY F 19 -31.29 4.11 -59.09
N LYS F 20 -31.12 4.63 -60.30
CA LYS F 20 -30.39 5.87 -60.50
C LYS F 20 -31.31 7.04 -60.17
N LEU F 21 -30.83 7.96 -59.34
CA LEU F 21 -31.54 9.22 -59.05
C LEU F 21 -30.65 10.47 -59.20
N LYS F 22 -31.24 11.60 -59.58
CA LYS F 22 -30.57 12.92 -59.47
C LYS F 22 -31.03 13.64 -58.17
N PHE F 23 -30.10 14.03 -57.30
CA PHE F 23 -30.49 14.45 -55.97
C PHE F 23 -31.59 15.54 -55.83
N HIS F 24 -31.47 16.66 -56.53
CA HIS F 24 -32.46 17.75 -56.42
C HIS F 24 -33.83 17.29 -56.91
N ASP F 25 -33.83 16.43 -57.93
CA ASP F 25 -35.06 15.91 -58.46
C ASP F 25 -35.72 15.01 -57.43
N TRP F 26 -34.94 14.10 -56.86
CA TRP F 26 -35.42 13.15 -55.83
C TRP F 26 -35.97 13.85 -54.54
N LEU F 27 -35.34 14.98 -54.20
CA LEU F 27 -35.69 15.82 -53.06
C LEU F 27 -37.01 16.56 -53.30
N GLY F 28 -37.15 17.24 -54.44
CA GLY F 28 -38.33 18.08 -54.69
C GLY F 28 -38.25 19.43 -53.98
N ASN F 29 -39.39 19.94 -53.49
CA ASN F 29 -39.49 21.20 -52.68
C ASN F 29 -39.37 20.83 -51.18
N SER F 30 -38.74 19.70 -50.92
CA SER F 30 -38.77 19.08 -49.60
C SER F 30 -37.48 19.25 -48.83
N TRP F 31 -37.61 19.30 -47.50
CA TRP F 31 -36.51 19.08 -46.55
C TRP F 31 -35.93 17.69 -46.64
N GLY F 32 -34.61 17.55 -46.54
CA GLY F 32 -33.96 16.25 -46.64
C GLY F 32 -32.91 15.97 -45.57
N VAL F 33 -32.67 14.69 -45.30
CA VAL F 33 -31.56 14.24 -44.45
C VAL F 33 -30.75 13.17 -45.20
N LEU F 34 -29.56 13.57 -45.66
CA LEU F 34 -28.54 12.62 -46.14
C LEU F 34 -27.63 12.23 -44.97
N PHE F 35 -27.69 10.98 -44.57
CA PHE F 35 -26.79 10.47 -43.57
C PHE F 35 -26.00 9.31 -44.19
N SER F 36 -24.74 9.15 -43.78
CA SER F 36 -23.83 8.13 -44.29
C SER F 36 -23.39 7.22 -43.15
N HIS F 37 -22.75 6.10 -43.50
CA HIS F 37 -22.20 5.14 -42.55
C HIS F 37 -21.07 4.32 -43.19
N PRO F 38 -20.08 3.87 -42.39
CA PRO F 38 -18.82 3.47 -43.00
C PRO F 38 -18.90 2.23 -43.93
N ARG F 39 -19.61 1.21 -43.48
CA ARG F 39 -19.74 -0.02 -44.24
C ARG F 39 -21.01 -0.77 -43.82
N ASP F 40 -21.50 -1.62 -44.70
CA ASP F 40 -22.61 -2.48 -44.35
C ASP F 40 -22.12 -3.66 -43.51
N PHE F 41 -23.07 -4.34 -42.92
CA PHE F 41 -22.80 -5.49 -42.08
C PHE F 41 -21.88 -5.10 -40.91
N THR F 42 -22.05 -3.89 -40.40
CA THR F 42 -21.35 -3.50 -39.19
C THR F 42 -22.33 -3.18 -38.04
N PRO F 43 -21.91 -3.49 -36.80
CA PRO F 43 -22.80 -3.39 -35.64
C PRO F 43 -23.43 -2.02 -35.38
N VAL F 44 -22.63 -0.96 -35.22
CA VAL F 44 -23.19 0.37 -34.94
C VAL F 44 -24.07 0.84 -36.10
N SER F 45 -23.59 0.62 -37.32
CA SER F 45 -24.34 1.01 -38.53
C SER F 45 -25.77 0.43 -38.53
N THR F 46 -25.89 -0.82 -38.07
CA THR F 46 -27.19 -1.52 -38.05
C THR F 46 -28.13 -0.97 -36.96
N THR F 47 -27.60 -0.64 -35.79
CA THR F 47 -28.40 -0.04 -34.70
C THR F 47 -28.92 1.36 -35.10
N GLU F 48 -28.15 2.06 -35.93
CA GLU F 48 -28.44 3.40 -36.43
C GLU F 48 -29.52 3.37 -37.48
N LEU F 49 -29.34 2.52 -38.49
CA LEU F 49 -30.33 2.47 -39.56
C LEU F 49 -31.61 1.77 -39.10
N GLY F 50 -31.54 0.92 -38.08
CA GLY F 50 -32.73 0.35 -37.49
C GLY F 50 -33.50 1.41 -36.75
N ARG F 51 -32.79 2.27 -36.02
CA ARG F 51 -33.40 3.37 -35.31
C ARG F 51 -34.11 4.31 -36.28
N VAL F 52 -33.45 4.64 -37.40
CA VAL F 52 -34.10 5.49 -38.41
C VAL F 52 -35.41 4.89 -38.94
N ILE F 53 -35.55 3.56 -39.01
CA ILE F 53 -36.82 2.93 -39.40
C ILE F 53 -37.89 3.13 -38.31
N GLN F 54 -37.50 2.84 -37.08
CA GLN F 54 -38.33 3.10 -35.90
C GLN F 54 -38.84 4.57 -35.84
N LEU F 55 -37.99 5.53 -36.22
CA LEU F 55 -38.27 6.97 -36.19
C LEU F 55 -38.86 7.60 -37.50
N GLU F 56 -39.19 6.80 -38.52
CA GLU F 56 -39.57 7.36 -39.83
C GLU F 56 -40.92 8.06 -39.78
N GLY F 57 -41.88 7.49 -39.06
CA GLY F 57 -43.11 8.22 -38.72
C GLY F 57 -42.82 9.66 -38.39
N ASP F 58 -41.83 9.84 -37.51
CA ASP F 58 -41.43 11.09 -36.87
C ASP F 58 -40.85 12.12 -37.81
N PHE F 59 -40.03 11.66 -38.75
CA PHE F 59 -39.47 12.49 -39.82
C PHE F 59 -40.54 12.90 -40.84
N LYS F 60 -41.42 11.94 -41.17
CA LYS F 60 -42.52 12.15 -42.07
C LYS F 60 -43.48 13.28 -41.58
N LYS F 61 -43.70 13.41 -40.27
CA LYS F 61 -44.63 14.41 -39.75
C LYS F 61 -44.06 15.80 -39.85
N ARG F 62 -42.76 15.88 -40.07
CA ARG F 62 -42.02 17.11 -40.29
C ARG F 62 -41.69 17.35 -41.78
N GLY F 63 -42.08 16.46 -42.67
CA GLY F 63 -41.81 16.63 -44.09
C GLY F 63 -40.36 16.49 -44.47
N VAL F 64 -39.65 15.60 -43.73
CA VAL F 64 -38.23 15.33 -43.90
C VAL F 64 -38.05 14.01 -44.67
N LYS F 65 -37.45 14.13 -45.86
CA LYS F 65 -37.06 12.96 -46.66
C LYS F 65 -35.68 12.40 -46.24
N LEU F 66 -35.64 11.09 -46.02
CA LEU F 66 -34.45 10.40 -45.53
C LEU F 66 -33.71 9.61 -46.62
N ILE F 67 -32.37 9.78 -46.72
CA ILE F 67 -31.58 8.97 -47.63
C ILE F 67 -30.22 8.59 -47.00
N ALA F 68 -29.89 7.29 -47.08
CA ALA F 68 -28.66 6.75 -46.51
C ALA F 68 -27.55 6.56 -47.59
N LEU F 69 -26.33 6.29 -47.15
CA LEU F 69 -25.22 6.16 -48.07
C LEU F 69 -24.04 5.50 -47.39
N SER F 70 -23.46 4.52 -48.06
CA SER F 70 -22.08 4.08 -47.80
C SER F 70 -21.45 3.90 -49.15
N CYS F 71 -20.15 3.67 -49.20
CA CYS F 71 -19.48 3.35 -50.45
C CYS F 71 -19.62 1.90 -50.95
N ASP F 72 -20.44 1.05 -50.31
CA ASP F 72 -20.72 -0.33 -50.78
C ASP F 72 -21.63 -0.33 -52.00
N ASN F 73 -21.79 -1.50 -52.62
CA ASN F 73 -22.67 -1.66 -53.81
C ASN F 73 -24.12 -1.88 -53.44
N VAL F 74 -25.01 -1.68 -54.42
CA VAL F 74 -26.45 -1.84 -54.22
C VAL F 74 -26.82 -3.29 -53.79
N ALA F 75 -26.11 -4.28 -54.32
CA ALA F 75 -26.33 -5.67 -53.91
C ALA F 75 -26.14 -5.82 -52.38
N ASP F 76 -25.06 -5.26 -51.86
CA ASP F 76 -24.78 -5.36 -50.42
C ASP F 76 -25.81 -4.61 -49.57
N HIS F 77 -26.21 -3.42 -50.04
CA HIS F 77 -27.20 -2.60 -49.33
C HIS F 77 -28.53 -3.32 -49.14
N LYS F 78 -28.97 -4.02 -50.19
CA LYS F 78 -30.19 -4.84 -50.22
C LYS F 78 -30.15 -6.10 -49.35
N GLU F 79 -28.98 -6.74 -49.24
CA GLU F 79 -28.84 -7.95 -48.42
C GLU F 79 -28.84 -7.56 -46.96
N TRP F 80 -27.97 -6.59 -46.64
CA TRP F 80 -27.85 -5.99 -45.30
C TRP F 80 -29.12 -5.29 -44.79
N SER F 81 -30.01 -4.86 -45.71
CA SER F 81 -31.23 -4.13 -45.32
C SER F 81 -32.12 -5.04 -44.48
N GLU F 82 -32.16 -6.34 -44.83
CA GLU F 82 -32.90 -7.34 -44.04
C GLU F 82 -32.47 -7.35 -42.58
N ASP F 83 -31.17 -7.26 -42.34
CA ASP F 83 -30.64 -7.19 -40.96
C ASP F 83 -31.06 -5.90 -40.26
N VAL F 84 -30.97 -4.79 -40.98
CA VAL F 84 -31.50 -3.50 -40.49
C VAL F 84 -33.02 -3.60 -40.16
N LYS F 85 -33.86 -4.03 -41.12
CA LYS F 85 -35.28 -4.33 -40.82
C LYS F 85 -35.46 -5.18 -39.51
N CYS F 86 -34.73 -6.28 -39.42
CA CYS F 86 -34.80 -7.17 -38.28
C CYS F 86 -34.58 -6.52 -36.93
N LEU F 87 -33.46 -5.81 -36.78
CA LEU F 87 -33.05 -5.22 -35.50
C LEU F 87 -34.06 -4.15 -35.07
N SER F 88 -34.68 -3.49 -36.05
CA SER F 88 -35.58 -2.37 -35.79
C SER F 88 -36.90 -2.79 -35.16
N GLY F 89 -37.24 -4.07 -35.27
CA GLY F 89 -38.55 -4.60 -34.86
C GLY F 89 -39.74 -4.27 -35.76
N VAL F 90 -39.51 -3.60 -36.90
CA VAL F 90 -40.57 -3.12 -37.81
C VAL F 90 -40.57 -3.87 -39.12
N LYS F 91 -41.58 -4.71 -39.31
CA LYS F 91 -41.78 -5.46 -40.55
C LYS F 91 -42.33 -4.52 -41.63
N GLY F 92 -41.80 -4.61 -42.83
CA GLY F 92 -42.19 -3.69 -43.90
C GLY F 92 -41.04 -3.47 -44.85
N ASP F 93 -41.32 -2.81 -45.98
CA ASP F 93 -40.28 -2.45 -46.94
C ASP F 93 -39.38 -1.37 -46.34
N MET F 94 -38.20 -1.20 -46.95
CA MET F 94 -37.29 -0.13 -46.54
C MET F 94 -37.98 1.18 -46.81
N PRO F 95 -38.03 2.09 -45.82
CA PRO F 95 -38.66 3.40 -46.01
C PRO F 95 -37.68 4.49 -46.45
N TYR F 96 -36.40 4.14 -46.62
CA TYR F 96 -35.45 5.05 -47.23
C TYR F 96 -34.54 4.36 -48.25
N PRO F 97 -34.13 5.14 -49.29
CA PRO F 97 -33.07 4.65 -50.21
C PRO F 97 -31.71 4.61 -49.53
N ILE F 98 -30.85 3.71 -50.01
CA ILE F 98 -29.44 3.74 -49.68
C ILE F 98 -28.64 3.94 -50.96
N ILE F 99 -27.78 4.98 -50.95
CA ILE F 99 -26.89 5.33 -52.07
C ILE F 99 -25.62 4.47 -52.03
N ALA F 100 -25.21 3.98 -53.22
CA ALA F 100 -23.91 3.37 -53.43
C ALA F 100 -22.92 4.43 -53.99
N ASP F 101 -22.04 4.92 -53.11
CA ASP F 101 -20.94 5.81 -53.52
C ASP F 101 -19.64 5.02 -53.81
N GLU F 102 -19.67 4.19 -54.86
CA GLU F 102 -18.59 3.26 -55.14
C GLU F 102 -17.31 3.94 -55.67
N THR F 103 -17.51 5.06 -56.37
CA THR F 103 -16.44 5.90 -56.87
C THR F 103 -15.83 6.83 -55.78
N ARG F 104 -16.41 6.82 -54.59
CA ARG F 104 -16.01 7.73 -53.50
C ARG F 104 -16.14 9.20 -53.88
N GLU F 105 -16.87 9.50 -54.97
CA GLU F 105 -17.02 10.88 -55.44
C GLU F 105 -17.72 11.75 -54.42
N LEU F 106 -18.75 11.22 -53.78
CA LEU F 106 -19.46 11.93 -52.70
C LEU F 106 -18.71 11.92 -51.37
N ALA F 107 -18.05 10.81 -51.05
CA ALA F 107 -17.22 10.80 -49.85
C ALA F 107 -16.21 11.94 -49.88
N VAL F 108 -15.61 12.19 -51.04
CA VAL F 108 -14.58 13.20 -51.18
C VAL F 108 -15.20 14.61 -51.25
N LYS F 109 -16.13 14.82 -52.16
CA LYS F 109 -16.85 16.10 -52.35
C LYS F 109 -17.54 16.60 -51.11
N LEU F 110 -18.23 15.70 -50.42
CA LEU F 110 -18.90 16.03 -49.18
C LEU F 110 -17.97 16.03 -47.93
N GLY F 111 -16.69 15.75 -48.08
CA GLY F 111 -15.79 15.87 -46.93
C GLY F 111 -16.02 14.86 -45.81
N MET F 112 -16.67 13.75 -46.15
CA MET F 112 -17.06 12.73 -45.18
C MET F 112 -16.21 11.44 -45.21
N VAL F 113 -14.95 11.50 -45.61
CA VAL F 113 -14.08 10.31 -45.52
C VAL F 113 -13.65 10.04 -44.05
N ASP F 114 -13.69 8.78 -43.61
CA ASP F 114 -13.37 8.39 -42.24
C ASP F 114 -11.87 8.24 -42.12
N PRO F 115 -11.30 8.71 -41.01
CA PRO F 115 -9.86 8.75 -40.82
C PRO F 115 -9.22 7.42 -40.50
N ASP F 116 -9.97 6.58 -39.75
CA ASP F 116 -9.46 5.31 -39.21
C ASP F 116 -9.82 4.10 -40.05
N GLU F 117 -11.00 4.16 -40.66
CA GLU F 117 -11.66 2.98 -41.24
C GLU F 117 -11.54 2.90 -42.78
N ARG F 118 -10.74 1.94 -43.24
CA ARG F 118 -10.53 1.68 -44.67
C ARG F 118 -10.95 0.24 -45.02
N THR F 119 -11.13 -0.06 -46.31
CA THR F 119 -11.30 -1.47 -46.75
C THR F 119 -9.95 -2.23 -46.68
N SER F 120 -9.89 -3.45 -47.22
CA SER F 120 -8.66 -4.27 -47.22
C SER F 120 -7.69 -3.93 -48.39
N THR F 121 -8.26 -3.70 -49.57
CA THR F 121 -7.56 -3.06 -50.69
C THR F 121 -6.99 -1.67 -50.30
N GLY F 122 -7.41 -1.13 -49.16
CA GLY F 122 -6.95 0.20 -48.69
C GLY F 122 -7.82 1.36 -49.18
N MET F 123 -9.00 1.05 -49.71
CA MET F 123 -9.93 2.07 -50.24
C MET F 123 -10.55 2.95 -49.12
N PRO F 124 -10.84 4.25 -49.44
CA PRO F 124 -11.48 5.15 -48.47
C PRO F 124 -12.94 4.79 -48.15
N LEU F 125 -13.43 5.18 -46.97
CA LEU F 125 -14.83 4.90 -46.57
C LEU F 125 -15.44 6.11 -45.90
N THR F 126 -16.76 6.27 -45.97
CA THR F 126 -17.36 7.43 -45.31
C THR F 126 -17.40 7.25 -43.80
N CYS F 127 -17.74 8.33 -43.11
CA CYS F 127 -17.78 8.32 -41.65
C CYS F 127 -19.25 8.32 -41.36
N ARG F 128 -19.64 8.72 -40.17
CA ARG F 128 -21.02 8.96 -39.80
C ARG F 128 -21.47 10.43 -39.98
N ALA F 129 -21.70 10.83 -41.25
CA ALA F 129 -22.08 12.21 -41.63
C ALA F 129 -23.62 12.45 -41.71
N VAL F 130 -24.07 13.66 -41.35
CA VAL F 130 -25.46 14.04 -41.43
C VAL F 130 -25.53 15.45 -42.02
N PHE F 131 -26.30 15.60 -43.10
CA PHE F 131 -26.50 16.89 -43.78
C PHE F 131 -27.96 17.13 -43.80
N ILE F 132 -28.38 18.28 -43.30
CA ILE F 132 -29.80 18.62 -43.32
C ILE F 132 -29.99 19.72 -44.36
N ILE F 133 -30.84 19.43 -45.33
CA ILE F 133 -31.01 20.27 -46.53
C ILE F 133 -32.43 20.84 -46.53
N GLY F 134 -32.56 22.12 -46.81
CA GLY F 134 -33.86 22.83 -46.80
C GLY F 134 -34.53 22.68 -48.15
N PRO F 135 -35.82 23.05 -48.25
CA PRO F 135 -36.55 23.16 -49.51
C PRO F 135 -35.84 23.97 -50.61
N ASP F 136 -35.00 24.91 -50.20
CA ASP F 136 -34.17 25.71 -51.12
C ASP F 136 -32.90 24.98 -51.65
N LYS F 137 -32.70 23.72 -51.23
CA LYS F 137 -31.52 22.91 -51.59
C LYS F 137 -30.21 23.27 -50.90
N LYS F 138 -30.26 24.18 -49.92
CA LYS F 138 -29.06 24.67 -49.21
C LYS F 138 -28.86 23.89 -47.95
N LEU F 139 -27.60 23.68 -47.57
CA LEU F 139 -27.17 23.04 -46.32
C LEU F 139 -27.45 23.92 -45.12
N LYS F 140 -28.33 23.44 -44.25
CA LYS F 140 -28.76 24.15 -43.04
C LYS F 140 -27.95 23.75 -41.79
N LEU F 141 -27.44 22.53 -41.75
CA LEU F 141 -26.74 22.00 -40.61
C LEU F 141 -25.99 20.72 -41.01
N SER F 142 -24.85 20.43 -40.38
CA SER F 142 -24.16 19.17 -40.59
C SER F 142 -23.44 18.73 -39.33
N ILE F 143 -23.28 17.40 -39.20
CA ILE F 143 -22.43 16.81 -38.19
C ILE F 143 -21.49 15.80 -38.88
N LEU F 144 -20.29 15.70 -38.37
CA LEU F 144 -19.34 14.74 -38.87
C LEU F 144 -18.84 13.87 -37.69
N TYR F 145 -19.44 12.70 -37.51
CA TYR F 145 -19.07 11.73 -36.48
C TYR F 145 -18.17 10.62 -37.05
N PRO F 146 -17.25 10.08 -36.23
CA PRO F 146 -16.44 8.97 -36.71
C PRO F 146 -17.12 7.57 -36.58
N ALA F 147 -16.71 6.61 -37.41
CA ALA F 147 -17.10 5.21 -37.27
C ALA F 147 -17.24 4.74 -35.80
N THR F 148 -16.27 5.09 -34.95
CA THR F 148 -16.31 4.69 -33.54
C THR F 148 -17.54 5.20 -32.73
N THR F 149 -18.18 6.28 -33.19
CA THR F 149 -19.21 6.97 -32.41
C THR F 149 -20.57 7.00 -33.13
N GLY F 150 -21.47 6.11 -32.70
CA GLY F 150 -22.87 6.10 -33.14
C GLY F 150 -23.62 7.38 -32.84
N ARG F 151 -24.53 7.73 -33.72
CA ARG F 151 -25.22 9.02 -33.64
C ARG F 151 -26.41 8.99 -32.68
N ASN F 152 -26.93 10.19 -32.44
CA ASN F 152 -28.13 10.41 -31.61
C ASN F 152 -29.21 10.98 -32.53
N PHE F 153 -30.26 10.20 -32.76
CA PHE F 153 -31.30 10.62 -33.70
C PHE F 153 -32.38 11.49 -33.07
N SER F 154 -32.50 11.49 -31.75
CA SER F 154 -33.28 12.49 -31.08
C SER F 154 -32.73 13.92 -31.24
N GLU F 155 -31.41 14.09 -31.27
CA GLU F 155 -30.78 15.38 -31.55
C GLU F 155 -31.09 15.85 -32.94
N ILE F 156 -31.04 14.92 -33.89
CA ILE F 156 -31.37 15.21 -35.30
C ILE F 156 -32.79 15.72 -35.39
N LEU F 157 -33.71 15.05 -34.73
CA LEU F 157 -35.08 15.51 -34.73
C LEU F 157 -35.24 16.81 -33.96
N ARG F 158 -34.46 16.98 -32.89
CA ARG F 158 -34.46 18.21 -32.09
C ARG F 158 -34.05 19.42 -32.92
N VAL F 159 -32.97 19.32 -33.70
CA VAL F 159 -32.48 20.45 -34.52
C VAL F 159 -33.33 20.69 -35.79
N ILE F 160 -33.98 19.66 -36.32
CA ILE F 160 -34.98 19.86 -37.38
C ILE F 160 -36.13 20.77 -36.89
N ASP F 161 -36.66 20.49 -35.71
CA ASP F 161 -37.68 21.29 -35.08
C ASP F 161 -37.21 22.75 -34.89
N SER F 162 -35.95 22.93 -34.52
CA SER F 162 -35.36 24.27 -34.32
C SER F 162 -35.26 24.96 -35.66
N LEU F 163 -34.72 24.25 -36.65
CA LEU F 163 -34.59 24.78 -37.99
C LEU F 163 -35.91 25.22 -38.61
N GLN F 164 -36.97 24.44 -38.42
CA GLN F 164 -38.27 24.72 -39.02
C GLN F 164 -38.98 25.83 -38.29
N LEU F 165 -38.80 25.91 -37.00
CA LEU F 165 -39.39 26.98 -36.22
C LEU F 165 -38.67 28.29 -36.45
N THR F 166 -37.34 28.22 -36.54
CA THR F 166 -36.58 29.44 -36.65
C THR F 166 -36.62 29.98 -38.08
N ALA F 167 -37.14 29.20 -39.04
CA ALA F 167 -37.39 29.73 -40.39
C ALA F 167 -38.70 30.53 -40.42
N GLN F 168 -39.73 30.10 -39.68
CA GLN F 168 -41.02 30.87 -39.60
C GLN F 168 -40.80 32.08 -38.73
N LYS F 169 -40.70 31.82 -37.42
CA LYS F 169 -40.61 32.89 -36.42
C LYS F 169 -39.22 33.52 -36.27
N LYS F 170 -39.21 34.81 -35.95
CA LYS F 170 -37.98 35.58 -35.72
C LYS F 170 -37.44 35.28 -34.32
N VAL F 171 -37.10 34.00 -34.10
CA VAL F 171 -36.48 33.51 -32.87
C VAL F 171 -35.31 32.58 -33.15
N ALA F 172 -34.57 32.29 -32.11
CA ALA F 172 -33.49 31.32 -32.14
C ALA F 172 -33.64 30.43 -30.92
N THR F 173 -33.24 29.18 -30.98
CA THR F 173 -33.45 28.24 -29.87
C THR F 173 -32.18 28.11 -29.01
N PRO F 174 -32.34 28.23 -27.66
CA PRO F 174 -31.19 28.29 -26.71
C PRO F 174 -30.47 26.95 -26.50
N ALA F 175 -29.39 26.97 -25.72
CA ALA F 175 -28.67 25.75 -25.37
C ALA F 175 -29.64 24.76 -24.81
N ASP F 176 -29.49 23.50 -25.24
CA ASP F 176 -30.26 22.32 -24.76
C ASP F 176 -31.80 22.46 -24.90
N TRP F 177 -32.26 23.38 -25.74
CA TRP F 177 -33.72 23.63 -25.97
C TRP F 177 -34.46 22.40 -26.47
N GLN F 178 -35.58 22.07 -25.82
CA GLN F 178 -36.48 21.02 -26.29
C GLN F 178 -37.75 21.67 -26.78
N PRO F 179 -38.42 21.11 -27.81
CA PRO F 179 -39.69 21.74 -28.22
C PRO F 179 -40.67 21.94 -27.06
N GLY F 180 -41.20 23.16 -26.94
CA GLY F 180 -42.14 23.50 -25.91
C GLY F 180 -41.53 24.54 -25.01
N ASP F 181 -40.19 24.49 -24.90
CA ASP F 181 -39.39 25.42 -24.11
C ASP F 181 -39.40 26.80 -24.75
N ARG F 182 -39.28 27.82 -23.94
CA ARG F 182 -39.27 29.13 -24.49
C ARG F 182 -37.99 29.37 -25.30
N CYS F 183 -38.13 30.23 -26.29
CA CYS F 183 -37.04 30.54 -27.19
C CYS F 183 -36.43 31.89 -26.86
N MET F 184 -35.47 32.33 -27.69
CA MET F 184 -34.89 33.69 -27.60
C MET F 184 -35.30 34.54 -28.80
N VAL F 185 -35.70 35.77 -28.56
CA VAL F 185 -36.08 36.65 -29.66
C VAL F 185 -34.79 37.07 -30.35
N VAL F 186 -34.70 36.95 -31.69
CA VAL F 186 -33.45 37.31 -32.36
C VAL F 186 -33.09 38.80 -32.17
N PRO F 187 -31.78 39.11 -32.04
CA PRO F 187 -31.31 40.47 -31.72
C PRO F 187 -31.77 41.58 -32.65
N GLY F 188 -32.00 41.25 -33.92
CA GLY F 188 -32.31 42.23 -34.96
C GLY F 188 -33.68 42.87 -34.82
N VAL F 189 -34.62 42.11 -34.27
CA VAL F 189 -35.91 42.65 -33.83
C VAL F 189 -35.72 43.87 -32.91
N SER F 190 -36.28 45.00 -33.30
CA SER F 190 -36.28 46.22 -32.46
C SER F 190 -37.39 46.08 -31.45
N ALA F 191 -37.12 46.49 -30.20
CA ALA F 191 -38.02 46.16 -29.08
C ALA F 191 -39.41 46.82 -29.16
N GLU F 192 -39.69 47.55 -30.26
CA GLU F 192 -41.06 47.92 -30.66
C GLU F 192 -41.84 46.77 -31.31
N GLU F 193 -41.26 46.13 -32.34
CA GLU F 193 -41.94 45.00 -33.01
C GLU F 193 -42.08 43.75 -32.09
N ALA F 194 -41.22 43.66 -31.08
CA ALA F 194 -41.43 42.71 -29.99
C ALA F 194 -42.71 43.01 -29.18
N LYS F 195 -42.96 44.28 -28.87
CA LYS F 195 -44.19 44.68 -28.15
C LYS F 195 -45.47 44.11 -28.79
N THR F 196 -45.57 44.15 -30.11
CA THR F 196 -46.73 43.64 -30.83
C THR F 196 -46.65 42.14 -31.14
N LEU F 197 -45.45 41.63 -31.39
CA LEU F 197 -45.27 40.27 -31.92
C LEU F 197 -44.99 39.22 -30.85
N PHE F 198 -44.36 39.63 -29.74
CA PHE F 198 -44.09 38.74 -28.58
C PHE F 198 -44.57 39.40 -27.28
N PRO F 199 -45.90 39.52 -27.14
CA PRO F 199 -46.53 40.16 -25.99
C PRO F 199 -45.98 39.74 -24.61
N ASN F 200 -45.56 38.48 -24.50
CA ASN F 200 -45.12 37.87 -23.26
C ASN F 200 -43.59 37.74 -23.17
N MET F 201 -42.87 38.75 -23.66
CA MET F 201 -41.42 38.69 -23.76
C MET F 201 -40.75 39.10 -22.43
N GLU F 202 -39.93 38.21 -21.89
CA GLU F 202 -39.19 38.42 -20.63
C GLU F 202 -37.77 38.88 -21.00
N VAL F 203 -37.38 40.08 -20.58
CA VAL F 203 -36.01 40.57 -20.78
C VAL F 203 -35.25 40.33 -19.47
N LYS F 204 -34.31 39.39 -19.46
CA LYS F 204 -33.53 39.06 -18.25
C LYS F 204 -32.31 40.01 -18.18
N ALA F 205 -32.29 40.86 -17.14
CA ALA F 205 -31.38 42.01 -17.06
C ALA F 205 -29.92 41.51 -16.61
N VAL F 206 -29.01 42.08 -17.41
CA VAL F 206 -27.56 41.63 -17.44
C VAL F 206 -26.71 42.86 -17.19
N PRO F 207 -25.49 42.69 -16.64
CA PRO F 207 -24.57 43.80 -16.24
C PRO F 207 -24.38 44.95 -17.23
N SER F 208 -24.18 44.62 -18.51
CA SER F 208 -23.89 45.60 -19.56
C SER F 208 -25.10 46.41 -20.06
N GLY F 209 -26.28 46.09 -19.51
CA GLY F 209 -27.47 46.92 -19.70
C GLY F 209 -28.11 46.89 -21.07
N LYS F 210 -27.74 45.92 -21.92
CA LYS F 210 -28.26 45.85 -23.29
C LYS F 210 -29.60 45.11 -23.37
N GLY F 211 -30.49 45.56 -24.25
CA GLY F 211 -31.83 44.95 -24.38
C GLY F 211 -31.77 43.82 -25.40
N TYR F 212 -31.07 42.73 -25.06
CA TYR F 212 -30.78 41.65 -26.04
C TYR F 212 -31.20 40.27 -25.55
N LEU F 213 -31.15 40.03 -24.24
CA LEU F 213 -31.54 38.73 -23.64
C LEU F 213 -33.05 38.64 -23.44
N ARG F 214 -33.76 38.10 -24.44
CA ARG F 214 -35.20 38.19 -24.45
C ARG F 214 -35.80 36.84 -24.76
N TYR F 215 -36.45 36.27 -23.75
CA TYR F 215 -37.16 35.02 -23.85
C TYR F 215 -38.60 35.33 -24.24
N THR F 216 -39.18 34.44 -25.05
CA THR F 216 -40.60 34.47 -25.40
C THR F 216 -41.15 33.03 -25.32
N PRO F 217 -42.45 32.87 -24.99
CA PRO F 217 -42.98 31.51 -25.06
C PRO F 217 -42.86 31.00 -26.50
N GLN F 218 -42.75 29.69 -26.65
CA GLN F 218 -42.48 29.12 -28.00
C GLN F 218 -43.67 29.35 -28.90
N PRO F 219 -43.47 30.12 -29.98
CA PRO F 219 -44.57 30.45 -30.87
C PRO F 219 -45.44 29.26 -31.31
N LYS F 220 -46.77 29.40 -31.10
CA LYS F 220 -47.75 28.43 -31.58
C LYS F 220 -47.87 28.62 -33.10
N SER F 221 -47.20 27.73 -33.85
CA SER F 221 -46.72 28.04 -35.22
C SER F 221 -47.06 26.96 -36.23
N GLY G 2 7.11 -5.60 22.45
CA GLY G 2 6.44 -6.62 23.32
C GLY G 2 7.42 -7.64 23.90
N ILE G 3 6.92 -8.45 24.78
CA ILE G 3 7.68 -9.52 25.36
C ILE G 3 6.84 -10.81 25.24
N THR G 4 7.43 -11.83 24.59
CA THR G 4 6.79 -13.13 24.38
C THR G 4 7.10 -14.08 25.55
N LEU G 5 6.36 -15.18 25.63
CA LEU G 5 6.55 -16.10 26.75
C LEU G 5 7.88 -16.75 26.58
N GLY G 6 8.52 -17.08 27.68
CA GLY G 6 9.84 -17.68 27.67
C GLY G 6 11.02 -16.71 27.66
N GLU G 7 10.76 -15.45 27.39
CA GLU G 7 11.81 -14.43 27.35
C GLU G 7 12.23 -14.03 28.77
N VAL G 8 13.52 -13.81 28.97
CA VAL G 8 14.03 -13.20 30.19
C VAL G 8 13.43 -11.78 30.33
N PHE G 9 12.79 -11.53 31.45
CA PHE G 9 12.14 -10.26 31.66
C PHE G 9 13.26 -9.27 31.76
N PRO G 10 13.09 -8.06 31.19
CA PRO G 10 14.16 -7.07 31.30
C PRO G 10 14.58 -6.73 32.73
N ASN G 11 15.89 -6.74 32.94
CA ASN G 11 16.50 -6.30 34.17
C ASN G 11 16.59 -4.77 34.24
N PHE G 12 15.42 -4.13 34.27
CA PHE G 12 15.31 -2.69 34.23
C PHE G 12 15.55 -2.06 35.57
N GLU G 13 15.99 -0.82 35.53
CA GLU G 13 16.17 0.06 36.69
C GLU G 13 14.98 0.97 36.62
N ALA G 14 14.23 1.08 37.70
CA ALA G 14 13.06 1.94 37.78
C ALA G 14 13.08 2.71 39.12
N ASP G 15 12.30 3.79 39.19
CA ASP G 15 11.91 4.47 40.42
C ASP G 15 10.56 3.93 40.92
N SER G 16 10.37 3.94 42.23
CA SER G 16 9.20 3.33 42.85
C SER G 16 8.97 3.91 44.24
N THR G 17 7.89 3.48 44.90
CA THR G 17 7.58 3.97 46.23
C THR G 17 8.52 3.40 47.34
N ILE G 18 9.54 2.65 46.96
CA ILE G 18 10.53 2.11 47.88
C ILE G 18 11.95 2.45 47.35
N GLY G 19 12.02 3.51 46.53
CA GLY G 19 13.27 3.99 45.92
C GLY G 19 13.61 3.36 44.58
N LYS G 20 14.74 3.79 44.00
CA LYS G 20 15.25 3.17 42.77
C LYS G 20 15.48 1.66 42.96
N LEU G 21 15.17 0.87 41.93
CA LEU G 21 15.39 -0.58 41.99
C LEU G 21 15.77 -1.20 40.67
N LYS G 22 16.67 -2.17 40.71
CA LYS G 22 17.02 -3.03 39.58
C LYS G 22 16.12 -4.29 39.68
N PHE G 23 15.26 -4.51 38.69
CA PHE G 23 14.24 -5.54 38.76
C PHE G 23 14.69 -6.98 39.15
N HIS G 24 15.82 -7.48 38.64
CA HIS G 24 16.25 -8.84 38.99
C HIS G 24 16.74 -8.89 40.41
N ASP G 25 17.37 -7.82 40.89
CA ASP G 25 17.89 -7.74 42.25
C ASP G 25 16.75 -7.68 43.26
N TRP G 26 15.67 -7.02 42.87
CA TRP G 26 14.49 -6.85 43.73
C TRP G 26 13.71 -8.13 43.87
N LEU G 27 13.59 -8.85 42.76
CA LEU G 27 12.82 -10.05 42.65
C LEU G 27 13.58 -11.22 43.29
N GLY G 28 14.88 -11.33 42.98
CA GLY G 28 15.73 -12.35 43.57
C GLY G 28 15.33 -13.69 42.96
N ASN G 29 15.38 -14.75 43.77
CA ASN G 29 14.94 -16.10 43.33
C ASN G 29 13.47 -16.38 43.73
N SER G 30 12.57 -15.57 43.19
CA SER G 30 11.19 -15.57 43.61
C SER G 30 10.33 -15.33 42.38
N TRP G 31 9.15 -15.94 42.37
CA TRP G 31 8.08 -15.64 41.44
C TRP G 31 7.63 -14.18 41.61
N GLY G 32 7.16 -13.59 40.53
CA GLY G 32 6.77 -12.20 40.57
C GLY G 32 5.56 -11.96 39.69
N VAL G 33 4.72 -11.03 40.15
CA VAL G 33 3.60 -10.55 39.36
C VAL G 33 3.77 -9.05 39.23
N LEU G 34 4.05 -8.63 37.99
CA LEU G 34 4.16 -7.24 37.67
C LEU G 34 2.83 -6.89 37.03
N PHE G 35 2.10 -5.94 37.62
CA PHE G 35 0.83 -5.54 37.07
C PHE G 35 0.75 -4.05 36.90
N SER G 36 0.16 -3.60 35.79
CA SER G 36 0.00 -2.19 35.47
C SER G 36 -1.46 -1.69 35.53
N HIS G 37 -1.62 -0.38 35.74
CA HIS G 37 -2.91 0.34 35.64
C HIS G 37 -2.68 1.68 34.95
N PRO G 38 -3.72 2.27 34.32
CA PRO G 38 -3.44 3.43 33.45
C PRO G 38 -2.92 4.72 34.12
N ARG G 39 -3.53 5.05 35.25
CA ARG G 39 -3.39 6.38 35.84
C ARG G 39 -3.80 6.24 37.31
N ASP G 40 -3.10 6.91 38.23
CA ASP G 40 -3.46 6.93 39.62
C ASP G 40 -4.76 7.71 39.78
N PHE G 41 -5.39 7.56 40.95
CA PHE G 41 -6.61 8.26 41.32
C PHE G 41 -7.73 8.01 40.30
N THR G 42 -7.92 6.75 39.91
CA THR G 42 -8.93 6.37 38.94
C THR G 42 -9.74 5.23 39.60
N PRO G 43 -11.07 5.17 39.36
CA PRO G 43 -11.88 4.25 40.15
C PRO G 43 -11.60 2.76 39.99
N VAL G 44 -11.57 2.21 38.76
CA VAL G 44 -11.36 0.78 38.62
C VAL G 44 -10.01 0.42 39.21
N SER G 45 -9.00 1.23 38.92
CA SER G 45 -7.62 0.99 39.43
C SER G 45 -7.56 0.92 40.95
N THR G 46 -8.42 1.67 41.63
CA THR G 46 -8.49 1.65 43.07
C THR G 46 -9.17 0.37 43.55
N THR G 47 -10.29 -0.01 42.93
CA THR G 47 -10.91 -1.30 43.25
C THR G 47 -9.87 -2.44 43.12
N GLU G 48 -9.00 -2.38 42.11
CA GLU G 48 -8.04 -3.45 41.85
C GLU G 48 -6.82 -3.50 42.81
N LEU G 49 -6.18 -2.36 43.00
CA LEU G 49 -5.03 -2.35 43.88
C LEU G 49 -5.44 -2.52 45.33
N GLY G 50 -6.70 -2.25 45.63
CA GLY G 50 -7.21 -2.42 46.98
C GLY G 50 -7.53 -3.87 47.25
N ARG G 51 -8.08 -4.53 46.23
CA ARG G 51 -8.31 -5.92 46.21
C ARG G 51 -7.03 -6.67 46.39
N VAL G 52 -5.97 -6.23 45.73
CA VAL G 52 -4.71 -6.94 45.80
C VAL G 52 -4.12 -6.84 47.23
N ILE G 53 -4.32 -5.71 47.90
CA ILE G 53 -4.02 -5.60 49.30
C ILE G 53 -4.76 -6.62 50.16
N GLN G 54 -6.04 -6.88 49.84
CA GLN G 54 -6.82 -7.85 50.59
C GLN G 54 -6.24 -9.26 50.41
N LEU G 55 -5.72 -9.53 49.20
CA LEU G 55 -5.13 -10.80 48.77
C LEU G 55 -3.58 -10.96 49.04
N GLU G 56 -3.01 -9.94 49.66
CA GLU G 56 -1.63 -9.96 50.17
C GLU G 56 -1.14 -11.36 50.70
N GLY G 57 -1.80 -11.88 51.72
CA GLY G 57 -1.45 -13.15 52.31
C GLY G 57 -1.49 -14.33 51.37
N ASP G 58 -2.44 -14.32 50.44
CA ASP G 58 -2.64 -15.38 49.44
C ASP G 58 -1.44 -15.48 48.51
N PHE G 59 -0.98 -14.32 48.04
CA PHE G 59 0.19 -14.23 47.19
C PHE G 59 1.47 -14.66 47.94
N LYS G 60 1.54 -14.23 49.18
CA LYS G 60 2.68 -14.52 50.04
C LYS G 60 2.90 -16.00 50.38
N LYS G 61 1.83 -16.76 50.50
CA LYS G 61 1.92 -18.18 50.73
C LYS G 61 2.48 -18.93 49.51
N ARG G 62 2.26 -18.38 48.33
CA ARG G 62 2.78 -18.94 47.09
C ARG G 62 4.17 -18.39 46.72
N GLY G 63 4.70 -17.52 47.59
CA GLY G 63 5.96 -16.87 47.39
C GLY G 63 5.92 -15.99 46.17
N VAL G 64 4.84 -15.23 45.96
CA VAL G 64 4.72 -14.35 44.78
C VAL G 64 4.93 -12.90 45.25
N LYS G 65 5.91 -12.21 44.68
CA LYS G 65 6.16 -10.81 44.97
C LYS G 65 5.35 -9.92 44.00
N LEU G 66 4.61 -8.98 44.57
CA LEU G 66 3.70 -8.07 43.87
C LEU G 66 4.38 -6.77 43.59
N ILE G 67 4.15 -6.22 42.41
CA ILE G 67 4.66 -4.92 42.10
C ILE G 67 3.73 -4.27 41.08
N ALA G 68 3.12 -3.14 41.47
CA ALA G 68 2.17 -2.39 40.66
C ALA G 68 2.97 -1.39 39.84
N LEU G 69 2.41 -0.93 38.71
CA LEU G 69 3.05 0.15 37.94
C LEU G 69 2.04 1.07 37.27
N SER G 70 2.38 2.35 37.23
CA SER G 70 1.82 3.30 36.27
C SER G 70 2.89 4.37 35.92
N CYS G 71 2.56 5.27 34.98
CA CYS G 71 3.48 6.29 34.50
C CYS G 71 3.43 7.59 35.28
N ASP G 72 2.70 7.57 36.39
CA ASP G 72 2.68 8.66 37.38
C ASP G 72 3.91 8.63 38.25
N ASN G 73 4.12 9.76 38.93
CA ASN G 73 5.23 9.91 39.84
C ASN G 73 5.02 9.30 41.26
N VAL G 74 6.14 8.91 41.88
CA VAL G 74 6.18 8.37 43.21
C VAL G 74 5.36 9.20 44.20
N ALA G 75 5.39 10.52 44.10
CA ALA G 75 4.53 11.40 44.93
C ALA G 75 3.03 11.04 44.83
N ASP G 76 2.50 10.92 43.62
CA ASP G 76 1.08 10.66 43.40
C ASP G 76 0.71 9.27 43.87
N HIS G 77 1.58 8.32 43.56
CA HIS G 77 1.47 6.96 44.04
C HIS G 77 1.22 6.94 45.55
N LYS G 78 2.03 7.69 46.31
CA LYS G 78 1.98 7.64 47.77
C LYS G 78 0.70 8.21 48.36
N GLU G 79 0.26 9.34 47.85
CA GLU G 79 -1.01 9.95 48.23
C GLU G 79 -2.21 9.07 47.90
N TRP G 80 -2.29 8.65 46.65
CA TRP G 80 -3.33 7.76 46.18
C TRP G 80 -3.35 6.38 46.88
N SER G 81 -2.20 5.82 47.21
CA SER G 81 -2.17 4.63 48.06
C SER G 81 -3.04 4.72 49.32
N GLU G 82 -3.16 5.90 49.92
CA GLU G 82 -4.05 6.07 51.07
C GLU G 82 -5.51 5.83 50.69
N ASP G 83 -5.90 6.25 49.50
CA ASP G 83 -7.25 5.99 48.98
C ASP G 83 -7.48 4.48 48.75
N VAL G 84 -6.43 3.82 48.25
CA VAL G 84 -6.45 2.39 47.94
C VAL G 84 -6.66 1.55 49.22
N LYS G 85 -5.87 1.90 50.25
CA LYS G 85 -5.99 1.40 51.63
C LYS G 85 -7.33 1.60 52.26
N CYS G 86 -7.91 2.78 52.10
CA CYS G 86 -9.26 3.04 52.57
C CYS G 86 -10.33 2.19 51.86
N LEU G 87 -10.21 2.02 50.55
CA LEU G 87 -11.16 1.11 49.87
C LEU G 87 -11.03 -0.33 50.42
N SER G 88 -9.78 -0.76 50.61
CA SER G 88 -9.46 -2.11 51.03
C SER G 88 -10.01 -2.42 52.43
N GLY G 89 -9.99 -1.43 53.32
CA GLY G 89 -10.39 -1.57 54.70
C GLY G 89 -9.21 -1.84 55.61
N VAL G 90 -8.03 -2.07 55.01
CA VAL G 90 -6.82 -2.54 55.73
C VAL G 90 -5.84 -1.38 56.00
N LYS G 91 -5.82 -0.93 57.25
CA LYS G 91 -4.90 0.10 57.71
C LYS G 91 -3.47 -0.48 57.68
N GLY G 92 -2.48 0.38 57.46
CA GLY G 92 -1.07 -0.05 57.53
C GLY G 92 -0.30 0.10 56.23
N ASP G 93 1.01 -0.08 56.35
CA ASP G 93 1.92 0.11 55.23
C ASP G 93 1.49 -0.67 53.99
N MET G 94 1.66 -0.02 52.83
CA MET G 94 1.36 -0.66 51.60
C MET G 94 2.16 -1.93 51.48
N PRO G 95 1.50 -3.05 51.18
CA PRO G 95 2.25 -4.29 51.10
C PRO G 95 3.05 -4.53 49.82
N TYR G 96 3.07 -3.63 48.85
CA TYR G 96 3.77 -3.92 47.60
C TYR G 96 4.23 -2.58 47.05
N PRO G 97 5.36 -2.56 46.31
CA PRO G 97 5.80 -1.31 45.68
C PRO G 97 4.98 -0.92 44.45
N ILE G 98 5.00 0.37 44.11
CA ILE G 98 4.43 0.87 42.82
C ILE G 98 5.55 1.51 42.00
N ILE G 99 5.87 0.93 40.84
CA ILE G 99 6.90 1.50 39.95
C ILE G 99 6.39 2.76 39.26
N ALA G 100 7.19 3.83 39.36
CA ALA G 100 6.98 5.12 38.64
C ALA G 100 7.68 5.16 37.21
N ASP G 101 6.93 4.73 36.18
CA ASP G 101 7.46 4.63 34.81
C ASP G 101 7.27 5.93 34.04
N GLU G 102 7.90 6.99 34.53
CA GLU G 102 7.65 8.34 33.99
C GLU G 102 8.16 8.58 32.56
N THR G 103 9.23 7.89 32.17
CA THR G 103 9.85 8.02 30.86
C THR G 103 9.05 7.22 29.78
N ARG G 104 8.15 6.35 30.24
CA ARG G 104 7.39 5.45 29.38
C ARG G 104 8.28 4.34 28.80
N GLU G 105 9.55 4.27 29.22
CA GLU G 105 10.45 3.19 28.77
C GLU G 105 9.82 1.82 28.84
N LEU G 106 9.11 1.50 29.95
CA LEU G 106 8.56 0.15 30.17
C LEU G 106 7.20 -0.04 29.50
N ALA G 107 6.36 1.00 29.53
CA ALA G 107 5.11 0.99 28.77
C ALA G 107 5.36 0.56 27.33
N VAL G 108 6.37 1.15 26.69
CA VAL G 108 6.79 0.84 25.33
C VAL G 108 7.49 -0.56 25.27
N LYS G 109 8.52 -0.80 26.07
CA LYS G 109 9.23 -2.08 25.95
C LYS G 109 8.36 -3.32 26.26
N LEU G 110 7.50 -3.22 27.28
CA LEU G 110 6.64 -4.33 27.65
C LEU G 110 5.31 -4.43 26.84
N GLY G 111 5.08 -3.48 25.92
CA GLY G 111 3.98 -3.55 24.97
C GLY G 111 2.62 -3.35 25.59
N MET G 112 2.58 -2.51 26.62
CA MET G 112 1.42 -2.33 27.45
C MET G 112 0.87 -0.89 27.40
N VAL G 113 1.03 -0.22 26.27
CA VAL G 113 0.43 1.09 26.06
C VAL G 113 -1.07 0.91 25.81
N ASP G 114 -1.87 1.75 26.47
CA ASP G 114 -3.32 1.78 26.27
C ASP G 114 -3.67 2.51 24.99
N PRO G 115 -4.60 1.94 24.21
CA PRO G 115 -4.94 2.52 22.94
C PRO G 115 -5.63 3.90 23.05
N ASP G 116 -6.40 4.12 24.13
CA ASP G 116 -7.26 5.30 24.24
C ASP G 116 -6.71 6.32 25.23
N GLU G 117 -6.34 5.87 26.43
CA GLU G 117 -5.92 6.75 27.52
C GLU G 117 -4.54 7.27 27.27
N ARG G 118 -4.39 8.59 27.21
CA ARG G 118 -3.06 9.21 27.10
C ARG G 118 -2.97 10.52 27.94
N THR G 119 -1.82 11.21 27.96
CA THR G 119 -1.77 12.52 28.67
C THR G 119 -2.16 13.70 27.75
N SER G 120 -2.29 14.86 28.39
CA SER G 120 -2.64 16.08 27.71
C SER G 120 -1.51 16.63 26.83
N THR G 121 -0.29 16.06 26.86
CA THR G 121 0.79 16.38 25.88
C THR G 121 1.11 15.20 24.96
N GLY G 122 0.20 14.23 24.96
CA GLY G 122 0.22 13.14 24.04
C GLY G 122 1.06 12.00 24.55
N MET G 123 1.37 12.03 25.85
CA MET G 123 2.19 10.99 26.47
C MET G 123 1.33 9.78 26.67
N PRO G 124 1.83 8.63 26.21
CA PRO G 124 1.20 7.34 26.45
C PRO G 124 0.95 7.06 27.93
N LEU G 125 -0.12 6.31 28.22
CA LEU G 125 -0.39 5.70 29.50
C LEU G 125 -0.56 4.22 29.32
N THR G 126 -0.33 3.43 30.38
CA THR G 126 -0.43 1.96 30.27
C THR G 126 -1.89 1.50 30.41
N CYS G 127 -2.12 0.25 30.01
CA CYS G 127 -3.38 -0.45 30.19
C CYS G 127 -3.26 -1.23 31.46
N ARG G 128 -4.05 -2.30 31.61
CA ARG G 128 -4.02 -3.22 32.72
C ARG G 128 -3.37 -4.57 32.29
N ALA G 129 -2.03 -4.57 32.23
CA ALA G 129 -1.21 -5.77 31.97
C ALA G 129 -0.86 -6.52 33.26
N VAL G 130 -0.64 -7.82 33.09
CA VAL G 130 -0.08 -8.67 34.14
C VAL G 130 1.01 -9.54 33.50
N PHE G 131 2.19 -9.55 34.14
CA PHE G 131 3.30 -10.37 33.75
C PHE G 131 3.63 -11.29 34.91
N ILE G 132 3.51 -12.59 34.74
CA ILE G 132 3.90 -13.56 35.76
C ILE G 132 5.28 -14.05 35.40
N ILE G 133 6.27 -13.74 36.23
CA ILE G 133 7.68 -13.98 35.97
C ILE G 133 8.07 -15.07 36.97
N GLY G 134 8.71 -16.15 36.49
CA GLY G 134 9.27 -17.19 37.34
C GLY G 134 10.62 -16.85 37.97
N PRO G 135 11.07 -17.67 38.94
CA PRO G 135 12.38 -17.45 39.56
C PRO G 135 13.61 -17.44 38.63
N ASP G 136 13.45 -18.04 37.45
CA ASP G 136 14.44 -17.98 36.38
C ASP G 136 14.41 -16.63 35.63
N LYS G 137 13.49 -15.74 36.00
CA LYS G 137 13.33 -14.40 35.40
C LYS G 137 12.59 -14.40 34.04
N LYS G 138 12.07 -15.56 33.63
CA LYS G 138 11.38 -15.67 32.36
C LYS G 138 9.88 -15.38 32.51
N LEU G 139 9.30 -14.77 31.47
CA LEU G 139 7.84 -14.56 31.40
C LEU G 139 7.10 -15.89 31.24
N LYS G 140 6.19 -16.20 32.18
CA LYS G 140 5.47 -17.47 32.17
C LYS G 140 4.01 -17.38 31.63
N LEU G 141 3.34 -16.25 31.84
CA LEU G 141 1.97 -15.98 31.36
C LEU G 141 1.80 -14.46 31.32
N SER G 142 1.05 -13.96 30.34
CA SER G 142 0.73 -12.53 30.35
C SER G 142 -0.74 -12.34 30.01
N ILE G 143 -1.30 -11.25 30.50
CA ILE G 143 -2.59 -10.77 30.07
C ILE G 143 -2.53 -9.27 29.77
N LEU G 144 -3.34 -8.86 28.81
CA LEU G 144 -3.45 -7.47 28.39
C LEU G 144 -4.94 -7.04 28.42
N TYR G 145 -5.33 -6.30 29.48
CA TYR G 145 -6.69 -5.77 29.61
C TYR G 145 -6.65 -4.26 29.38
N PRO G 146 -7.71 -3.72 28.78
CA PRO G 146 -7.78 -2.28 28.53
C PRO G 146 -8.22 -1.45 29.74
N ALA G 147 -8.00 -0.14 29.69
CA ALA G 147 -8.40 0.72 30.84
C ALA G 147 -9.79 0.42 31.42
N THR G 148 -10.76 0.02 30.59
CA THR G 148 -12.16 -0.03 31.03
C THR G 148 -12.64 -1.44 31.47
N THR G 149 -11.69 -2.35 31.63
CA THR G 149 -12.03 -3.71 32.04
C THR G 149 -11.12 -4.14 33.14
N GLY G 150 -11.64 -4.16 34.35
CA GLY G 150 -10.91 -4.61 35.50
C GLY G 150 -10.57 -6.05 35.44
N ARG G 151 -9.45 -6.38 36.06
CA ARG G 151 -8.92 -7.73 36.04
C ARG G 151 -9.64 -8.63 37.04
N ASN G 152 -9.44 -9.94 36.90
CA ASN G 152 -9.98 -10.95 37.83
C ASN G 152 -8.78 -11.51 38.60
N PHE G 153 -8.68 -11.14 39.86
CA PHE G 153 -7.53 -11.52 40.62
C PHE G 153 -7.60 -12.95 41.16
N SER G 154 -8.79 -13.54 41.18
CA SER G 154 -8.93 -14.96 41.46
C SER G 154 -8.37 -15.78 40.32
N GLU G 155 -8.63 -15.30 39.12
CA GLU G 155 -8.08 -15.91 37.92
C GLU G 155 -6.55 -15.94 37.96
N ILE G 156 -5.93 -14.86 38.39
CA ILE G 156 -4.47 -14.79 38.51
C ILE G 156 -3.92 -15.79 39.50
N LEU G 157 -4.47 -15.89 40.70
CA LEU G 157 -4.03 -16.94 41.63
C LEU G 157 -4.32 -18.34 41.10
N ARG G 158 -5.38 -18.49 40.32
CA ARG G 158 -5.73 -19.78 39.80
C ARG G 158 -4.61 -20.23 38.85
N VAL G 159 -4.14 -19.31 37.99
CA VAL G 159 -3.05 -19.63 37.05
C VAL G 159 -1.66 -19.72 37.69
N ILE G 160 -1.41 -18.89 38.70
CA ILE G 160 -0.22 -19.05 39.56
C ILE G 160 -0.20 -20.46 40.18
N ASP G 161 -1.32 -20.93 40.72
CA ASP G 161 -1.38 -22.32 41.20
C ASP G 161 -1.11 -23.38 40.09
N SER G 162 -1.71 -23.22 38.93
CA SER G 162 -1.38 -24.05 37.78
C SER G 162 0.07 -23.93 37.37
N LEU G 163 0.61 -22.72 37.32
CA LEU G 163 2.01 -22.54 36.88
C LEU G 163 2.98 -23.27 37.81
N GLN G 164 2.71 -23.20 39.13
CA GLN G 164 3.51 -23.87 40.18
C GLN G 164 3.41 -25.40 40.26
N LEU G 165 2.21 -25.92 40.13
CA LEU G 165 2.00 -27.39 40.02
C LEU G 165 2.65 -28.01 38.77
N THR G 166 2.44 -27.38 37.62
CA THR G 166 2.84 -27.93 36.32
C THR G 166 4.34 -27.86 36.09
N ALA G 167 5.05 -27.08 36.89
CA ALA G 167 6.51 -26.99 36.81
C ALA G 167 7.16 -28.19 37.48
N GLN G 168 6.46 -28.76 38.49
CA GLN G 168 6.98 -29.83 39.37
C GLN G 168 6.51 -31.22 38.99
N LYS G 169 5.35 -31.30 38.32
CA LYS G 169 4.72 -32.59 38.01
C LYS G 169 4.29 -32.73 36.54
N LYS G 170 4.47 -33.91 35.95
CA LYS G 170 4.14 -34.15 34.53
C LYS G 170 2.62 -34.09 34.21
N VAL G 171 1.97 -33.01 34.66
CA VAL G 171 0.54 -32.71 34.37
C VAL G 171 0.33 -31.30 33.78
N ALA G 172 -0.87 -31.12 33.23
CA ALA G 172 -1.36 -29.83 32.75
C ALA G 172 -2.78 -29.69 33.26
N THR G 173 -3.20 -28.46 33.53
CA THR G 173 -4.49 -28.24 34.16
C THR G 173 -5.48 -27.96 33.05
N PRO G 174 -6.63 -28.68 33.03
CA PRO G 174 -7.59 -28.53 31.94
C PRO G 174 -8.37 -27.20 31.98
N ALA G 175 -9.28 -27.00 31.02
CA ALA G 175 -10.17 -25.87 31.01
C ALA G 175 -10.91 -25.72 32.36
N ASP G 176 -10.90 -24.51 32.92
CA ASP G 176 -11.75 -24.20 34.09
C ASP G 176 -11.34 -24.89 35.41
N TRP G 177 -10.19 -25.54 35.37
CA TRP G 177 -9.55 -26.19 36.52
C TRP G 177 -9.45 -25.28 37.73
N GLN G 178 -10.05 -25.69 38.84
CA GLN G 178 -9.74 -25.14 40.13
C GLN G 178 -8.81 -26.08 40.91
N PRO G 179 -7.95 -25.52 41.78
CA PRO G 179 -7.11 -26.36 42.67
C PRO G 179 -7.88 -27.48 43.39
N GLY G 180 -7.31 -28.66 43.50
CA GLY G 180 -8.07 -29.85 43.95
C GLY G 180 -8.88 -30.58 42.87
N ASP G 181 -9.20 -29.91 41.74
CA ASP G 181 -9.91 -30.56 40.65
C ASP G 181 -8.97 -31.56 39.96
N ARG G 182 -9.56 -32.43 39.16
CA ARG G 182 -8.80 -33.42 38.42
C ARG G 182 -7.93 -32.68 37.38
N CYS G 183 -6.71 -33.21 37.18
CA CYS G 183 -5.74 -32.72 36.21
C CYS G 183 -5.61 -33.69 35.06
N MET G 184 -4.90 -33.27 34.00
CA MET G 184 -4.60 -34.09 32.81
C MET G 184 -3.13 -34.51 32.80
N VAL G 185 -2.85 -35.73 32.33
CA VAL G 185 -1.48 -36.27 32.21
C VAL G 185 -0.87 -35.82 30.88
N VAL G 186 0.39 -35.36 30.90
CA VAL G 186 0.96 -34.72 29.71
C VAL G 186 1.28 -35.77 28.65
N PRO G 187 1.15 -35.42 27.36
CA PRO G 187 1.31 -36.35 26.23
C PRO G 187 2.64 -37.13 26.18
N GLY G 188 3.72 -36.48 26.60
CA GLY G 188 5.07 -37.02 26.47
C GLY G 188 5.57 -37.86 27.63
N VAL G 189 4.66 -38.41 28.43
CA VAL G 189 5.03 -39.41 29.45
C VAL G 189 4.31 -40.70 29.08
N SER G 190 5.09 -41.69 28.62
CA SER G 190 4.57 -42.94 28.07
C SER G 190 3.52 -43.60 28.96
N ALA G 191 2.63 -44.39 28.34
CA ALA G 191 1.45 -44.92 29.04
C ALA G 191 1.79 -46.08 29.99
N GLU G 192 3.02 -46.59 29.88
CA GLU G 192 3.54 -47.55 30.84
C GLU G 192 3.78 -46.86 32.19
N GLU G 193 4.52 -45.74 32.17
CA GLU G 193 4.79 -44.94 33.37
C GLU G 193 3.51 -44.49 34.10
N ALA G 194 2.45 -44.25 33.32
CA ALA G 194 1.09 -44.03 33.82
C ALA G 194 0.71 -44.88 35.04
N LYS G 195 0.93 -46.19 34.94
CA LYS G 195 0.62 -47.10 36.04
C LYS G 195 1.41 -46.73 37.31
N THR G 196 2.74 -46.57 37.16
CA THR G 196 3.63 -46.13 38.26
C THR G 196 3.18 -44.80 38.93
N LEU G 197 3.12 -43.73 38.13
CA LEU G 197 3.01 -42.36 38.65
C LEU G 197 1.57 -41.85 38.85
N PHE G 198 0.59 -42.43 38.15
CA PHE G 198 -0.82 -42.02 38.29
C PHE G 198 -1.79 -43.20 38.42
N PRO G 199 -1.82 -43.87 39.61
CA PRO G 199 -2.65 -45.06 39.87
C PRO G 199 -4.18 -44.86 39.77
N ASN G 200 -4.65 -43.61 39.76
CA ASN G 200 -6.07 -43.31 39.56
C ASN G 200 -6.36 -42.70 38.18
N MET G 201 -5.48 -42.95 37.22
CA MET G 201 -5.64 -42.39 35.90
C MET G 201 -6.79 -43.06 35.13
N GLU G 202 -7.64 -42.23 34.52
CA GLU G 202 -8.69 -42.66 33.60
C GLU G 202 -8.33 -42.22 32.16
N VAL G 203 -8.01 -43.18 31.29
CA VAL G 203 -7.84 -42.92 29.85
C VAL G 203 -9.23 -42.88 29.21
N LYS G 204 -9.77 -41.68 28.93
CA LYS G 204 -11.13 -41.56 28.39
C LYS G 204 -11.13 -41.84 26.87
N ALA G 205 -11.73 -42.97 26.49
CA ALA G 205 -11.67 -43.48 25.11
C ALA G 205 -12.33 -42.53 24.13
N VAL G 206 -11.61 -42.19 23.07
CA VAL G 206 -12.11 -41.21 22.11
C VAL G 206 -12.17 -41.79 20.69
N PRO G 207 -13.08 -41.26 19.83
CA PRO G 207 -13.39 -41.77 18.50
C PRO G 207 -12.21 -42.00 17.56
N SER G 208 -11.03 -41.50 17.94
CA SER G 208 -9.78 -41.64 17.16
C SER G 208 -8.94 -42.85 17.57
N GLY G 209 -9.26 -43.44 18.71
CA GLY G 209 -8.50 -44.56 19.24
C GLY G 209 -7.21 -44.19 19.92
N LYS G 210 -6.80 -42.92 19.80
CA LYS G 210 -5.58 -42.45 20.48
C LYS G 210 -5.84 -42.53 21.99
N GLY G 211 -4.75 -42.59 22.77
CA GLY G 211 -4.87 -42.71 24.24
C GLY G 211 -4.24 -41.53 24.97
N TYR G 212 -4.61 -40.32 24.55
CA TYR G 212 -4.01 -39.08 25.08
C TYR G 212 -4.86 -38.38 26.16
N LEU G 213 -6.17 -38.66 26.18
CA LEU G 213 -7.18 -38.04 27.08
C LEU G 213 -7.20 -38.75 28.42
N ARG G 214 -6.04 -38.77 29.04
CA ARG G 214 -5.79 -39.28 30.35
C ARG G 214 -6.10 -38.23 31.46
N TYR G 215 -7.25 -38.36 32.12
CA TYR G 215 -7.57 -37.56 33.32
C TYR G 215 -6.89 -38.15 34.55
N THR G 216 -6.70 -37.32 35.59
CA THR G 216 -6.01 -37.76 36.86
C THR G 216 -6.36 -36.86 38.06
N PRO G 217 -6.61 -37.46 39.25
CA PRO G 217 -6.65 -36.64 40.46
C PRO G 217 -5.35 -35.87 40.69
N GLN G 218 -5.49 -34.66 41.23
CA GLN G 218 -4.37 -33.75 41.36
C GLN G 218 -3.24 -34.31 42.20
N PRO G 219 -2.01 -34.28 41.64
CA PRO G 219 -0.82 -34.65 42.41
C PRO G 219 -0.69 -33.91 43.75
N LYS G 220 -0.44 -34.69 44.79
CA LYS G 220 -0.05 -34.21 46.12
C LYS G 220 1.37 -33.60 46.04
N SER G 221 1.43 -32.38 45.50
CA SER G 221 2.69 -31.63 45.33
C SER G 221 2.91 -30.59 46.47
N GLY H 2 3.68 -9.81 18.57
CA GLY H 2 3.47 -8.60 19.42
C GLY H 2 2.36 -7.75 18.83
N ILE H 3 1.13 -8.12 19.09
CA ILE H 3 0.06 -7.21 18.74
C ILE H 3 -0.51 -6.51 19.97
N THR H 4 -0.61 -5.20 19.89
CA THR H 4 -0.92 -4.40 21.07
C THR H 4 -2.40 -3.93 21.10
N LEU H 5 -2.93 -3.56 22.25
CA LEU H 5 -4.32 -3.11 22.29
C LEU H 5 -4.58 -1.84 21.45
N GLY H 6 -5.73 -1.90 20.75
CA GLY H 6 -6.13 -0.92 19.76
C GLY H 6 -5.54 -1.12 18.39
N GLU H 7 -4.72 -2.15 18.22
CA GLU H 7 -4.08 -2.37 16.95
C GLU H 7 -5.13 -2.94 16.00
N VAL H 8 -5.09 -2.49 14.74
CA VAL H 8 -5.92 -3.01 13.69
C VAL H 8 -5.32 -4.38 13.47
N PHE H 9 -6.09 -5.43 13.76
CA PHE H 9 -5.59 -6.79 13.72
C PHE H 9 -5.19 -7.18 12.30
N PRO H 10 -4.12 -7.97 12.13
CA PRO H 10 -3.75 -8.36 10.76
C PRO H 10 -4.86 -9.03 9.94
N ASN H 11 -4.90 -8.70 8.67
CA ASN H 11 -5.89 -9.31 7.78
C ASN H 11 -5.21 -10.43 7.06
N PHE H 12 -5.02 -11.52 7.77
CA PHE H 12 -4.23 -12.62 7.28
C PHE H 12 -5.11 -13.50 6.40
N GLU H 13 -4.51 -14.16 5.40
CA GLU H 13 -5.11 -15.27 4.66
C GLU H 13 -4.69 -16.57 5.32
N ALA H 14 -5.62 -17.50 5.56
CA ALA H 14 -5.18 -18.79 6.10
C ALA H 14 -5.93 -19.99 5.58
N ASP H 15 -5.33 -21.15 5.81
CA ASP H 15 -6.00 -22.42 5.54
C ASP H 15 -6.74 -22.89 6.81
N SER H 16 -7.89 -23.52 6.65
CA SER H 16 -8.73 -23.90 7.78
C SER H 16 -9.65 -25.05 7.43
N THR H 17 -10.31 -25.58 8.45
CA THR H 17 -11.37 -26.62 8.30
C THR H 17 -12.54 -26.23 7.37
N ILE H 18 -12.70 -24.93 7.10
CA ILE H 18 -13.69 -24.44 6.14
C ILE H 18 -13.04 -24.03 4.81
N GLY H 19 -11.74 -24.27 4.68
CA GLY H 19 -10.98 -23.82 3.50
C GLY H 19 -10.37 -22.46 3.75
N LYS H 20 -9.79 -21.89 2.70
CA LYS H 20 -9.04 -20.67 2.81
C LYS H 20 -10.02 -19.57 3.12
N LEU H 21 -9.58 -18.67 4.00
CA LEU H 21 -10.36 -17.54 4.48
C LEU H 21 -9.40 -16.37 4.70
N LYS H 22 -9.92 -15.16 4.45
CA LYS H 22 -9.23 -13.89 4.73
C LYS H 22 -9.91 -13.35 5.99
N PHE H 23 -9.14 -12.97 7.00
CA PHE H 23 -9.68 -12.75 8.35
C PHE H 23 -10.75 -11.65 8.52
N HIS H 24 -10.53 -10.46 7.97
CA HIS H 24 -11.52 -9.37 8.02
C HIS H 24 -12.77 -9.65 7.17
N ASP H 25 -12.60 -10.44 6.11
CA ASP H 25 -13.73 -10.89 5.29
C ASP H 25 -14.64 -11.88 6.05
N TRP H 26 -13.99 -12.77 6.80
CA TRP H 26 -14.66 -13.77 7.61
C TRP H 26 -15.30 -13.21 8.89
N LEU H 27 -14.62 -12.30 9.54
CA LEU H 27 -15.10 -11.69 10.77
C LEU H 27 -16.36 -10.88 10.42
N GLY H 28 -16.32 -10.14 9.32
CA GLY H 28 -17.42 -9.24 8.91
C GLY H 28 -17.55 -8.13 9.93
N ASN H 29 -18.75 -7.58 10.08
CA ASN H 29 -19.01 -6.56 11.11
C ASN H 29 -19.45 -7.17 12.46
N SER H 30 -18.57 -7.96 13.05
CA SER H 30 -18.89 -8.73 14.25
C SER H 30 -17.68 -8.76 15.23
N TRP H 31 -17.96 -8.84 16.53
CA TRP H 31 -16.98 -9.32 17.51
C TRP H 31 -16.51 -10.76 17.23
N GLY H 32 -15.26 -11.04 17.60
CA GLY H 32 -14.59 -12.30 17.26
C GLY H 32 -13.56 -12.59 18.32
N VAL H 33 -13.36 -13.89 18.55
CA VAL H 33 -12.38 -14.43 19.51
C VAL H 33 -11.57 -15.47 18.77
N LEU H 34 -10.30 -15.15 18.49
CA LEU H 34 -9.35 -16.06 17.89
C LEU H 34 -8.55 -16.69 19.03
N PHE H 35 -8.51 -18.03 19.13
CA PHE H 35 -7.80 -18.67 20.22
C PHE H 35 -6.94 -19.81 19.72
N SER H 36 -5.77 -20.01 20.33
CA SER H 36 -4.87 -21.08 19.85
C SER H 36 -4.67 -22.21 20.86
N HIS H 37 -4.11 -23.31 20.40
CA HIS H 37 -3.66 -24.36 21.29
C HIS H 37 -2.41 -24.98 20.65
N PRO H 38 -1.51 -25.55 21.44
CA PRO H 38 -0.22 -26.00 20.92
C PRO H 38 -0.28 -27.00 19.76
N ARG H 39 -1.03 -28.08 19.97
CA ARG H 39 -1.01 -29.30 19.14
C ARG H 39 -2.39 -29.94 19.22
N ASP H 40 -2.87 -30.55 18.15
CA ASP H 40 -4.08 -31.39 18.21
C ASP H 40 -3.75 -32.70 18.86
N PHE H 41 -4.81 -33.44 19.18
CA PHE H 41 -4.72 -34.73 19.89
C PHE H 41 -3.91 -34.62 21.18
N THR H 42 -4.10 -33.52 21.92
CA THR H 42 -3.57 -33.35 23.26
C THR H 42 -4.77 -33.19 24.22
N PRO H 43 -4.60 -33.58 25.49
CA PRO H 43 -5.73 -33.61 26.41
C PRO H 43 -6.28 -32.25 26.89
N VAL H 44 -5.45 -31.38 27.46
CA VAL H 44 -5.97 -30.08 27.90
C VAL H 44 -6.63 -29.37 26.71
N SER H 45 -6.07 -29.57 25.49
CA SER H 45 -6.59 -28.87 24.31
C SER H 45 -7.97 -29.38 23.97
N THR H 46 -8.18 -30.70 24.10
CA THR H 46 -9.51 -31.27 23.87
C THR H 46 -10.48 -30.70 24.91
N THR H 47 -10.15 -30.70 26.21
CA THR H 47 -11.06 -30.12 27.22
C THR H 47 -11.48 -28.65 26.92
N GLU H 48 -10.61 -27.90 26.27
CA GLU H 48 -10.88 -26.50 26.03
C GLU H 48 -11.80 -26.26 24.82
N LEU H 49 -11.40 -26.82 23.68
CA LEU H 49 -12.24 -26.72 22.48
C LEU H 49 -13.55 -27.49 22.65
N GLY H 50 -13.54 -28.53 23.48
CA GLY H 50 -14.77 -29.16 23.95
C GLY H 50 -15.68 -28.28 24.78
N ARG H 51 -15.08 -27.48 25.65
CA ARG H 51 -15.83 -26.52 26.47
C ARG H 51 -16.41 -25.31 25.70
N VAL H 52 -15.67 -24.80 24.70
CA VAL H 52 -16.18 -23.76 23.79
C VAL H 52 -17.35 -24.29 22.94
N ILE H 53 -17.30 -25.57 22.55
CA ILE H 53 -18.45 -26.20 21.90
C ILE H 53 -19.69 -26.03 22.79
N GLN H 54 -19.55 -26.34 24.09
CA GLN H 54 -20.67 -26.30 25.02
C GLN H 54 -21.15 -24.87 25.19
N LEU H 55 -20.20 -23.94 25.09
CA LEU H 55 -20.49 -22.54 25.33
C LEU H 55 -20.91 -21.80 24.05
N GLU H 56 -21.19 -22.55 22.97
CA GLU H 56 -21.40 -21.94 21.67
C GLU H 56 -22.66 -21.09 21.63
N GLY H 57 -23.69 -21.48 22.38
CA GLY H 57 -24.84 -20.59 22.62
C GLY H 57 -24.50 -19.24 23.28
N ASP H 58 -23.57 -19.27 24.24
CA ASP H 58 -23.28 -18.11 25.06
C ASP H 58 -22.49 -17.09 24.23
N PHE H 59 -21.59 -17.59 23.41
CA PHE H 59 -20.89 -16.72 22.44
C PHE H 59 -21.83 -16.20 21.31
N LYS H 60 -22.72 -17.05 20.83
CA LYS H 60 -23.62 -16.67 19.74
C LYS H 60 -24.65 -15.63 20.18
N LYS H 61 -25.11 -15.72 21.43
CA LYS H 61 -25.94 -14.66 22.06
C LYS H 61 -25.28 -13.28 22.15
N ARG H 62 -23.95 -13.24 22.25
CA ARG H 62 -23.22 -11.97 22.36
C ARG H 62 -22.75 -11.41 20.99
N GLY H 63 -23.25 -11.99 19.89
CA GLY H 63 -22.77 -11.66 18.55
C GLY H 63 -21.31 -11.91 18.32
N VAL H 64 -20.74 -12.91 19.03
CA VAL H 64 -19.27 -13.18 19.03
C VAL H 64 -18.98 -14.42 18.18
N LYS H 65 -18.17 -14.23 17.14
CA LYS H 65 -17.68 -15.30 16.27
C LYS H 65 -16.40 -15.98 16.79
N LEU H 66 -16.31 -17.29 16.65
CA LEU H 66 -15.20 -18.07 17.23
C LEU H 66 -14.39 -18.77 16.16
N ILE H 67 -13.08 -18.76 16.34
CA ILE H 67 -12.16 -19.50 15.48
C ILE H 67 -10.91 -19.96 16.26
N ALA H 68 -10.60 -21.25 16.11
CA ALA H 68 -9.52 -21.97 16.77
C ALA H 68 -8.30 -21.94 15.84
N LEU H 69 -7.12 -22.31 16.36
CA LEU H 69 -5.88 -22.32 15.57
C LEU H 69 -4.81 -23.21 16.23
N SER H 70 -4.18 -24.09 15.47
CA SER H 70 -2.85 -24.64 15.85
C SER H 70 -1.99 -24.69 14.59
N CYS H 71 -0.76 -25.13 14.74
CA CYS H 71 0.14 -25.25 13.62
C CYS H 71 -0.09 -26.48 12.80
N ASP H 72 -1.10 -27.29 13.17
CA ASP H 72 -1.33 -28.63 12.57
C ASP H 72 -2.04 -28.51 11.25
N ASN H 73 -1.99 -29.59 10.46
CA ASN H 73 -2.58 -29.62 9.11
C ASN H 73 -4.10 -29.78 9.19
N VAL H 74 -4.83 -29.44 8.12
CA VAL H 74 -6.29 -29.43 8.15
C VAL H 74 -6.90 -30.82 8.29
N ALA H 75 -6.23 -31.84 7.73
CA ALA H 75 -6.67 -33.25 7.87
C ALA H 75 -6.78 -33.62 9.34
N ASP H 76 -5.76 -33.22 10.11
CA ASP H 76 -5.68 -33.59 11.52
C ASP H 76 -6.69 -32.79 12.34
N HIS H 77 -6.90 -31.53 11.99
CA HIS H 77 -7.96 -30.78 12.65
C HIS H 77 -9.29 -31.51 12.56
N LYS H 78 -9.63 -31.97 11.35
CA LYS H 78 -10.92 -32.57 11.07
C LYS H 78 -11.13 -33.91 11.83
N GLU H 79 -10.04 -34.68 12.00
CA GLU H 79 -10.13 -35.92 12.77
C GLU H 79 -10.36 -35.63 14.22
N TRP H 80 -9.50 -34.79 14.78
CA TRP H 80 -9.50 -34.52 16.21
C TRP H 80 -10.80 -33.86 16.62
N SER H 81 -11.37 -33.04 15.73
CA SER H 81 -12.69 -32.44 15.93
C SER H 81 -13.79 -33.47 16.36
N GLU H 82 -13.72 -34.70 15.81
CA GLU H 82 -14.58 -35.80 16.25
C GLU H 82 -14.41 -36.12 17.73
N ASP H 83 -13.18 -36.00 18.22
CA ASP H 83 -12.85 -36.22 19.63
C ASP H 83 -13.38 -35.08 20.53
N VAL H 84 -13.25 -33.86 20.04
CA VAL H 84 -13.71 -32.66 20.75
C VAL H 84 -15.23 -32.74 20.92
N LYS H 85 -15.94 -32.95 19.80
CA LYS H 85 -17.41 -33.12 19.76
C LYS H 85 -17.88 -34.18 20.71
N CYS H 86 -17.13 -35.26 20.81
CA CYS H 86 -17.46 -36.35 21.70
C CYS H 86 -17.32 -35.96 23.19
N LEU H 87 -16.11 -35.60 23.57
CA LEU H 87 -15.83 -35.16 24.93
C LEU H 87 -16.70 -33.97 25.35
N SER H 88 -17.19 -33.19 24.38
CA SER H 88 -18.02 -32.03 24.68
C SER H 88 -19.39 -32.44 25.14
N GLY H 89 -19.92 -33.53 24.56
CA GLY H 89 -21.25 -34.01 24.86
C GLY H 89 -22.35 -33.52 23.94
N VAL H 90 -22.00 -32.68 22.96
CA VAL H 90 -22.99 -32.08 22.05
C VAL H 90 -22.92 -32.70 20.65
N LYS H 91 -24.07 -33.10 20.09
CA LYS H 91 -24.13 -33.69 18.74
C LYS H 91 -24.18 -32.66 17.62
N GLY H 92 -23.50 -32.96 16.52
CA GLY H 92 -23.60 -32.12 15.34
C GLY H 92 -22.24 -31.70 14.82
N ASP H 93 -22.24 -30.83 13.83
CA ASP H 93 -20.97 -30.42 13.25
C ASP H 93 -20.40 -29.32 14.09
N MET H 94 -19.08 -29.18 13.99
CA MET H 94 -18.30 -28.18 14.73
C MET H 94 -18.81 -26.77 14.44
N PRO H 95 -19.15 -26.03 15.49
CA PRO H 95 -19.69 -24.67 15.36
C PRO H 95 -18.66 -23.60 15.04
N TYR H 96 -17.38 -23.94 15.06
CA TYR H 96 -16.34 -23.00 14.69
C TYR H 96 -15.24 -23.67 13.89
N PRO H 97 -14.52 -22.88 13.08
CA PRO H 97 -13.40 -23.47 12.37
C PRO H 97 -12.11 -23.52 13.17
N ILE H 98 -11.17 -24.31 12.68
CA ILE H 98 -9.81 -24.41 13.23
C ILE H 98 -8.83 -23.99 12.11
N ILE H 99 -7.93 -23.04 12.38
CA ILE H 99 -6.91 -22.58 11.39
C ILE H 99 -5.67 -23.48 11.39
N ALA H 100 -5.11 -23.72 10.20
CA ALA H 100 -3.89 -24.56 10.01
C ALA H 100 -2.60 -23.74 9.74
N ASP H 101 -1.98 -23.22 10.80
CA ASP H 101 -0.77 -22.36 10.71
C ASP H 101 0.52 -23.18 10.50
N GLU H 102 0.55 -23.98 9.44
CA GLU H 102 1.61 -24.98 9.27
C GLU H 102 2.97 -24.34 8.95
N THR H 103 2.94 -23.14 8.39
CA THR H 103 4.15 -22.36 8.15
C THR H 103 4.64 -21.64 9.43
N ARG H 104 3.80 -21.53 10.45
CA ARG H 104 4.11 -20.72 11.67
C ARG H 104 4.07 -19.21 11.43
N GLU H 105 3.56 -18.77 10.29
CA GLU H 105 3.45 -17.36 10.01
C GLU H 105 2.76 -16.55 11.11
N LEU H 106 1.63 -17.07 11.57
CA LEU H 106 0.83 -16.41 12.55
C LEU H 106 1.33 -16.68 13.99
N ALA H 107 1.90 -17.88 14.21
CA ALA H 107 2.56 -18.17 15.47
C ALA H 107 3.53 -17.00 15.84
N VAL H 108 4.35 -16.59 14.87
CA VAL H 108 5.36 -15.57 15.04
C VAL H 108 4.78 -14.16 14.97
N LYS H 109 4.02 -13.88 13.92
CA LYS H 109 3.39 -12.56 13.69
C LYS H 109 2.59 -12.12 14.89
N LEU H 110 1.80 -13.04 15.45
CA LEU H 110 0.95 -12.75 16.62
C LEU H 110 1.66 -12.94 18.01
N GLY H 111 2.95 -13.22 18.03
CA GLY H 111 3.64 -13.44 19.26
C GLY H 111 3.14 -14.47 20.22
N MET H 112 2.63 -15.57 19.67
CA MET H 112 2.06 -16.66 20.44
C MET H 112 2.83 -17.98 20.40
N VAL H 113 4.16 -17.93 20.25
CA VAL H 113 4.98 -19.18 20.25
C VAL H 113 5.17 -19.67 21.69
N ASP H 114 5.10 -20.97 21.87
CA ASP H 114 5.16 -21.54 23.21
C ASP H 114 6.60 -21.73 23.57
N PRO H 115 6.98 -21.41 24.83
CA PRO H 115 8.41 -21.41 25.22
C PRO H 115 9.05 -22.78 25.43
N ASP H 116 8.24 -23.82 25.65
CA ASP H 116 8.71 -25.15 26.03
C ASP H 116 8.32 -26.22 25.02
N GLU H 117 7.16 -26.03 24.42
CA GLU H 117 6.59 -27.00 23.49
C GLU H 117 6.98 -26.76 22.05
N ARG H 118 7.82 -27.66 21.55
CA ARG H 118 8.29 -27.70 20.16
C ARG H 118 7.91 -29.10 19.55
N THR H 119 8.05 -29.26 18.23
CA THR H 119 7.92 -30.59 17.63
C THR H 119 9.21 -31.37 17.87
N SER H 120 9.18 -32.66 17.55
CA SER H 120 10.29 -33.55 17.79
C SER H 120 11.51 -33.19 16.95
N THR H 121 11.29 -32.53 15.81
CA THR H 121 12.39 -31.96 15.04
C THR H 121 12.80 -30.54 15.49
N GLY H 122 12.09 -29.97 16.45
CA GLY H 122 12.41 -28.64 17.01
C GLY H 122 11.71 -27.48 16.30
N MET H 123 10.46 -27.70 15.89
CA MET H 123 9.68 -26.67 15.19
C MET H 123 8.77 -25.98 16.19
N PRO H 124 8.59 -24.67 16.04
CA PRO H 124 7.75 -23.98 16.97
C PRO H 124 6.30 -24.50 16.94
N LEU H 125 5.60 -24.27 18.05
CA LEU H 125 4.16 -24.49 18.16
C LEU H 125 3.62 -23.30 18.94
N THR H 126 2.33 -23.04 18.83
CA THR H 126 1.70 -21.94 19.55
C THR H 126 1.34 -22.26 21.04
N CYS H 127 1.03 -21.21 21.79
CA CYS H 127 0.64 -21.40 23.20
C CYS H 127 -0.89 -21.47 23.19
N ARG H 128 -1.50 -21.15 24.32
CA ARG H 128 -2.92 -20.86 24.38
C ARG H 128 -3.16 -19.33 24.47
N ALA H 129 -3.15 -18.68 23.32
CA ALA H 129 -3.43 -17.25 23.29
C ALA H 129 -4.91 -17.07 22.98
N VAL H 130 -5.47 -15.96 23.45
CA VAL H 130 -6.78 -15.55 23.06
C VAL H 130 -6.68 -14.10 22.64
N PHE H 131 -7.24 -13.79 21.47
CA PHE H 131 -7.38 -12.43 20.97
C PHE H 131 -8.87 -12.05 20.79
N ILE H 132 -9.30 -11.00 21.50
CA ILE H 132 -10.69 -10.50 21.37
C ILE H 132 -10.67 -9.24 20.48
N ILE H 133 -11.33 -9.35 19.33
CA ILE H 133 -11.30 -8.33 18.30
C ILE H 133 -12.71 -7.85 18.19
N GLY H 134 -12.85 -6.52 18.17
CA GLY H 134 -14.13 -5.86 17.97
C GLY H 134 -14.54 -5.73 16.53
N PRO H 135 -15.78 -5.24 16.29
CA PRO H 135 -16.32 -5.09 14.91
C PRO H 135 -15.55 -4.16 14.00
N ASP H 136 -14.68 -3.34 14.59
CA ASP H 136 -13.84 -2.35 13.91
C ASP H 136 -12.49 -2.95 13.41
N LYS H 137 -12.25 -4.21 13.77
CA LYS H 137 -11.03 -5.00 13.43
C LYS H 137 -9.85 -4.70 14.34
N LYS H 138 -10.09 -4.01 15.47
CA LYS H 138 -9.04 -3.59 16.43
C LYS H 138 -8.98 -4.59 17.63
N LEU H 139 -7.78 -4.95 18.10
CA LEU H 139 -7.60 -5.78 19.32
C LEU H 139 -8.13 -5.09 20.58
N LYS H 140 -8.96 -5.85 21.30
CA LYS H 140 -9.64 -5.36 22.48
C LYS H 140 -9.04 -5.87 23.84
N LEU H 141 -8.61 -7.11 23.83
CA LEU H 141 -8.10 -7.80 25.00
C LEU H 141 -7.32 -8.95 24.44
N SER H 142 -6.17 -9.25 25.04
CA SER H 142 -5.44 -10.51 24.79
C SER H 142 -4.94 -11.16 26.11
N ILE H 143 -4.86 -12.51 26.04
CA ILE H 143 -4.15 -13.33 26.99
C ILE H 143 -3.19 -14.28 26.30
N LEU H 144 -2.10 -14.59 27.00
CA LEU H 144 -1.06 -15.52 26.57
C LEU H 144 -0.77 -16.47 27.71
N TYR H 145 -1.40 -17.64 27.71
CA TYR H 145 -1.19 -18.69 28.72
C TYR H 145 -0.30 -19.78 28.12
N PRO H 146 0.55 -20.43 28.91
CA PRO H 146 1.41 -21.53 28.44
C PRO H 146 0.68 -22.85 28.09
N ALA H 147 1.37 -23.84 27.52
CA ALA H 147 0.69 -25.12 27.20
C ALA H 147 0.27 -25.86 28.46
N THR H 148 0.95 -25.54 29.56
CA THR H 148 0.75 -26.25 30.83
C THR H 148 -0.60 -25.90 31.46
N THR H 149 -1.10 -24.70 31.16
CA THR H 149 -2.14 -24.04 31.93
C THR H 149 -3.36 -23.71 31.09
N GLY H 150 -4.40 -24.53 31.20
CA GLY H 150 -5.64 -24.33 30.48
C GLY H 150 -6.40 -23.06 30.83
N ARG H 151 -7.24 -22.59 29.91
CA ARG H 151 -7.88 -21.30 30.09
C ARG H 151 -9.24 -21.42 30.79
N ASN H 152 -9.71 -20.28 31.27
CA ASN H 152 -10.95 -20.14 31.96
C ASN H 152 -11.89 -19.38 31.05
N PHE H 153 -12.86 -20.09 30.46
CA PHE H 153 -13.74 -19.47 29.44
C PHE H 153 -14.87 -18.69 30.04
N SER H 154 -15.18 -18.92 31.31
CA SER H 154 -15.99 -17.98 32.07
C SER H 154 -15.39 -16.56 32.17
N GLU H 155 -14.06 -16.45 32.27
CA GLU H 155 -13.39 -15.12 32.34
C GLU H 155 -13.42 -14.48 30.98
N ILE H 156 -13.28 -15.29 29.96
CA ILE H 156 -13.46 -14.85 28.57
C ILE H 156 -14.85 -14.31 28.36
N LEU H 157 -15.89 -15.04 28.75
CA LEU H 157 -17.27 -14.54 28.62
C LEU H 157 -17.58 -13.29 29.49
N ARG H 158 -16.95 -13.23 30.66
CA ARG H 158 -17.03 -12.07 31.59
C ARG H 158 -16.42 -10.80 31.01
N VAL H 159 -15.24 -10.91 30.41
CA VAL H 159 -14.59 -9.73 29.86
C VAL H 159 -15.22 -9.29 28.53
N ILE H 160 -15.76 -10.23 27.76
CA ILE H 160 -16.63 -9.93 26.58
C ILE H 160 -17.79 -9.08 27.05
N ASP H 161 -18.52 -9.49 28.07
CA ASP H 161 -19.61 -8.66 28.58
C ASP H 161 -19.17 -7.26 29.01
N SER H 162 -18.00 -7.16 29.64
CA SER H 162 -17.41 -5.87 30.00
C SER H 162 -17.13 -4.98 28.79
N LEU H 163 -16.49 -5.57 27.78
CA LEU H 163 -16.05 -4.85 26.56
C LEU H 163 -17.22 -4.34 25.74
N GLN H 164 -18.28 -5.14 25.67
CA GLN H 164 -19.46 -4.74 24.93
C GLN H 164 -20.23 -3.61 25.63
N LEU H 165 -20.36 -3.71 26.96
CA LEU H 165 -20.97 -2.68 27.79
C LEU H 165 -20.22 -1.37 27.77
N THR H 166 -18.89 -1.41 27.94
CA THR H 166 -18.09 -0.19 27.96
C THR H 166 -17.91 0.45 26.56
N ALA H 167 -18.11 -0.33 25.50
CA ALA H 167 -18.17 0.17 24.13
C ALA H 167 -19.37 1.10 23.95
N GLN H 168 -20.52 0.80 24.57
CA GLN H 168 -21.70 1.67 24.43
C GLN H 168 -22.00 2.68 25.55
N LYS H 169 -21.54 2.42 26.77
CA LYS H 169 -21.84 3.29 27.91
C LYS H 169 -20.56 3.81 28.57
N LYS H 170 -20.67 5.02 29.15
CA LYS H 170 -19.49 5.74 29.68
C LYS H 170 -19.05 5.22 31.05
N VAL H 171 -18.95 3.89 31.14
CA VAL H 171 -18.58 3.19 32.35
C VAL H 171 -17.28 2.35 32.20
N ALA H 172 -16.74 1.90 33.34
CA ALA H 172 -15.66 0.91 33.40
C ALA H 172 -15.99 -0.11 34.48
N THR H 173 -15.65 -1.38 34.21
CA THR H 173 -15.97 -2.46 35.13
C THR H 173 -14.81 -2.61 36.15
N PRO H 174 -15.14 -2.60 37.46
CA PRO H 174 -14.16 -2.73 38.55
C PRO H 174 -13.64 -4.19 38.76
N ALA H 175 -12.66 -4.32 39.63
CA ALA H 175 -12.08 -5.63 39.96
C ALA H 175 -13.20 -6.64 40.14
N ASP H 176 -13.10 -7.79 39.46
CA ASP H 176 -13.90 -8.99 39.80
C ASP H 176 -15.39 -8.84 39.49
N TRP H 177 -15.77 -7.79 38.74
CA TRP H 177 -17.12 -7.54 38.29
C TRP H 177 -17.76 -8.71 37.56
N GLN H 178 -19.00 -9.06 37.92
CA GLN H 178 -19.82 -9.98 37.12
C GLN H 178 -20.99 -9.16 36.59
N PRO H 179 -21.51 -9.51 35.40
CA PRO H 179 -22.63 -8.80 34.83
C PRO H 179 -23.78 -8.65 35.82
N GLY H 180 -24.30 -7.43 35.95
CA GLY H 180 -25.34 -7.15 36.93
C GLY H 180 -24.82 -6.36 38.13
N ASP H 181 -23.54 -6.57 38.49
CA ASP H 181 -22.92 -5.81 39.57
C ASP H 181 -22.73 -4.39 39.13
N ARG H 182 -22.43 -3.52 40.09
CA ARG H 182 -22.25 -2.12 39.79
C ARG H 182 -20.89 -1.81 39.13
N CYS H 183 -20.92 -0.76 38.32
CA CYS H 183 -19.82 -0.32 37.48
C CYS H 183 -19.28 0.98 38.02
N MET H 184 -18.25 1.48 37.34
CA MET H 184 -17.59 2.72 37.67
C MET H 184 -17.82 3.67 36.55
N VAL H 185 -18.06 4.93 36.90
CA VAL H 185 -18.28 5.99 35.90
C VAL H 185 -16.89 6.51 35.57
N VAL H 186 -16.58 6.69 34.28
CA VAL H 186 -15.21 6.97 33.85
C VAL H 186 -14.77 8.38 34.29
N PRO H 187 -13.46 8.58 34.55
CA PRO H 187 -12.98 9.92 34.97
C PRO H 187 -13.13 11.05 33.94
N GLY H 188 -13.73 10.79 32.79
CA GLY H 188 -13.91 11.82 31.75
C GLY H 188 -15.33 12.32 31.64
N VAL H 189 -16.23 11.75 32.43
CA VAL H 189 -17.60 12.24 32.55
C VAL H 189 -17.61 13.36 33.59
N SER H 190 -18.17 14.52 33.24
CA SER H 190 -18.16 15.68 34.13
C SER H 190 -19.19 15.50 35.25
N ALA H 191 -19.01 16.25 36.33
CA ALA H 191 -20.00 16.33 37.39
C ALA H 191 -21.45 16.43 36.85
N GLU H 192 -21.68 17.40 35.96
CA GLU H 192 -23.05 17.74 35.45
C GLU H 192 -23.63 16.80 34.37
N GLU H 193 -22.74 16.15 33.61
CA GLU H 193 -23.16 15.18 32.61
C GLU H 193 -23.76 13.94 33.29
N ALA H 194 -23.09 13.52 34.37
CA ALA H 194 -23.44 12.30 35.12
C ALA H 194 -24.80 12.36 35.83
N LYS H 195 -25.35 13.57 36.01
CA LYS H 195 -26.62 13.78 36.70
C LYS H 195 -27.79 13.10 35.99
N THR H 196 -28.00 13.46 34.72
CA THR H 196 -29.08 12.86 33.91
C THR H 196 -28.64 11.52 33.30
N LEU H 197 -27.35 11.38 33.05
CA LEU H 197 -26.78 10.16 32.48
C LEU H 197 -26.70 9.00 33.48
N PHE H 198 -26.37 9.31 34.74
CA PHE H 198 -26.17 8.29 35.79
C PHE H 198 -26.91 8.69 37.08
N PRO H 199 -28.26 8.63 37.06
CA PRO H 199 -29.09 9.23 38.13
C PRO H 199 -28.94 8.66 39.55
N ASN H 200 -28.50 7.41 39.67
CA ASN H 200 -28.39 6.73 40.95
C ASN H 200 -26.91 6.63 41.30
N MET H 201 -26.17 7.69 40.96
CA MET H 201 -24.74 7.64 41.10
C MET H 201 -24.42 7.77 42.57
N GLU H 202 -23.44 6.98 43.00
CA GLU H 202 -22.88 7.09 44.31
C GLU H 202 -21.45 7.58 44.12
N VAL H 203 -21.16 8.77 44.66
CA VAL H 203 -19.80 9.30 44.85
C VAL H 203 -19.27 8.97 46.28
N LYS H 204 -18.39 7.96 46.38
CA LYS H 204 -17.89 7.53 47.69
C LYS H 204 -16.68 8.35 48.07
N ALA H 205 -16.67 8.86 49.31
CA ALA H 205 -15.61 9.75 49.76
C ALA H 205 -14.31 8.97 49.98
N VAL H 206 -13.17 9.61 49.75
CA VAL H 206 -11.86 8.96 49.90
C VAL H 206 -10.90 9.96 50.58
N PRO H 207 -9.88 9.45 51.28
CA PRO H 207 -8.92 10.33 51.93
C PRO H 207 -8.34 11.48 51.07
N SER H 208 -8.24 11.32 49.76
CA SER H 208 -7.70 12.39 48.88
C SER H 208 -8.63 13.61 48.78
N GLY H 209 -9.93 13.39 49.00
CA GLY H 209 -10.96 14.44 48.87
C GLY H 209 -11.38 14.69 47.43
N LYS H 210 -10.95 13.82 46.52
CA LYS H 210 -11.22 13.95 45.12
C LYS H 210 -12.45 13.07 44.83
N GLY H 211 -13.09 13.29 43.69
CA GLY H 211 -14.42 12.72 43.45
C GLY H 211 -14.44 11.76 42.28
N TYR H 212 -13.42 10.91 42.23
CA TYR H 212 -13.33 9.88 41.19
C TYR H 212 -13.97 8.55 41.54
N LEU H 213 -14.16 8.24 42.82
CA LEU H 213 -14.70 6.91 43.17
C LEU H 213 -16.23 6.86 43.06
N ARG H 214 -16.65 6.87 41.80
CA ARG H 214 -18.05 7.01 41.43
C ARG H 214 -18.56 5.67 40.91
N TYR H 215 -19.61 5.16 41.54
CA TYR H 215 -20.26 3.92 41.14
C TYR H 215 -21.66 4.24 40.52
N THR H 216 -22.22 3.27 39.80
CA THR H 216 -23.54 3.36 39.17
C THR H 216 -24.06 1.95 39.02
N PRO H 217 -25.36 1.73 39.24
CA PRO H 217 -25.92 0.43 38.86
C PRO H 217 -25.70 0.14 37.38
N GLN H 218 -25.55 -1.12 37.00
CA GLN H 218 -25.17 -1.43 35.61
C GLN H 218 -26.18 -0.84 34.62
N PRO H 219 -25.71 0.08 33.73
CA PRO H 219 -26.57 0.72 32.71
C PRO H 219 -27.16 -0.23 31.67
N LYS H 220 -28.43 0.00 31.35
CA LYS H 220 -29.08 -0.59 30.18
C LYS H 220 -28.24 -0.23 28.94
N SER H 221 -27.53 -1.21 28.39
CA SER H 221 -26.59 -1.00 27.27
C SER H 221 -27.23 -1.41 25.94
C BEZ I . 33.18 -5.63 3.85
O1 BEZ I . 32.87 -4.82 2.93
O2 BEZ I . 32.39 -6.06 4.70
C1 BEZ I . 34.57 -6.05 3.92
C2 BEZ I . 35.08 -6.48 5.15
C3 BEZ I . 36.41 -6.86 5.19
C4 BEZ I . 37.21 -6.75 4.05
C5 BEZ I . 36.69 -6.31 2.85
C6 BEZ I . 35.36 -5.96 2.79
C BEZ J . 21.57 -39.41 -2.54
O1 BEZ J . 20.36 -39.20 -2.78
O2 BEZ J . 22.43 -39.10 -3.40
C1 BEZ J . 22.02 -40.06 -1.26
C2 BEZ J . 23.29 -40.69 -1.21
C3 BEZ J . 23.76 -41.28 -0.08
C4 BEZ J . 22.94 -41.28 1.03
C5 BEZ J . 21.68 -40.67 1.03
C6 BEZ J . 21.22 -40.05 -0.13
C BEZ K . 6.82 8.47 -10.29
O1 BEZ K . 8.09 8.50 -10.28
O2 BEZ K . 6.18 7.77 -9.46
C1 BEZ K . 6.12 9.23 -11.37
C2 BEZ K . 4.79 9.01 -11.65
C3 BEZ K . 4.19 9.73 -12.65
C4 BEZ K . 4.92 10.65 -13.40
C5 BEZ K . 6.25 10.87 -13.11
C6 BEZ K . 6.83 10.16 -12.10
C BEZ L . -4.31 28.34 18.24
O1 BEZ L . -3.81 27.98 19.29
O2 BEZ L . -3.58 28.89 17.39
C1 BEZ L . -5.78 28.09 18.03
C2 BEZ L . -6.57 28.92 17.21
C3 BEZ L . -7.92 28.65 17.08
C4 BEZ L . -8.49 27.57 17.77
C5 BEZ L . -7.70 26.75 18.57
C6 BEZ L . -6.37 27.01 18.72
C BEZ M . -28.24 34.35 -30.59
O1 BEZ M . -29.38 34.28 -30.11
O2 BEZ M . -27.21 34.01 -29.94
C1 BEZ M . -28.18 34.90 -31.97
C2 BEZ M . -26.96 35.37 -32.49
C3 BEZ M . -26.94 35.87 -33.80
C4 BEZ M . -28.13 35.88 -34.54
C5 BEZ M . -29.33 35.36 -34.01
C6 BEZ M . -29.36 34.89 -32.72
C BEZ N . -19.63 -0.38 -36.75
O1 BEZ N . -19.74 -0.97 -35.68
O2 BEZ N . -20.65 -0.03 -37.41
C1 BEZ N . -18.24 -0.11 -37.27
C2 BEZ N . -17.99 -0.10 -38.64
C3 BEZ N . -16.69 0.11 -39.05
C4 BEZ N . -15.67 0.32 -38.12
C5 BEZ N . -15.91 0.32 -36.74
C6 BEZ N . -17.21 0.09 -36.32
C BEZ O . -10.25 3.55 35.82
O1 BEZ O . -11.39 3.50 36.27
O2 BEZ O . -9.34 3.14 36.51
C1 BEZ O . -10.00 4.20 34.50
C2 BEZ O . -8.75 4.78 34.21
C3 BEZ O . -8.50 5.45 33.04
C4 BEZ O . -9.56 5.54 32.14
C5 BEZ O . -10.80 4.99 32.41
C6 BEZ O . -11.03 4.30 33.57
C BEZ P . -2.50 -30.51 26.34
O1 BEZ P . -2.85 -31.24 27.29
O2 BEZ P . -3.34 -29.92 25.64
C1 BEZ P . -1.05 -30.40 26.05
C2 BEZ P . -0.65 -29.99 24.78
C3 BEZ P . 0.71 -29.83 24.48
C4 BEZ P . 1.63 -30.15 25.47
C5 BEZ P . 1.22 -30.56 26.74
C6 BEZ P . -0.13 -30.69 27.05
#